data_5UJM
#
_entry.id   5UJM
#
loop_
_entity.id
_entity.type
_entity.pdbx_description
1 polymer 'Origin recognition complex subunit 1'
2 polymer 'Origin recognition complex subunit 2'
3 polymer 'Origin recognition complex subunit 3'
4 polymer 'Origin recognition complex subunit 4'
5 polymer 'Origin recognition complex subunit 5'
6 non-polymer "ADENOSINE-5'-TRIPHOSPHATE"
7 non-polymer 'MAGNESIUM ION'
#
loop_
_entity_poly.entity_id
_entity_poly.type
_entity_poly.pdbx_seq_one_letter_code
_entity_poly.pdbx_strand_id
1 'polypeptide(L)'
;MSAWSHPQFEKGGGSGGGSGGSAWSHPQFEKTGSLQDSEVNQEAKPEVKPEVKPETHINLKVSDGSSEIFFKIKKTTPLR
RLMEAFAKRQGKEMDSLTFLYDGIEIQADQTPEDLDMEDNDIIEAHREQIGAPQIRSRSLAAQEPASVLEEARLRLHVSA
VPESLPCREQEFQDIYNFVESKLLDHTGGCMYISGVPGTGKTATVHEVIRCLQQAAQANDVPPFQYIEVNGMKLTEPHQV
YVQILQKLTGQKATANHAAELLAKQFCTRGSPQETTVLLVDELDILWTHKQDIMYNLFDWPTHKEARLVVLAIANTMDLP
ERIMMNRVSSRLGLTRMCFQPYTYSQLQQILRSRLKHLKAFEDDAIQLVARKVAALSGDARRCLDICRRATEICEFSQQK
PDSPGLVTIAHSMEAVDEMFSSSYITAIKNSSVLEQSFLRAILAEFRRSGLEEATFQQIYSQHVALCRMEGLPYPTMSET
MAVCSHLGSCRLLLVEPSRNDLLLRVRLNVSQDDVLYALKDE
;
A
2 'polypeptide(L)'
;MKRDKTSDLVEEYFEAHSSSKVLTSDRTLQKLKRAKLDQQTLRNLLSKVSPSFSAELKQLNQQYEKLFHKWMLQLHLGFN
IVLYGLGSKRDLLERFRTTMLQDSIHVVINGFFPGISVKSVLNSITEEVLDHMGTFRSILDQLDWIVNKFKEDSSLELFL
LIHNLDSQMLRGEKSQQIIGQLSSLHNIYLIASIDHLNAPLMWDHAKQSLFNWLWYETTTYSPYTEETSYENSLLVKQSG
SLPLSSLTHVLRSLTPNARGIFRLLIKYQLDNQDNPSYIGLSFQDFYQQCREAFLVNSDLTLRAQLTEFRDHKLIRTKKG
TDGVEYLLIPVDNGTLTDFLEKEEEEA
;
B
3 'polypeptide(L)'
;MATSSMSKGCFVFKPNSKKRKISLPIEDYFNKGKNEPEDSKLRFETYQLIWQQMKSENERLQEELNKNLFDNLIEFLQKS
HSGFQKNSRDLGGQIKLREIPTAALVLGVNVTDHDLTFGSLTEALQNNVTPYVVSLQAKDCPDMKHFLQKLISQLMDCCV
DIKSKEEESVHVTQRKTHYSMDSLSSWYMTVTQKTDPKMLSKKRTTSSQWQSPPVVVILKDMESFATKVLQDFIIISSQH
LHEFPLILIFGIATSPIIIHRLLPHAVSSLLCIELFQSLSCKEHLTTVLDKLLLTTQFPFKINEKVLQVLTNIFLYHDFS
VQNFIKGLQLSLLEHFYSQPLSVLCCNLPEAKRRINFLSNNQCENIRRLPSFRRYVEKQASEKQVALLTNERYLKEETQL
LLENLHVYHMNYFLVLRCLHKFTSSLPKYPLGRQIRELYCTCLEKNIWDSEEYASVLQLLRMLAKDELMTILEKCFKVFK
SYCENHLGSTAKRIEEFLAQFQSLDAETKEEEDASGSQPKGLQKTDLYHLQKSLLEMKELRRSKKQTKFEVLRENVVNFI
DCLVREYLLPPETQPLHEVVYFSAAHALREHLNAAPRIALHTALNNPYYYLKNEALKSEEGCIPNIAPDICIAYKLHLEC
SRLINLVDWSEAFATVVTAAEKMDANSATSEEMNEIIHARFIRAVSELELLGFIKPTKQKTDHVARLTWGGC
;
C
4 'polypeptide(L)'
;MSSRKSKSNSLIHTECLSQVQRILRERFCRQSPHSNLFGVQVQYKHLSELLKRTALHGESNSVLIIGPRGSGKTMLINHA
LKELMEIEEVSENVLQVHLNGLLQINDKIALKEITRQLNLENVVGDKVFGSFAENLSFLLEALKKGDRTSSCPVIFILDE
FDLFAHHKNQTLLYNLFDISQSAQTPIAVIGLTCRLDILELLEKRVKSRFSHRQIHLMNSFGFPQYVKIFKEQLSLPAEF
PDKVFAEKWNENVQYLSEDRSVQEVLQKHFNISKNLRSLHMLLMLALNRVTASHPFMTAVDLMEASQLCSMDSKANIVHG
LSVLEICLIIAMKHLNDIYEEEPFNFQMVYNEFQKFVQRKAHSVYNFEKPVVMKAFEHLQQLELIKPMERTSGNSQREYQ
LMKLLLDNTQIMNALQKYPNCPTDVRQWATSSLSWL
;
D
5 'polypeptide(L)'
;MPHLENVVLCRESQVSILQSLFGERHHFSFPSIFIYGHTASGKTYVTQTLLKTLELPHVFVNCVECFTLRLLLEQILNKL
NHLSSSEDGCSTEITCETFNDFVRLFKQVTTAENLKDQTVYIVLDKAEYLRDMEANLLPGFLRLQELADRNVTVLFLSEI
VWEKFRPNTGCFEPFVLYFPDYSIGNLQKILSHDHPPEYSADFYAAYINILLGVFYTVCRDLKELRHLAVLNFPKYCEPV
VKGEASERDTRKLWRNIEPHLKKAMQTVYLREISSSQWEKLQKDDTDPGQLKGLSAHTHVELPYYSKFILIAAYLASYNP
ARTDKRFFLKHHGKIKKTNFLKKHEKTSNHLLGPKPFPLDRLLAILYSIVDSRVAPTANIFSQITSLVTLQLLTLVGHDD
QLDGPKYKCTVSLDFIRAIARTVNFDIIKYLYDFL
;
E
#
loop_
_chem_comp.id
_chem_comp.type
_chem_comp.name
_chem_comp.formula
ATP non-polymer ADENOSINE-5'-TRIPHOSPHATE 'C10 H16 N5 O13 P3'
MG non-polymer 'MAGNESIUM ION' 'Mg 2'
#
# COMPACT_ATOMS: atom_id res chain seq x y z
N GLU A 151 -0.02 33.87 61.75
CA GLU A 151 -1.03 32.82 61.64
C GLU A 151 -2.44 33.39 61.55
N ALA A 152 -2.55 34.70 61.28
CA ALA A 152 -3.85 35.36 61.28
C ALA A 152 -4.58 35.14 59.96
N ARG A 153 -4.14 35.82 58.91
CA ARG A 153 -4.68 35.57 57.57
C ARG A 153 -4.03 34.36 56.91
N LEU A 154 -3.01 33.78 57.55
CA LEU A 154 -2.42 32.54 57.07
C LEU A 154 -3.30 31.34 57.40
N ARG A 155 -4.04 31.39 58.52
CA ARG A 155 -4.98 30.32 58.83
C ARG A 155 -6.10 30.26 57.80
N LEU A 156 -6.34 31.34 57.06
CA LEU A 156 -7.32 31.31 55.99
C LEU A 156 -6.80 30.51 54.79
N HIS A 157 -5.48 30.40 54.63
CA HIS A 157 -4.94 29.45 53.66
C HIS A 157 -5.42 28.04 53.98
N VAL A 158 -5.30 27.62 55.24
CA VAL A 158 -5.55 26.24 55.62
C VAL A 158 -6.99 25.83 55.32
N SER A 159 -7.91 26.78 55.19
CA SER A 159 -9.33 26.46 55.10
C SER A 159 -9.84 26.34 53.67
N ALA A 160 -9.02 26.64 52.66
CA ALA A 160 -9.51 26.67 51.29
C ALA A 160 -9.51 25.31 50.57
N VAL A 161 -8.46 24.52 50.69
CA VAL A 161 -8.23 23.43 49.72
C VAL A 161 -9.34 22.37 49.74
N PRO A 162 -9.54 21.59 50.84
CA PRO A 162 -10.85 20.95 51.03
C PRO A 162 -11.74 21.70 52.01
N GLU A 163 -12.96 21.24 52.27
CA GLU A 163 -13.86 21.92 53.21
C GLU A 163 -15.00 20.99 53.60
N SER A 164 -15.84 21.48 54.52
CA SER A 164 -17.10 20.87 54.96
C SER A 164 -17.82 21.97 55.74
N LEU A 165 -19.14 21.89 55.98
CA LEU A 165 -20.08 20.92 55.44
C LEU A 165 -20.87 21.55 54.29
N PRO A 166 -21.74 20.78 53.63
CA PRO A 166 -22.36 21.28 52.40
C PRO A 166 -23.26 22.48 52.61
N CYS A 167 -23.23 23.36 51.62
CA CYS A 167 -24.21 24.43 51.43
C CYS A 167 -25.27 24.06 50.39
N ARG A 168 -25.27 22.81 49.90
CA ARG A 168 -26.39 22.32 49.11
C ARG A 168 -27.33 21.68 50.11
N GLU A 169 -28.39 22.41 50.47
CA GLU A 169 -29.34 21.92 51.48
C GLU A 169 -30.46 21.09 50.87
N GLN A 170 -31.02 21.56 49.75
CA GLN A 170 -32.22 20.93 49.20
C GLN A 170 -31.87 19.68 48.40
N GLU A 171 -30.78 19.73 47.63
CA GLU A 171 -30.35 18.55 46.90
C GLU A 171 -30.05 17.40 47.84
N PHE A 172 -29.31 17.67 48.92
CA PHE A 172 -28.99 16.63 49.89
C PHE A 172 -30.23 15.87 50.34
N GLN A 173 -31.29 16.59 50.73
CA GLN A 173 -32.49 15.94 51.23
C GLN A 173 -33.09 15.00 50.19
N ASP A 174 -33.09 15.42 48.92
CA ASP A 174 -33.68 14.59 47.87
C ASP A 174 -32.96 13.25 47.76
N ILE A 175 -31.62 13.29 47.71
CA ILE A 175 -30.85 12.05 47.58
C ILE A 175 -31.02 11.18 48.82
N TYR A 176 -31.00 11.80 50.01
CA TYR A 176 -31.20 11.04 51.24
C TYR A 176 -32.52 10.27 51.19
N ASN A 177 -33.60 10.93 50.74
CA ASN A 177 -34.89 10.26 50.70
C ASN A 177 -34.94 9.19 49.61
N PHE A 178 -34.17 9.37 48.54
CA PHE A 178 -34.13 8.35 47.51
C PHE A 178 -33.55 7.05 48.06
N VAL A 179 -32.37 7.13 48.68
CA VAL A 179 -31.75 5.94 49.26
C VAL A 179 -32.60 5.41 50.40
N GLU A 180 -33.12 6.30 51.25
CA GLU A 180 -33.95 5.87 52.37
C GLU A 180 -35.20 5.15 51.87
N SER A 181 -35.81 5.65 50.80
CA SER A 181 -36.97 5.00 50.22
C SER A 181 -36.62 3.59 49.77
N LYS A 182 -35.63 3.48 48.87
CA LYS A 182 -35.21 2.18 48.37
C LYS A 182 -34.70 1.30 49.50
N LEU A 183 -34.05 1.89 50.50
CA LEU A 183 -33.49 1.09 51.59
C LEU A 183 -34.59 0.58 52.51
N LEU A 184 -35.53 1.45 52.88
CA LEU A 184 -36.63 1.04 53.76
C LEU A 184 -37.42 -0.12 53.14
N ASP A 185 -37.62 -0.08 51.83
CA ASP A 185 -38.43 -1.09 51.15
C ASP A 185 -37.70 -2.39 50.90
N HIS A 186 -36.38 -2.44 51.11
CA HIS A 186 -35.58 -3.59 50.72
C HIS A 186 -35.66 -3.83 49.22
N THR A 187 -35.61 -2.75 48.43
CA THR A 187 -35.64 -2.83 46.98
C THR A 187 -34.43 -2.13 46.39
N GLY A 188 -34.30 -2.22 45.06
CA GLY A 188 -33.22 -1.60 44.33
C GLY A 188 -33.67 -0.41 43.51
N GLY A 189 -32.69 0.24 42.89
CA GLY A 189 -32.95 1.39 42.06
C GLY A 189 -31.65 1.99 41.54
N CYS A 190 -31.81 3.01 40.71
CA CYS A 190 -30.69 3.72 40.12
C CYS A 190 -31.05 5.19 40.00
N MET A 191 -30.09 6.06 40.29
CA MET A 191 -30.28 7.50 40.13
C MET A 191 -29.07 8.11 39.44
N TYR A 192 -29.34 8.85 38.36
CA TYR A 192 -28.29 9.53 37.61
C TYR A 192 -28.23 10.99 38.03
N ILE A 193 -27.03 11.48 38.30
CA ILE A 193 -26.83 12.83 38.83
C ILE A 193 -25.98 13.61 37.82
N SER A 194 -26.55 14.69 37.29
CA SER A 194 -25.87 15.54 36.33
C SER A 194 -25.26 16.77 37.02
N GLY A 195 -24.53 17.56 36.25
CA GLY A 195 -24.05 18.83 36.75
C GLY A 195 -22.74 19.24 36.11
N VAL A 196 -22.29 20.43 36.49
CA VAL A 196 -21.00 21.00 36.08
C VAL A 196 -19.96 20.38 37.01
N PRO A 197 -18.67 20.32 36.63
CA PRO A 197 -17.72 19.60 37.50
C PRO A 197 -17.58 20.15 38.91
N GLY A 198 -18.01 21.38 39.17
CA GLY A 198 -17.78 22.02 40.46
C GLY A 198 -18.99 22.16 41.36
N THR A 199 -20.04 21.38 41.13
CA THR A 199 -21.34 21.63 41.76
C THR A 199 -21.54 20.86 43.05
N GLY A 200 -20.55 20.14 43.55
CA GLY A 200 -20.68 19.48 44.83
C GLY A 200 -21.44 18.17 44.77
N LYS A 201 -21.40 17.47 43.63
CA LYS A 201 -22.15 16.23 43.49
C LYS A 201 -21.58 15.12 44.38
N THR A 202 -20.30 14.80 44.21
CA THR A 202 -19.73 13.70 45.00
C THR A 202 -19.66 14.05 46.48
N ALA A 203 -19.37 15.32 46.79
CA ALA A 203 -19.33 15.75 48.18
C ALA A 203 -20.68 15.54 48.85
N THR A 204 -21.75 16.01 48.21
CA THR A 204 -23.10 15.81 48.76
C THR A 204 -23.39 14.33 48.97
N VAL A 205 -23.02 13.49 48.01
CA VAL A 205 -23.27 12.05 48.13
C VAL A 205 -22.54 11.50 49.34
N HIS A 206 -21.24 11.81 49.45
CA HIS A 206 -20.48 11.34 50.60
C HIS A 206 -21.14 11.77 51.90
N GLU A 207 -21.64 13.00 51.96
CA GLU A 207 -22.39 13.44 53.13
C GLU A 207 -23.58 12.54 53.38
N VAL A 208 -24.44 12.37 52.38
CA VAL A 208 -25.63 11.54 52.52
C VAL A 208 -25.26 10.15 53.04
N ILE A 209 -24.10 9.64 52.62
CA ILE A 209 -23.69 8.30 53.05
C ILE A 209 -23.33 8.30 54.52
N ARG A 210 -22.55 9.29 54.96
CA ARG A 210 -22.16 9.34 56.36
C ARG A 210 -23.38 9.48 57.27
N CYS A 211 -24.38 10.25 56.82
CA CYS A 211 -25.61 10.38 57.58
C CYS A 211 -26.38 9.07 57.63
N LEU A 212 -26.48 8.39 56.48
CA LEU A 212 -27.17 7.11 56.43
C LEU A 212 -26.46 6.06 57.28
N GLN A 213 -25.14 6.14 57.40
CA GLN A 213 -24.44 5.22 58.29
C GLN A 213 -24.74 5.53 59.75
N GLN A 214 -24.78 6.81 60.11
CA GLN A 214 -25.21 7.18 61.46
C GLN A 214 -26.62 6.66 61.72
N ALA A 215 -27.55 6.92 60.79
CA ALA A 215 -28.90 6.42 60.95
C ALA A 215 -28.90 4.90 61.07
N ALA A 216 -28.00 4.23 60.34
CA ALA A 216 -27.91 2.78 60.41
C ALA A 216 -27.40 2.28 61.76
N GLN A 217 -26.70 3.14 62.52
CA GLN A 217 -26.24 2.73 63.84
C GLN A 217 -27.35 2.76 64.88
N ALA A 218 -28.28 3.72 64.77
CA ALA A 218 -29.41 3.82 65.67
C ALA A 218 -30.57 2.92 65.25
N ASN A 219 -30.41 2.14 64.18
CA ASN A 219 -31.46 1.30 63.63
C ASN A 219 -32.62 2.10 63.05
N ASP A 220 -32.38 3.37 62.68
CA ASP A 220 -33.41 4.14 61.99
C ASP A 220 -33.64 3.59 60.58
N VAL A 221 -32.58 3.15 59.93
CA VAL A 221 -32.65 2.64 58.56
C VAL A 221 -32.01 1.26 58.52
N PRO A 222 -32.41 0.42 57.56
CA PRO A 222 -31.81 -0.89 57.46
C PRO A 222 -30.32 -0.80 57.23
N PRO A 223 -29.54 -1.80 57.67
CA PRO A 223 -28.10 -1.89 57.40
C PRO A 223 -27.80 -2.35 55.96
N PHE A 224 -26.55 -2.26 55.51
CA PHE A 224 -25.56 -1.26 55.93
C PHE A 224 -24.75 -0.87 54.69
N GLN A 225 -24.18 -1.91 54.08
CA GLN A 225 -22.96 -1.84 53.28
C GLN A 225 -23.05 -0.80 52.17
N TYR A 226 -21.89 -0.24 51.84
CA TYR A 226 -21.74 0.81 50.84
C TYR A 226 -20.45 0.59 50.07
N ILE A 227 -20.48 0.90 48.78
CA ILE A 227 -19.34 0.73 47.88
C ILE A 227 -19.27 1.91 46.93
N GLU A 228 -18.05 2.39 46.68
CA GLU A 228 -17.83 3.49 45.76
C GLU A 228 -16.65 3.15 44.85
N VAL A 229 -16.77 3.57 43.58
CA VAL A 229 -15.71 3.38 42.60
C VAL A 229 -15.76 4.53 41.61
N ASN A 230 -14.58 4.98 41.18
CA ASN A 230 -14.45 6.10 40.26
C ASN A 230 -14.03 5.61 38.88
N GLY A 231 -14.66 6.16 37.85
CA GLY A 231 -14.32 5.76 36.49
C GLY A 231 -12.95 6.23 36.08
N MET A 232 -12.64 7.50 36.35
CA MET A 232 -11.36 8.09 35.98
C MET A 232 -10.20 7.53 36.80
N LYS A 233 -10.46 6.72 37.82
CA LYS A 233 -9.39 6.11 38.59
C LYS A 233 -8.91 4.79 38.00
N LEU A 234 -9.47 4.38 36.86
CA LEU A 234 -9.10 3.12 36.22
C LEU A 234 -8.47 3.39 34.85
N THR A 235 -7.53 2.54 34.48
CA THR A 235 -6.98 2.60 33.13
C THR A 235 -7.93 1.96 32.13
N GLU A 236 -8.43 0.78 32.47
CA GLU A 236 -9.28 -0.01 31.59
C GLU A 236 -10.66 -0.16 32.21
N PRO A 237 -11.73 0.30 31.55
CA PRO A 237 -13.07 0.28 32.20
C PRO A 237 -13.44 -1.02 32.88
N HIS A 238 -13.06 -2.17 32.34
CA HIS A 238 -13.54 -3.44 32.87
C HIS A 238 -13.01 -3.74 34.26
N GLN A 239 -11.99 -3.03 34.74
CA GLN A 239 -11.54 -3.21 36.11
C GLN A 239 -12.65 -2.91 37.11
N VAL A 240 -13.71 -2.21 36.68
CA VAL A 240 -14.84 -1.91 37.55
C VAL A 240 -15.36 -3.18 38.21
N TYR A 241 -15.63 -4.22 37.42
CA TYR A 241 -16.16 -5.46 37.98
C TYR A 241 -15.25 -6.01 39.07
N VAL A 242 -13.95 -5.80 38.95
CA VAL A 242 -13.04 -6.25 40.00
C VAL A 242 -13.27 -5.46 41.27
N GLN A 243 -13.27 -4.13 41.16
CA GLN A 243 -13.54 -3.25 42.29
C GLN A 243 -14.78 -3.72 43.05
N ILE A 244 -15.94 -3.66 42.39
CA ILE A 244 -17.20 -3.99 43.05
C ILE A 244 -17.07 -5.32 43.80
N LEU A 245 -16.61 -6.36 43.10
CA LEU A 245 -16.50 -7.66 43.75
C LEU A 245 -15.51 -7.61 44.90
N GLN A 246 -14.36 -6.96 44.71
CA GLN A 246 -13.35 -6.89 45.76
C GLN A 246 -13.88 -6.19 46.99
N LYS A 247 -14.71 -5.17 46.81
CA LYS A 247 -15.32 -4.50 47.95
C LYS A 247 -16.28 -5.42 48.67
N LEU A 248 -17.04 -6.23 47.92
CA LEU A 248 -17.86 -7.28 48.50
C LEU A 248 -16.95 -8.47 48.84
N THR A 249 -17.56 -9.60 49.22
CA THR A 249 -16.80 -10.82 49.37
C THR A 249 -16.49 -11.40 47.99
N GLY A 250 -15.77 -12.52 47.98
CA GLY A 250 -15.32 -13.12 46.74
C GLY A 250 -13.99 -12.57 46.25
N GLN A 251 -13.64 -11.35 46.66
CA GLN A 251 -12.32 -10.77 46.44
C GLN A 251 -11.91 -10.82 44.97
N LYS A 252 -10.65 -11.20 44.71
CA LYS A 252 -10.04 -10.96 43.41
C LYS A 252 -10.53 -11.98 42.37
N ALA A 253 -10.55 -11.54 41.12
CA ALA A 253 -11.00 -12.35 40.00
C ALA A 253 -10.85 -11.50 38.74
N THR A 254 -10.91 -12.17 37.60
CA THR A 254 -10.87 -11.48 36.32
C THR A 254 -12.18 -10.76 36.05
N ALA A 255 -12.12 -9.77 35.14
CA ALA A 255 -13.32 -9.01 34.79
C ALA A 255 -14.43 -9.92 34.28
N ASN A 256 -14.08 -10.96 33.51
CA ASN A 256 -15.08 -11.89 33.02
C ASN A 256 -15.72 -12.67 34.17
N HIS A 257 -14.88 -13.27 35.03
CA HIS A 257 -15.40 -14.04 36.15
C HIS A 257 -16.13 -13.16 37.16
N ALA A 258 -15.65 -11.94 37.38
CA ALA A 258 -16.30 -11.03 38.31
C ALA A 258 -17.72 -10.70 37.85
N ALA A 259 -17.85 -10.21 36.61
CA ALA A 259 -19.18 -9.86 36.09
C ALA A 259 -20.13 -11.05 36.20
N GLU A 260 -19.64 -12.25 35.93
CA GLU A 260 -20.47 -13.44 36.09
C GLU A 260 -20.90 -13.61 37.54
N LEU A 261 -20.01 -13.32 38.48
CA LEU A 261 -20.34 -13.46 39.90
C LEU A 261 -21.36 -12.41 40.34
N LEU A 262 -21.14 -11.15 39.94
CA LEU A 262 -22.09 -10.09 40.31
C LEU A 262 -23.48 -10.42 39.78
N ALA A 263 -23.55 -10.99 38.57
CA ALA A 263 -24.84 -11.45 38.06
C ALA A 263 -25.47 -12.47 38.99
N LYS A 264 -24.66 -13.38 39.54
CA LYS A 264 -25.20 -14.40 40.44
C LYS A 264 -25.70 -13.77 41.74
N GLN A 265 -24.91 -12.86 42.31
CA GLN A 265 -25.31 -12.21 43.55
C GLN A 265 -26.61 -11.44 43.38
N PHE A 266 -26.74 -10.75 42.25
CA PHE A 266 -27.90 -9.93 41.95
C PHE A 266 -29.01 -10.72 41.25
N CYS A 267 -28.89 -12.03 41.16
CA CYS A 267 -29.95 -12.87 40.64
C CYS A 267 -29.89 -14.27 41.22
N THR A 275 -28.84 -5.60 51.55
CA THR A 275 -28.89 -4.50 50.59
C THR A 275 -27.52 -3.84 50.44
N THR A 276 -27.33 -3.10 49.35
CA THR A 276 -26.05 -2.44 49.10
C THR A 276 -26.26 -1.15 48.32
N VAL A 277 -25.48 -0.12 48.64
CA VAL A 277 -25.49 1.14 47.93
C VAL A 277 -24.18 1.25 47.17
N LEU A 278 -24.26 1.38 45.84
CA LEU A 278 -23.10 1.44 44.97
C LEU A 278 -23.03 2.82 44.33
N LEU A 279 -21.95 3.54 44.61
CA LEU A 279 -21.69 4.84 44.00
C LEU A 279 -20.71 4.65 42.87
N VAL A 280 -21.13 5.01 41.66
CA VAL A 280 -20.26 5.01 40.49
C VAL A 280 -20.07 6.47 40.11
N ASP A 281 -18.88 7.00 40.39
CA ASP A 281 -18.61 8.41 40.17
C ASP A 281 -17.98 8.56 38.79
N GLU A 282 -18.58 9.40 37.95
CA GLU A 282 -18.09 9.64 36.60
C GLU A 282 -18.01 8.33 35.82
N LEU A 283 -19.19 7.79 35.53
CA LEU A 283 -19.26 6.62 34.67
C LEU A 283 -19.19 7.00 33.19
N ASP A 284 -19.06 8.30 32.89
CA ASP A 284 -18.75 8.72 31.54
C ASP A 284 -17.56 7.95 30.99
N ILE A 285 -16.67 7.50 31.87
CA ILE A 285 -15.47 6.76 31.48
C ILE A 285 -15.75 5.30 31.20
N LEU A 286 -16.91 4.79 31.60
CA LEU A 286 -17.31 3.42 31.31
C LEU A 286 -17.98 3.28 29.95
N TRP A 287 -18.05 4.35 29.17
CA TRP A 287 -18.53 4.23 27.81
C TRP A 287 -17.64 3.28 27.01
N THR A 288 -18.27 2.37 26.28
CA THR A 288 -17.56 1.44 25.41
C THR A 288 -18.42 1.22 24.18
N HIS A 289 -17.81 0.71 23.11
CA HIS A 289 -18.53 0.51 21.87
C HIS A 289 -19.85 -0.21 22.10
N LYS A 290 -19.81 -1.33 22.83
CA LYS A 290 -21.01 -2.13 23.08
C LYS A 290 -21.73 -1.78 24.39
N GLN A 291 -21.12 -0.95 25.25
CA GLN A 291 -21.80 -0.41 26.43
C GLN A 291 -22.39 -1.49 27.33
N ASP A 292 -21.78 -2.68 27.34
CA ASP A 292 -22.34 -3.76 28.16
C ASP A 292 -22.31 -3.42 29.64
N ILE A 293 -21.31 -2.67 30.09
CA ILE A 293 -21.15 -2.46 31.53
C ILE A 293 -22.23 -1.53 32.05
N MET A 294 -22.50 -0.44 31.34
CA MET A 294 -23.62 0.41 31.71
C MET A 294 -24.92 -0.39 31.74
N TYR A 295 -25.21 -1.10 30.64
CA TYR A 295 -26.43 -1.91 30.60
C TYR A 295 -26.51 -2.83 31.81
N ASN A 296 -25.37 -3.33 32.28
CA ASN A 296 -25.40 -4.23 33.43
C ASN A 296 -25.62 -3.48 34.74
N LEU A 297 -24.91 -2.38 34.96
CA LEU A 297 -25.08 -1.64 36.20
C LEU A 297 -26.51 -1.13 36.34
N PHE A 298 -27.12 -0.69 35.25
CA PHE A 298 -28.50 -0.22 35.31
C PHE A 298 -29.52 -1.35 35.29
N ASP A 299 -29.16 -2.51 34.74
CA ASP A 299 -30.09 -3.63 34.73
C ASP A 299 -30.12 -4.35 36.07
N TRP A 300 -28.97 -4.45 36.74
CA TRP A 300 -28.88 -5.18 38.00
C TRP A 300 -29.89 -4.70 39.04
N PRO A 301 -29.99 -3.40 39.34
CA PRO A 301 -30.92 -2.99 40.41
C PRO A 301 -32.37 -3.32 40.14
N THR A 302 -32.74 -3.55 38.88
CA THR A 302 -34.13 -3.83 38.52
C THR A 302 -34.48 -5.31 38.62
N HIS A 303 -33.54 -6.16 39.00
CA HIS A 303 -33.83 -7.57 39.19
C HIS A 303 -34.58 -7.78 40.50
N LYS A 304 -35.45 -8.79 40.52
CA LYS A 304 -36.23 -9.10 41.72
C LYS A 304 -35.32 -9.43 42.90
N GLU A 305 -34.44 -10.44 42.72
CA GLU A 305 -33.58 -10.87 43.81
C GLU A 305 -32.50 -9.86 44.13
N ALA A 306 -32.23 -8.91 43.24
CA ALA A 306 -31.20 -7.92 43.48
C ALA A 306 -31.74 -6.82 44.38
N ARG A 307 -31.11 -6.63 45.53
CA ARG A 307 -31.32 -5.43 46.34
C ARG A 307 -30.04 -4.62 46.17
N LEU A 308 -30.12 -3.60 45.33
CA LEU A 308 -28.98 -2.76 45.01
C LEU A 308 -29.48 -1.35 44.69
N VAL A 309 -28.84 -0.34 45.28
CA VAL A 309 -29.13 1.06 44.98
C VAL A 309 -27.89 1.64 44.32
N VAL A 310 -28.08 2.28 43.17
CA VAL A 310 -27.00 2.77 42.34
C VAL A 310 -27.08 4.29 42.28
N LEU A 311 -25.95 4.96 42.50
CA LEU A 311 -25.84 6.41 42.38
C LEU A 311 -24.78 6.68 41.32
N ALA A 312 -25.20 7.21 40.18
CA ALA A 312 -24.33 7.41 39.03
C ALA A 312 -24.13 8.91 38.84
N ILE A 313 -22.86 9.35 38.89
CA ILE A 313 -22.51 10.75 38.74
C ILE A 313 -21.80 10.94 37.40
N ALA A 314 -22.15 12.01 36.71
CA ALA A 314 -21.43 12.43 35.51
C ALA A 314 -21.78 13.89 35.25
N ASN A 315 -21.15 14.47 34.24
CA ASN A 315 -21.27 15.91 34.00
C ASN A 315 -22.33 16.30 32.97
N THR A 316 -22.92 15.36 32.24
CA THR A 316 -23.81 15.69 31.14
C THR A 316 -25.19 15.07 31.38
N MET A 317 -26.24 15.77 30.95
CA MET A 317 -27.60 15.25 31.10
C MET A 317 -27.95 14.22 30.04
N ASP A 318 -27.24 14.21 28.91
CA ASP A 318 -27.59 13.32 27.80
C ASP A 318 -27.07 11.90 27.99
N LEU A 319 -26.18 11.66 28.95
CA LEU A 319 -25.55 10.35 29.07
C LEU A 319 -26.54 9.21 29.18
N PRO A 320 -27.51 9.22 30.11
CA PRO A 320 -28.45 8.10 30.18
C PRO A 320 -29.28 7.89 28.92
N GLU A 321 -29.36 8.90 28.06
CA GLU A 321 -30.13 8.81 26.81
C GLU A 321 -29.35 8.13 25.69
N ARG A 322 -28.11 7.72 25.94
CA ARG A 322 -27.27 7.10 24.92
C ARG A 322 -26.78 5.73 25.38
N THR A 335 -36.01 8.83 38.19
CA THR A 335 -34.75 8.13 38.39
C THR A 335 -33.57 8.98 37.96
N ARG A 336 -33.67 10.29 38.14
CA ARG A 336 -32.65 11.20 37.63
C ARG A 336 -32.63 12.48 38.47
N MET A 337 -31.49 13.17 38.43
CA MET A 337 -31.28 14.39 39.21
C MET A 337 -30.21 15.24 38.54
N CYS A 338 -30.24 16.54 38.82
CA CYS A 338 -29.29 17.49 38.24
C CYS A 338 -28.88 18.56 39.25
N PHE A 339 -27.59 18.89 39.25
CA PHE A 339 -27.01 19.97 40.06
C PHE A 339 -26.72 21.17 39.17
N GLN A 340 -27.36 22.29 39.45
CA GLN A 340 -27.13 23.47 38.64
C GLN A 340 -25.81 24.15 39.02
N PRO A 341 -25.20 24.90 38.11
CA PRO A 341 -24.02 25.69 38.47
C PRO A 341 -24.32 26.67 39.60
N TYR A 342 -23.27 27.06 40.31
CA TYR A 342 -23.42 27.92 41.48
C TYR A 342 -23.62 29.38 41.09
N THR A 343 -24.50 30.05 41.84
CA THR A 343 -24.90 31.41 41.54
C THR A 343 -24.04 32.41 42.29
N TYR A 344 -24.32 33.69 42.05
CA TYR A 344 -23.64 34.78 42.75
C TYR A 344 -23.70 34.56 44.25
N SER A 345 -24.91 34.37 44.79
CA SER A 345 -25.08 34.23 46.23
C SER A 345 -24.56 32.89 46.74
N GLN A 346 -24.73 31.83 45.95
CA GLN A 346 -24.30 30.51 46.42
C GLN A 346 -22.80 30.46 46.62
N LEU A 347 -22.03 31.01 45.67
CA LEU A 347 -20.59 31.04 45.82
C LEU A 347 -20.18 31.97 46.95
N GLN A 348 -20.76 33.18 46.99
CA GLN A 348 -20.52 34.11 48.08
C GLN A 348 -20.74 33.42 49.42
N GLN A 349 -21.76 32.55 49.50
CA GLN A 349 -22.06 31.83 50.73
C GLN A 349 -20.90 30.94 51.16
N ILE A 350 -20.38 30.13 50.24
CA ILE A 350 -19.40 29.10 50.61
C ILE A 350 -18.14 29.74 51.19
N LEU A 351 -17.69 30.85 50.61
CA LEU A 351 -16.47 31.48 51.08
C LEU A 351 -16.64 31.99 52.50
N ARG A 352 -17.61 32.88 52.72
CA ARG A 352 -17.84 33.35 54.07
C ARG A 352 -18.32 32.22 54.96
N SER A 353 -18.83 31.13 54.37
CA SER A 353 -19.35 30.03 55.17
C SER A 353 -18.26 29.48 56.08
N ARG A 354 -17.06 29.28 55.57
CA ARG A 354 -15.89 29.27 56.43
C ARG A 354 -14.98 30.42 56.03
N LEU A 355 -15.21 31.58 56.63
CA LEU A 355 -14.17 32.53 57.00
C LEU A 355 -14.10 32.70 58.52
N LYS A 356 -14.83 31.87 59.28
CA LYS A 356 -15.20 32.20 60.66
C LYS A 356 -14.03 32.74 61.47
N HIS A 357 -12.79 32.43 61.07
CA HIS A 357 -11.65 33.13 61.66
C HIS A 357 -11.88 34.63 61.63
N LEU A 358 -12.38 35.15 60.52
CA LEU A 358 -12.85 36.53 60.43
C LEU A 358 -14.36 36.50 60.18
N LYS A 359 -15.13 36.86 61.20
CA LYS A 359 -16.59 36.86 61.09
C LYS A 359 -17.11 38.26 60.77
N ILE A 366 -12.76 42.02 55.13
CA ILE A 366 -12.17 41.08 54.19
C ILE A 366 -13.25 40.51 53.28
N GLN A 367 -14.52 40.83 53.57
CA GLN A 367 -15.66 40.21 52.90
C GLN A 367 -16.20 41.04 51.74
N LEU A 368 -15.59 42.18 51.41
CA LEU A 368 -15.88 42.81 50.12
C LEU A 368 -15.35 41.95 48.98
N VAL A 369 -14.35 41.11 49.27
CA VAL A 369 -13.76 40.26 48.24
C VAL A 369 -14.66 39.07 47.95
N ALA A 370 -15.15 38.40 48.99
CA ALA A 370 -15.88 37.15 48.79
C ALA A 370 -16.97 37.32 47.75
N ARG A 371 -17.60 38.50 47.70
CA ARG A 371 -18.61 38.76 46.69
C ARG A 371 -17.99 39.16 45.35
N LYS A 372 -16.83 39.80 45.37
CA LYS A 372 -16.13 40.15 44.13
C LYS A 372 -15.81 38.89 43.33
N VAL A 373 -15.05 37.99 43.93
CA VAL A 373 -14.71 36.73 43.28
C VAL A 373 -15.96 35.94 42.92
N ALA A 374 -17.07 36.19 43.62
CA ALA A 374 -18.27 35.36 43.50
C ALA A 374 -18.95 35.45 42.14
N ALA A 375 -18.56 36.36 41.26
CA ALA A 375 -19.19 36.42 39.93
C ALA A 375 -18.37 35.53 39.03
N LEU A 376 -18.89 34.32 38.75
CA LEU A 376 -18.13 33.31 38.03
C LEU A 376 -19.07 32.35 37.32
N SER A 377 -18.46 31.44 36.56
CA SER A 377 -19.17 30.44 35.78
C SER A 377 -18.40 29.09 35.81
N GLY A 378 -18.97 28.03 36.39
CA GLY A 378 -19.83 28.06 37.56
C GLY A 378 -19.20 27.30 38.73
N ASP A 379 -17.95 26.89 38.58
CA ASP A 379 -17.33 25.96 39.52
C ASP A 379 -17.16 26.56 40.91
N ALA A 380 -17.19 25.68 41.92
CA ALA A 380 -16.85 26.08 43.28
C ALA A 380 -15.35 26.10 43.50
N ARG A 381 -14.61 25.15 42.92
CA ARG A 381 -13.16 25.12 43.11
C ARG A 381 -12.52 26.43 42.70
N ARG A 382 -13.06 27.09 41.67
CA ARG A 382 -12.50 28.37 41.23
C ARG A 382 -12.45 29.35 42.39
N CYS A 383 -13.53 29.44 43.16
CA CYS A 383 -13.59 30.40 44.26
C CYS A 383 -12.49 30.14 45.27
N LEU A 384 -12.45 28.92 45.83
CA LEU A 384 -11.49 28.64 46.89
C LEU A 384 -10.06 28.78 46.40
N ASP A 385 -9.78 28.33 45.17
CA ASP A 385 -8.43 28.45 44.63
C ASP A 385 -8.08 29.91 44.30
N ILE A 386 -9.04 30.66 43.79
CA ILE A 386 -8.79 32.07 43.48
C ILE A 386 -8.48 32.84 44.77
N CYS A 387 -9.40 32.81 45.72
CA CYS A 387 -9.20 33.58 46.94
C CYS A 387 -7.98 33.11 47.71
N ARG A 388 -7.66 31.82 47.64
CA ARG A 388 -6.42 31.34 48.24
C ARG A 388 -5.21 32.01 47.61
N ARG A 389 -5.27 32.26 46.30
CA ARG A 389 -4.20 33.01 45.64
C ARG A 389 -4.21 34.48 46.05
N ALA A 390 -5.39 35.05 46.25
CA ALA A 390 -5.48 36.45 46.68
C ALA A 390 -4.73 36.66 47.99
N THR A 391 -4.93 35.76 48.95
CA THR A 391 -4.18 35.84 50.20
C THR A 391 -2.68 35.77 49.95
N GLU A 392 -2.27 34.97 48.96
CA GLU A 392 -0.84 34.92 48.61
C GLU A 392 -0.37 36.28 48.10
N ILE A 393 -1.24 37.00 47.39
CA ILE A 393 -0.89 38.33 46.93
C ILE A 393 -0.78 39.28 48.10
N CYS A 394 -1.74 39.23 49.02
CA CYS A 394 -1.76 40.15 50.15
C CYS A 394 -0.47 40.05 50.96
N GLU A 395 -0.15 38.84 51.46
CA GLU A 395 1.02 38.67 52.30
C GLU A 395 2.28 39.17 51.59
N PHE A 396 2.51 38.70 50.37
CA PHE A 396 3.69 39.10 49.62
C PHE A 396 3.36 40.18 48.58
N VAL A 407 -7.51 41.32 53.30
CA VAL A 407 -7.54 41.14 51.85
C VAL A 407 -8.59 42.08 51.27
N THR A 408 -8.17 42.89 50.29
CA THR A 408 -9.03 43.90 49.69
C THR A 408 -9.49 43.43 48.31
N ILE A 409 -10.34 44.24 47.67
CA ILE A 409 -10.84 43.89 46.34
C ILE A 409 -9.72 43.98 45.32
N ALA A 410 -8.81 44.95 45.49
CA ALA A 410 -7.69 45.07 44.56
C ALA A 410 -6.88 43.78 44.53
N HIS A 411 -6.72 43.13 45.68
CA HIS A 411 -5.95 41.88 45.71
C HIS A 411 -6.64 40.78 44.90
N SER A 412 -7.98 40.77 44.90
CA SER A 412 -8.70 39.72 44.17
C SER A 412 -8.77 40.02 42.68
N MET A 413 -8.89 41.29 42.30
CA MET A 413 -8.78 41.62 40.88
C MET A 413 -7.44 41.16 40.33
N GLU A 414 -6.35 41.44 41.06
CA GLU A 414 -5.05 40.94 40.67
C GLU A 414 -5.05 39.41 40.59
N ALA A 415 -5.69 38.75 41.56
CA ALA A 415 -5.73 37.29 41.57
C ALA A 415 -6.41 36.75 40.32
N VAL A 416 -7.57 37.32 39.96
CA VAL A 416 -8.30 36.84 38.79
C VAL A 416 -7.54 37.16 37.51
N ASP A 417 -6.93 38.35 37.44
CA ASP A 417 -6.19 38.73 36.24
C ASP A 417 -4.93 37.88 36.04
N GLU A 418 -4.44 37.22 37.10
CA GLU A 418 -3.36 36.27 36.95
C GLU A 418 -3.84 34.90 36.52
N MET A 419 -5.15 34.67 36.50
CA MET A 419 -5.70 33.35 36.20
C MET A 419 -6.53 33.39 34.92
N PHE A 420 -7.72 33.98 34.94
CA PHE A 420 -8.63 33.91 33.79
C PHE A 420 -8.17 34.78 32.63
N SER A 421 -7.16 35.62 32.82
CA SER A 421 -6.71 36.50 31.75
C SER A 421 -6.19 35.69 30.56
N SER A 422 -6.71 35.99 29.38
CA SER A 422 -6.27 35.30 28.18
C SER A 422 -4.82 35.65 27.87
N SER A 423 -4.00 34.61 27.69
CA SER A 423 -2.58 34.80 27.41
C SER A 423 -2.31 35.12 25.95
N TYR A 424 -3.26 34.82 25.04
CA TYR A 424 -3.02 35.04 23.63
C TYR A 424 -2.64 36.49 23.33
N ILE A 425 -3.47 37.44 23.79
CA ILE A 425 -3.19 38.85 23.50
C ILE A 425 -1.87 39.28 24.10
N THR A 426 -1.50 38.70 25.25
CA THR A 426 -0.18 38.98 25.84
C THR A 426 0.94 38.57 24.91
N ALA A 427 0.83 37.37 24.33
CA ALA A 427 1.92 36.84 23.51
C ALA A 427 2.10 37.64 22.24
N ILE A 428 1.00 38.09 21.64
CA ILE A 428 1.09 38.88 20.40
C ILE A 428 1.81 40.19 20.66
N LYS A 429 1.61 40.77 21.85
CA LYS A 429 2.27 42.02 22.18
C LYS A 429 3.77 41.83 22.39
N ASN A 430 4.16 40.69 22.97
CA ASN A 430 5.57 40.40 23.23
C ASN A 430 6.26 39.71 22.06
N SER A 431 5.53 39.38 20.99
CA SER A 431 6.14 38.71 19.86
C SER A 431 7.17 39.61 19.19
N SER A 432 8.10 38.99 18.49
CA SER A 432 9.19 39.73 17.87
C SER A 432 8.66 40.53 16.68
N VAL A 433 9.57 41.28 16.05
CA VAL A 433 9.18 42.16 14.96
C VAL A 433 8.64 41.34 13.80
N LEU A 434 9.45 40.42 13.28
CA LEU A 434 9.03 39.67 12.11
C LEU A 434 7.83 38.79 12.42
N GLU A 435 7.68 38.36 13.67
CA GLU A 435 6.51 37.57 14.04
C GLU A 435 5.23 38.38 13.86
N GLN A 436 5.23 39.66 14.26
CA GLN A 436 4.05 40.49 14.05
C GLN A 436 3.79 40.73 12.58
N SER A 437 4.84 41.02 11.79
CA SER A 437 4.67 41.24 10.37
C SER A 437 4.09 40.01 9.69
N PHE A 438 4.40 38.82 10.21
CA PHE A 438 3.81 37.61 9.67
C PHE A 438 2.32 37.53 9.97
N LEU A 439 1.91 37.98 11.17
CA LEU A 439 0.48 38.05 11.48
C LEU A 439 -0.21 39.08 10.60
N ARG A 440 0.39 40.26 10.45
CA ARG A 440 -0.13 41.22 9.51
C ARG A 440 -0.25 40.62 8.11
N ALA A 441 0.74 39.82 7.71
CA ALA A 441 0.67 39.13 6.43
C ALA A 441 -0.57 38.23 6.37
N ILE A 442 -0.79 37.45 7.44
CA ILE A 442 -1.98 36.61 7.50
C ILE A 442 -3.24 37.45 7.33
N LEU A 443 -3.37 38.49 8.16
CA LEU A 443 -4.56 39.33 8.11
C LEU A 443 -4.73 39.96 6.72
N ALA A 444 -3.62 40.27 6.04
CA ALA A 444 -3.73 40.81 4.70
C ALA A 444 -4.32 39.79 3.74
N GLU A 445 -3.77 38.57 3.74
CA GLU A 445 -4.30 37.52 2.88
C GLU A 445 -5.76 37.23 3.18
N PHE A 446 -6.12 37.17 4.46
CA PHE A 446 -7.50 36.90 4.83
C PHE A 446 -8.43 38.00 4.32
N ARG A 447 -8.03 39.26 4.52
CA ARG A 447 -8.87 40.37 4.05
C ARG A 447 -9.01 40.34 2.53
N ARG A 448 -8.03 39.77 1.83
CA ARG A 448 -8.17 39.58 0.39
C ARG A 448 -9.16 38.47 0.07
N SER A 449 -8.93 37.27 0.63
CA SER A 449 -9.79 36.14 0.32
C SER A 449 -11.08 36.16 1.13
N GLY A 450 -10.99 36.49 2.42
CA GLY A 450 -12.14 36.43 3.29
C GLY A 450 -12.35 35.08 3.94
N LEU A 451 -11.46 34.11 3.72
CA LEU A 451 -11.60 32.79 4.28
C LEU A 451 -10.78 32.65 5.56
N GLU A 452 -10.91 31.49 6.20
CA GLU A 452 -10.16 31.19 7.42
C GLU A 452 -8.89 30.40 7.16
N GLU A 453 -8.62 30.02 5.91
CA GLU A 453 -7.42 29.28 5.55
C GLU A 453 -6.65 30.01 4.48
N ALA A 454 -5.33 29.85 4.51
CA ALA A 454 -4.46 30.34 3.46
C ALA A 454 -3.18 29.52 3.49
N THR A 455 -2.46 29.53 2.37
CA THR A 455 -1.27 28.71 2.24
C THR A 455 -0.04 29.53 2.57
N PHE A 456 0.95 28.89 3.20
CA PHE A 456 2.18 29.57 3.56
C PHE A 456 2.74 30.34 2.38
N GLN A 457 2.53 29.83 1.17
CA GLN A 457 2.99 30.53 -0.02
C GLN A 457 2.31 31.89 -0.17
N GLN A 458 0.98 31.91 -0.05
CA GLN A 458 0.26 33.18 -0.16
C GLN A 458 0.64 34.13 0.97
N ILE A 459 0.58 33.63 2.21
CA ILE A 459 1.02 34.44 3.36
C ILE A 459 2.42 34.94 3.14
N TYR A 460 3.27 34.13 2.51
CA TYR A 460 4.65 34.52 2.29
C TYR A 460 4.75 35.75 1.40
N SER A 461 3.95 35.77 0.33
CA SER A 461 3.94 36.94 -0.55
C SER A 461 3.58 38.21 0.23
N GLN A 462 2.54 38.13 1.06
CA GLN A 462 2.17 39.29 1.88
C GLN A 462 3.32 39.68 2.81
N HIS A 463 3.89 38.70 3.51
CA HIS A 463 4.98 39.00 4.45
C HIS A 463 6.14 39.69 3.75
N VAL A 464 6.44 39.29 2.51
CA VAL A 464 7.48 39.97 1.74
C VAL A 464 7.11 41.43 1.54
N ALA A 465 5.87 41.69 1.14
CA ALA A 465 5.43 43.07 0.91
C ALA A 465 5.64 43.93 2.15
N LEU A 466 5.23 43.43 3.32
CA LEU A 466 5.34 44.22 4.53
C LEU A 466 6.79 44.47 4.92
N CYS A 467 7.63 43.43 4.86
CA CYS A 467 9.04 43.61 5.18
C CYS A 467 9.70 44.59 4.23
N ARG A 468 9.20 44.68 2.99
CA ARG A 468 9.70 45.68 2.06
C ARG A 468 9.30 47.09 2.51
N MET A 469 8.08 47.24 3.03
CA MET A 469 7.56 48.54 3.39
C MET A 469 8.07 49.02 4.75
N GLU A 470 8.50 48.11 5.62
CA GLU A 470 9.02 48.47 6.93
C GLU A 470 10.52 48.70 6.93
N GLY A 471 11.19 48.60 5.77
CA GLY A 471 12.62 48.74 5.72
C GLY A 471 13.38 47.52 6.20
N LEU A 472 12.69 46.42 6.45
CA LEU A 472 13.32 45.20 6.95
C LEU A 472 14.07 44.50 5.83
N PRO A 473 14.97 43.57 6.18
CA PRO A 473 15.60 42.74 5.16
C PRO A 473 14.61 41.75 4.58
N TYR A 474 14.98 41.20 3.43
CA TYR A 474 14.12 40.23 2.77
C TYR A 474 13.85 39.06 3.71
N PRO A 475 12.62 38.56 3.76
CA PRO A 475 12.32 37.41 4.63
C PRO A 475 12.71 36.08 4.02
N THR A 476 13.98 35.67 4.20
CA THR A 476 14.43 34.39 3.70
C THR A 476 13.47 33.30 4.11
N MET A 477 13.11 32.44 3.14
CA MET A 477 12.06 31.45 3.39
C MET A 477 12.43 30.50 4.53
N SER A 478 13.71 30.24 4.72
CA SER A 478 14.12 29.44 5.88
C SER A 478 13.76 30.14 7.17
N GLU A 479 14.02 31.46 7.24
CA GLU A 479 13.59 32.26 8.39
C GLU A 479 12.08 32.19 8.56
N THR A 480 11.35 32.55 7.50
CA THR A 480 9.90 32.64 7.60
C THR A 480 9.29 31.33 8.03
N MET A 481 9.90 30.21 7.66
CA MET A 481 9.44 28.91 8.14
C MET A 481 9.66 28.80 9.64
N ALA A 482 10.80 29.27 10.12
CA ALA A 482 11.04 29.29 11.56
C ALA A 482 9.98 30.12 12.27
N VAL A 483 9.78 31.36 11.82
CA VAL A 483 8.77 32.23 12.43
C VAL A 483 7.42 31.52 12.46
N CYS A 484 6.97 31.03 11.31
CA CYS A 484 5.66 30.39 11.25
C CYS A 484 5.58 29.21 12.21
N SER A 485 6.72 28.61 12.56
CA SER A 485 6.71 27.54 13.56
C SER A 485 6.67 28.11 14.97
N HIS A 486 7.38 29.21 15.21
CA HIS A 486 7.28 29.86 16.52
C HIS A 486 5.83 30.16 16.86
N LEU A 487 5.07 30.65 15.89
CA LEU A 487 3.68 31.00 16.12
C LEU A 487 2.76 29.78 16.11
N GLY A 488 3.22 28.65 15.60
CA GLY A 488 2.42 27.44 15.62
C GLY A 488 2.74 26.55 16.80
N SER A 489 3.90 26.79 17.42
CA SER A 489 4.26 26.04 18.62
C SER A 489 3.48 26.53 19.84
N CYS A 490 3.28 27.84 19.95
CA CYS A 490 2.51 28.44 21.04
C CYS A 490 1.01 28.45 20.76
N ARG A 491 0.57 27.87 19.64
CA ARG A 491 -0.83 27.76 19.26
C ARG A 491 -1.49 29.10 18.95
N LEU A 492 -0.71 30.12 18.61
CA LEU A 492 -1.31 31.30 17.99
C LEU A 492 -1.82 30.96 16.60
N LEU A 493 -1.16 30.00 15.94
CA LEU A 493 -1.55 29.55 14.62
C LEU A 493 -1.81 28.06 14.65
N LEU A 494 -2.64 27.61 13.71
CA LEU A 494 -2.86 26.18 13.45
C LEU A 494 -2.29 25.91 12.07
N VAL A 495 -1.19 25.19 12.01
CA VAL A 495 -0.40 25.03 10.80
C VAL A 495 -0.29 23.55 10.46
N GLU A 496 -0.34 23.25 9.17
CA GLU A 496 -0.13 21.90 8.70
C GLU A 496 1.31 21.46 8.98
N PRO A 497 1.59 20.15 8.93
CA PRO A 497 2.95 19.70 9.23
C PRO A 497 3.97 20.32 8.29
N SER A 498 5.15 20.60 8.84
CA SER A 498 6.18 21.36 8.12
C SER A 498 6.65 20.68 6.84
N ARG A 499 6.41 19.37 6.68
CA ARG A 499 6.87 18.69 5.48
C ARG A 499 6.29 19.31 4.22
N ASN A 500 5.07 19.84 4.29
CA ASN A 500 4.38 20.30 3.09
C ASN A 500 4.99 21.57 2.50
N ASP A 501 5.92 22.20 3.21
CA ASP A 501 6.73 23.30 2.68
C ASP A 501 5.79 24.42 2.22
N LEU A 502 5.81 24.84 0.96
CA LEU A 502 4.99 25.97 0.54
C LEU A 502 3.49 25.69 0.59
N LEU A 503 3.08 24.43 0.74
CA LEU A 503 1.67 24.07 0.73
C LEU A 503 1.05 24.01 2.11
N LEU A 504 1.78 24.41 3.15
CA LEU A 504 1.19 24.54 4.47
C LEU A 504 -0.06 25.40 4.40
N ARG A 505 -1.16 24.88 4.96
CA ARG A 505 -2.37 25.67 5.13
C ARG A 505 -2.40 26.19 6.57
N VAL A 506 -2.72 27.48 6.71
CA VAL A 506 -2.54 28.20 7.98
C VAL A 506 -3.89 28.77 8.41
N ARG A 507 -4.31 28.43 9.63
CA ARG A 507 -5.49 28.99 10.26
C ARG A 507 -5.09 29.75 11.51
N LEU A 508 -5.85 30.80 11.81
CA LEU A 508 -5.66 31.55 13.05
C LEU A 508 -6.34 30.83 14.21
N ASN A 509 -5.61 30.65 15.30
CA ASN A 509 -6.20 30.16 16.53
C ASN A 509 -6.77 31.29 17.37
N VAL A 510 -6.70 32.52 16.88
CA VAL A 510 -7.22 33.69 17.57
C VAL A 510 -8.03 34.51 16.58
N SER A 511 -9.16 35.04 17.03
CA SER A 511 -10.04 35.82 16.15
C SER A 511 -9.31 37.05 15.61
N GLN A 512 -9.61 37.40 14.36
CA GLN A 512 -8.95 38.54 13.74
C GLN A 512 -9.10 39.80 14.57
N ASP A 513 -10.27 40.01 15.18
CA ASP A 513 -10.48 41.20 16.01
C ASP A 513 -9.49 41.23 17.17
N ASP A 514 -9.19 40.08 17.75
CA ASP A 514 -8.26 40.03 18.86
C ASP A 514 -6.86 40.42 18.41
N VAL A 515 -6.42 39.91 17.25
CA VAL A 515 -5.08 40.22 16.76
C VAL A 515 -4.95 41.71 16.46
N LEU A 516 -5.88 42.26 15.70
CA LEU A 516 -5.83 43.69 15.41
C LEU A 516 -5.74 44.51 16.70
N TYR A 517 -6.44 44.07 17.74
CA TYR A 517 -6.37 44.78 19.02
C TYR A 517 -4.99 44.63 19.66
N ALA A 518 -4.32 43.50 19.45
CA ALA A 518 -3.01 43.29 20.06
C ALA A 518 -1.94 44.07 19.30
N LEU A 519 -2.07 44.17 17.98
CA LEU A 519 -1.07 44.88 17.19
C LEU A 519 -1.31 46.39 17.22
N LYS A 520 -2.56 46.83 17.29
CA LYS A 520 -2.91 48.24 17.15
C LYS A 520 -3.01 48.98 18.47
N ASP A 521 -2.89 48.30 19.61
CA ASP A 521 -3.01 48.99 20.89
C ASP A 521 -1.94 50.05 21.08
N GLU A 522 -0.89 50.04 20.25
CA GLU A 522 0.21 50.98 20.37
C GLU A 522 0.66 51.45 19.00
N SER B 54 -43.35 -31.21 -27.20
CA SER B 54 -43.18 -32.02 -26.01
C SER B 54 -42.34 -33.26 -26.30
N ALA B 55 -42.30 -33.66 -27.56
CA ALA B 55 -41.72 -34.95 -27.94
C ALA B 55 -40.20 -34.91 -28.01
N GLU B 56 -39.64 -33.85 -28.58
CA GLU B 56 -38.27 -33.91 -29.06
C GLU B 56 -37.27 -34.04 -27.91
N LEU B 57 -37.45 -33.23 -26.87
CA LEU B 57 -36.37 -32.99 -25.91
C LEU B 57 -35.85 -34.28 -25.33
N LYS B 58 -36.75 -35.20 -25.00
CA LYS B 58 -36.33 -36.44 -24.34
C LYS B 58 -35.22 -37.12 -25.12
N GLN B 59 -35.39 -37.25 -26.44
CA GLN B 59 -34.38 -37.95 -27.24
C GLN B 59 -33.01 -37.32 -27.04
N LEU B 60 -32.95 -35.98 -27.05
CA LEU B 60 -31.67 -35.33 -26.86
C LEU B 60 -31.12 -35.59 -25.47
N ASN B 61 -31.97 -35.43 -24.45
CA ASN B 61 -31.53 -35.76 -23.10
C ASN B 61 -31.09 -37.21 -23.00
N GLN B 62 -31.55 -38.06 -23.93
CA GLN B 62 -31.07 -39.43 -24.01
C GLN B 62 -29.72 -39.52 -24.71
N GLN B 63 -29.54 -38.80 -25.82
CA GLN B 63 -28.29 -38.90 -26.56
C GLN B 63 -27.10 -38.54 -25.69
N TYR B 64 -27.20 -37.43 -24.93
CA TYR B 64 -26.11 -37.05 -24.06
C TYR B 64 -25.76 -38.16 -23.07
N GLU B 65 -26.74 -39.00 -22.72
CA GLU B 65 -26.46 -40.07 -21.77
C GLU B 65 -25.41 -41.03 -22.30
N LYS B 66 -25.27 -41.16 -23.62
CA LYS B 66 -24.28 -42.08 -24.14
C LYS B 66 -22.86 -41.54 -23.93
N LEU B 67 -22.70 -40.21 -23.90
CA LEU B 67 -21.40 -39.66 -23.52
C LEU B 67 -21.09 -39.94 -22.06
N PHE B 68 -22.11 -40.27 -21.27
CA PHE B 68 -21.98 -40.31 -19.83
C PHE B 68 -20.82 -41.18 -19.35
N HIS B 69 -20.88 -42.47 -19.61
CA HIS B 69 -19.78 -43.34 -19.23
C HIS B 69 -18.46 -42.75 -19.71
N LYS B 70 -18.46 -42.20 -20.93
CA LYS B 70 -17.26 -41.56 -21.47
C LYS B 70 -16.78 -40.46 -20.53
N TRP B 71 -17.70 -39.58 -20.11
CA TRP B 71 -17.36 -38.56 -19.13
C TRP B 71 -16.76 -39.17 -17.87
N MET B 72 -17.34 -40.28 -17.40
CA MET B 72 -16.76 -40.97 -16.26
C MET B 72 -15.27 -41.19 -16.48
N LEU B 73 -14.92 -41.73 -17.65
CA LEU B 73 -13.51 -41.94 -17.96
C LEU B 73 -12.76 -40.62 -17.98
N GLN B 74 -13.32 -39.60 -18.62
CA GLN B 74 -12.73 -38.28 -18.55
C GLN B 74 -12.55 -37.85 -17.10
N LEU B 75 -13.58 -38.08 -16.28
CA LEU B 75 -13.46 -37.75 -14.87
C LEU B 75 -12.30 -38.50 -14.24
N HIS B 76 -12.01 -39.72 -14.68
CA HIS B 76 -10.83 -40.42 -14.19
C HIS B 76 -9.54 -39.74 -14.67
N LEU B 77 -9.53 -39.23 -15.89
CA LEU B 77 -8.32 -38.70 -16.51
C LEU B 77 -7.95 -37.31 -16.01
N GLY B 78 -8.77 -36.70 -15.16
CA GLY B 78 -8.45 -35.44 -14.54
C GLY B 78 -9.09 -34.22 -15.15
N PHE B 79 -10.00 -34.40 -16.09
CA PHE B 79 -10.70 -33.30 -16.70
C PHE B 79 -12.11 -33.24 -16.11
N ASN B 80 -12.84 -32.18 -16.47
CA ASN B 80 -14.14 -31.93 -15.87
C ASN B 80 -15.09 -31.39 -16.93
N ILE B 81 -16.21 -32.08 -17.13
CA ILE B 81 -17.08 -31.78 -18.26
C ILE B 81 -17.92 -30.53 -17.98
N VAL B 82 -18.46 -29.98 -19.06
CA VAL B 82 -19.11 -28.67 -19.09
C VAL B 82 -20.24 -28.72 -20.09
N LEU B 83 -21.36 -28.08 -19.75
CA LEU B 83 -22.55 -28.09 -20.59
C LEU B 83 -22.94 -26.65 -20.88
N TYR B 84 -22.82 -26.22 -22.13
CA TYR B 84 -23.38 -24.94 -22.56
C TYR B 84 -24.66 -25.24 -23.32
N GLY B 85 -25.79 -25.02 -22.65
CA GLY B 85 -27.10 -25.26 -23.23
C GLY B 85 -27.86 -23.97 -23.52
N LEU B 86 -28.93 -24.14 -24.29
CA LEU B 86 -29.97 -23.12 -24.35
C LEU B 86 -30.91 -23.25 -23.16
N GLY B 87 -31.18 -24.48 -22.73
CA GLY B 87 -32.13 -24.79 -21.70
C GLY B 87 -31.46 -25.32 -20.44
N SER B 88 -32.27 -25.95 -19.60
CA SER B 88 -31.79 -26.51 -18.35
C SER B 88 -31.47 -27.99 -18.50
N LYS B 89 -30.39 -28.39 -17.86
CA LYS B 89 -29.96 -29.78 -17.84
C LYS B 89 -30.49 -30.51 -16.62
N ARG B 90 -31.37 -29.88 -15.85
CA ARG B 90 -31.90 -30.49 -14.64
C ARG B 90 -32.33 -31.91 -14.85
N ASP B 91 -33.22 -32.12 -15.80
CA ASP B 91 -33.64 -33.48 -16.05
C ASP B 91 -32.44 -34.29 -16.54
N LEU B 92 -31.50 -33.64 -17.22
CA LEU B 92 -30.28 -34.33 -17.65
C LEU B 92 -29.18 -34.39 -16.59
N LEU B 93 -29.06 -33.38 -15.71
CA LEU B 93 -28.05 -33.41 -14.67
C LEU B 93 -28.52 -34.22 -13.46
N GLU B 94 -29.82 -34.18 -13.19
CA GLU B 94 -30.49 -35.04 -12.23
C GLU B 94 -30.70 -36.44 -12.78
N ARG B 95 -30.74 -36.61 -14.10
CA ARG B 95 -30.62 -37.96 -14.65
C ARG B 95 -29.18 -38.42 -14.62
N PHE B 96 -28.24 -37.47 -14.71
CA PHE B 96 -26.85 -37.79 -14.44
C PHE B 96 -26.66 -38.19 -12.98
N ARG B 97 -27.52 -37.69 -12.10
CA ARG B 97 -27.54 -38.13 -10.71
C ARG B 97 -28.26 -39.47 -10.55
N THR B 98 -29.35 -39.67 -11.29
CA THR B 98 -30.08 -40.94 -11.24
C THR B 98 -29.47 -42.00 -12.14
N THR B 99 -28.75 -41.62 -13.20
CA THR B 99 -28.16 -42.59 -14.13
C THR B 99 -26.68 -42.80 -13.84
N MET B 100 -25.85 -41.77 -13.99
CA MET B 100 -24.39 -41.93 -13.87
C MET B 100 -23.89 -41.80 -12.44
N LEU B 101 -23.91 -40.58 -11.91
CA LEU B 101 -23.41 -40.35 -10.57
C LEU B 101 -23.96 -41.43 -9.65
N GLN B 102 -25.26 -41.39 -9.38
CA GLN B 102 -25.92 -42.45 -8.63
C GLN B 102 -25.11 -42.76 -7.38
N ASP B 103 -24.63 -44.01 -7.26
CA ASP B 103 -23.54 -44.37 -6.36
C ASP B 103 -23.65 -43.61 -5.05
N SER B 104 -22.55 -43.00 -4.61
CA SER B 104 -22.57 -42.13 -3.45
C SER B 104 -21.63 -40.97 -3.73
N ILE B 105 -21.42 -40.15 -2.71
CA ILE B 105 -20.43 -39.07 -2.78
C ILE B 105 -20.71 -38.25 -4.02
N HIS B 106 -21.94 -37.77 -4.16
CA HIS B 106 -22.28 -36.79 -5.18
C HIS B 106 -22.81 -35.55 -4.49
N VAL B 107 -22.05 -34.49 -4.59
CA VAL B 107 -22.38 -33.23 -3.94
C VAL B 107 -23.09 -32.33 -4.94
N VAL B 108 -24.16 -31.70 -4.47
CA VAL B 108 -25.03 -30.91 -5.34
C VAL B 108 -25.22 -29.56 -4.67
N ILE B 109 -24.80 -28.50 -5.36
CA ILE B 109 -25.04 -27.14 -4.94
C ILE B 109 -25.53 -26.39 -6.15
N ASN B 110 -26.76 -25.91 -6.09
CA ASN B 110 -27.34 -25.18 -7.19
C ASN B 110 -26.92 -23.71 -7.09
N GLY B 111 -26.29 -23.20 -8.14
CA GLY B 111 -25.79 -21.83 -8.10
C GLY B 111 -26.87 -20.80 -8.29
N PHE B 112 -27.94 -21.16 -8.99
CA PHE B 112 -29.14 -20.33 -9.01
C PHE B 112 -29.83 -20.32 -7.65
N PHE B 113 -29.55 -21.32 -6.79
CA PHE B 113 -29.91 -21.19 -5.37
C PHE B 113 -29.03 -20.12 -4.78
N PRO B 114 -29.58 -19.00 -4.31
CA PRO B 114 -28.75 -18.08 -3.51
C PRO B 114 -28.41 -18.65 -2.14
N GLY B 115 -29.13 -19.67 -1.69
CA GLY B 115 -29.00 -20.09 -0.31
C GLY B 115 -27.63 -20.66 0.01
N ILE B 116 -27.15 -21.61 -0.80
CA ILE B 116 -25.85 -22.19 -0.52
C ILE B 116 -24.76 -21.18 -0.84
N SER B 117 -23.66 -21.27 -0.12
CA SER B 117 -22.56 -20.32 -0.19
C SER B 117 -21.25 -21.08 -0.20
N VAL B 118 -20.22 -20.48 -0.81
CA VAL B 118 -18.96 -21.20 -1.01
C VAL B 118 -18.42 -21.68 0.33
N LYS B 119 -18.59 -20.88 1.39
CA LYS B 119 -18.26 -21.33 2.72
C LYS B 119 -19.19 -22.45 3.17
N SER B 120 -20.49 -22.29 2.92
CA SER B 120 -21.48 -23.33 3.15
C SER B 120 -21.54 -24.32 1.99
N VAL B 121 -20.79 -24.07 0.92
CA VAL B 121 -20.54 -25.10 -0.08
C VAL B 121 -19.52 -26.06 0.45
N LEU B 122 -18.47 -25.53 1.06
CA LEU B 122 -17.43 -26.37 1.61
C LEU B 122 -17.87 -27.00 2.91
N ASN B 123 -18.81 -26.36 3.61
CA ASN B 123 -19.48 -27.05 4.71
C ASN B 123 -20.42 -28.11 4.18
N SER B 124 -21.29 -27.75 3.24
CA SER B 124 -22.26 -28.72 2.70
C SER B 124 -21.57 -29.95 2.13
N ILE B 125 -20.37 -29.76 1.55
CA ILE B 125 -19.54 -30.91 1.16
C ILE B 125 -18.97 -31.56 2.42
N THR B 126 -18.41 -30.76 3.32
CA THR B 126 -17.69 -31.28 4.47
C THR B 126 -18.58 -31.66 5.64
N GLU B 127 -19.80 -31.11 5.73
CA GLU B 127 -20.62 -31.33 6.91
C GLU B 127 -21.33 -32.68 6.84
N GLU B 128 -22.22 -32.85 5.87
CA GLU B 128 -23.02 -34.08 5.77
C GLU B 128 -22.27 -35.15 5.00
N VAL B 129 -22.05 -34.90 3.71
CA VAL B 129 -21.55 -35.95 2.82
C VAL B 129 -20.13 -36.37 3.19
N LEU B 130 -19.20 -35.41 3.26
CA LEU B 130 -17.86 -35.73 3.72
C LEU B 130 -17.89 -36.19 5.16
N ASP B 131 -18.74 -35.57 5.97
CA ASP B 131 -19.03 -35.97 7.34
C ASP B 131 -17.90 -35.65 8.31
N HIS B 132 -16.79 -35.08 7.84
CA HIS B 132 -15.63 -34.90 8.71
C HIS B 132 -15.84 -33.78 9.73
N MET B 133 -16.29 -32.61 9.27
CA MET B 133 -16.48 -31.43 10.11
C MET B 133 -17.14 -30.36 9.26
N GLY B 134 -17.53 -29.27 9.92
CA GLY B 134 -17.71 -28.03 9.20
C GLY B 134 -16.35 -27.43 8.90
N THR B 135 -16.18 -26.99 7.66
CA THR B 135 -14.86 -26.56 7.22
C THR B 135 -14.39 -25.36 8.06
N PHE B 136 -13.12 -25.42 8.46
CA PHE B 136 -12.50 -24.44 9.37
C PHE B 136 -12.47 -23.04 8.78
N ARG B 137 -12.28 -22.05 9.64
CA ARG B 137 -12.41 -20.65 9.23
C ARG B 137 -11.71 -20.32 7.92
N SER B 138 -10.38 -20.37 7.88
CA SER B 138 -9.67 -20.12 6.63
C SER B 138 -9.87 -21.30 5.68
N ILE B 139 -10.42 -21.03 4.49
CA ILE B 139 -10.75 -22.12 3.58
C ILE B 139 -9.50 -22.81 3.08
N LEU B 140 -8.37 -22.09 3.02
CA LEU B 140 -7.13 -22.74 2.65
C LEU B 140 -6.74 -23.78 3.67
N ASP B 141 -6.96 -23.47 4.96
CA ASP B 141 -6.72 -24.45 6.00
C ASP B 141 -7.75 -25.57 5.94
N GLN B 142 -9.01 -25.21 5.66
CA GLN B 142 -10.05 -26.22 5.46
C GLN B 142 -9.59 -27.28 4.47
N LEU B 143 -9.31 -26.85 3.25
CA LEU B 143 -8.82 -27.76 2.23
C LEU B 143 -7.53 -28.43 2.63
N ASP B 144 -6.75 -27.83 3.53
CA ASP B 144 -5.56 -28.53 3.99
C ASP B 144 -5.93 -29.71 4.89
N TRP B 145 -6.99 -29.59 5.69
CA TRP B 145 -7.44 -30.72 6.51
C TRP B 145 -8.17 -31.76 5.67
N ILE B 146 -9.15 -31.33 4.86
CA ILE B 146 -9.87 -32.26 3.99
C ILE B 146 -8.90 -32.97 3.07
N VAL B 147 -7.81 -32.30 2.68
CA VAL B 147 -6.84 -32.87 1.77
C VAL B 147 -5.89 -33.82 2.49
N ASN B 148 -5.33 -33.39 3.62
CA ASN B 148 -4.54 -34.31 4.43
C ASN B 148 -5.37 -35.52 4.85
N LYS B 149 -6.69 -35.41 4.77
CA LYS B 149 -7.53 -36.61 4.82
C LYS B 149 -7.56 -37.32 3.48
N PHE B 150 -7.68 -36.57 2.38
CA PHE B 150 -7.77 -37.17 1.05
C PHE B 150 -6.39 -37.61 0.54
N LYS B 151 -5.39 -36.74 0.63
CA LYS B 151 -4.03 -37.15 0.26
C LYS B 151 -3.60 -38.37 1.05
N GLU B 152 -4.06 -38.48 2.31
CA GLU B 152 -3.82 -39.67 3.10
C GLU B 152 -4.79 -40.79 2.72
N ASP B 153 -6.08 -40.48 2.63
CA ASP B 153 -7.09 -41.49 2.28
C ASP B 153 -7.32 -41.39 0.78
N SER B 154 -6.85 -42.40 0.06
CA SER B 154 -6.77 -42.31 -1.38
C SER B 154 -8.00 -42.97 -2.01
N SER B 155 -8.07 -42.87 -3.33
CA SER B 155 -9.04 -43.63 -4.12
C SER B 155 -10.47 -43.32 -3.70
N LEU B 156 -10.71 -42.09 -3.25
CA LEU B 156 -12.05 -41.64 -2.91
C LEU B 156 -12.46 -40.58 -3.92
N GLU B 157 -13.37 -40.95 -4.81
CA GLU B 157 -13.78 -40.09 -5.90
C GLU B 157 -15.12 -39.46 -5.58
N LEU B 158 -15.18 -38.14 -5.70
CA LEU B 158 -16.35 -37.37 -5.29
C LEU B 158 -16.82 -36.52 -6.46
N PHE B 159 -18.02 -36.80 -6.96
CA PHE B 159 -18.51 -36.16 -8.17
C PHE B 159 -19.48 -35.03 -7.81
N LEU B 160 -19.10 -33.81 -8.15
CA LEU B 160 -19.89 -32.63 -7.81
C LEU B 160 -20.47 -32.00 -9.08
N LEU B 161 -21.75 -31.65 -9.02
CA LEU B 161 -22.48 -31.06 -10.14
C LEU B 161 -22.99 -29.68 -9.73
N ILE B 162 -22.50 -28.64 -10.39
CA ILE B 162 -22.91 -27.26 -10.09
C ILE B 162 -23.81 -26.77 -11.23
N HIS B 163 -25.04 -26.42 -10.89
CA HIS B 163 -25.89 -25.67 -11.81
C HIS B 163 -25.57 -24.19 -11.65
N ASN B 164 -25.19 -23.54 -12.74
CA ASN B 164 -24.96 -22.09 -12.77
C ASN B 164 -23.85 -21.67 -11.80
N LEU B 165 -22.61 -22.01 -12.20
CA LEU B 165 -21.44 -21.52 -11.47
C LEU B 165 -21.49 -20.00 -11.31
N ASP B 166 -22.14 -19.30 -12.23
CA ASP B 166 -22.10 -17.84 -12.26
C ASP B 166 -22.37 -17.25 -10.88
N SER B 167 -23.29 -17.84 -10.13
CA SER B 167 -23.53 -17.44 -8.74
C SER B 167 -23.88 -15.94 -8.66
N GLN B 168 -23.54 -15.12 -7.64
CA GLN B 168 -22.84 -15.38 -6.37
C GLN B 168 -23.52 -16.47 -5.54
N MET B 169 -22.79 -17.14 -4.64
CA MET B 169 -21.54 -16.64 -4.03
C MET B 169 -20.22 -16.83 -4.80
N LEU B 170 -20.24 -17.72 -5.78
CA LEU B 170 -19.03 -18.19 -6.44
C LEU B 170 -18.27 -17.10 -7.22
N ARG B 171 -18.81 -15.88 -7.37
CA ARG B 171 -18.08 -14.85 -8.11
C ARG B 171 -16.69 -14.60 -7.57
N GLY B 172 -16.47 -14.79 -6.27
CA GLY B 172 -15.21 -14.43 -5.65
C GLY B 172 -14.02 -15.15 -6.27
N GLU B 173 -12.96 -14.44 -6.62
CA GLU B 173 -11.75 -15.10 -7.08
C GLU B 173 -11.24 -16.09 -6.05
N LYS B 174 -11.56 -15.86 -4.78
CA LYS B 174 -11.26 -16.86 -3.76
C LYS B 174 -12.15 -18.08 -3.92
N SER B 175 -13.41 -17.87 -4.28
CA SER B 175 -14.33 -19.01 -4.45
C SER B 175 -13.85 -19.94 -5.55
N GLN B 176 -13.35 -19.40 -6.66
CA GLN B 176 -12.84 -20.21 -7.75
C GLN B 176 -11.36 -20.50 -7.64
N GLN B 177 -10.69 -19.94 -6.63
CA GLN B 177 -9.42 -20.50 -6.20
C GLN B 177 -9.67 -21.76 -5.38
N ILE B 178 -10.81 -21.83 -4.70
CA ILE B 178 -11.24 -23.02 -3.98
C ILE B 178 -11.63 -24.06 -5.01
N ILE B 179 -12.72 -23.81 -5.72
CA ILE B 179 -13.14 -24.73 -6.78
C ILE B 179 -11.98 -25.01 -7.72
N GLY B 180 -11.10 -24.03 -7.91
CA GLY B 180 -9.89 -24.28 -8.68
C GLY B 180 -9.00 -25.34 -8.05
N GLN B 181 -8.81 -25.27 -6.73
CA GLN B 181 -7.97 -26.25 -6.06
C GLN B 181 -8.66 -27.61 -6.00
N LEU B 182 -9.89 -27.65 -5.50
CA LEU B 182 -10.68 -28.87 -5.44
C LEU B 182 -10.74 -29.56 -6.79
N SER B 183 -11.45 -28.96 -7.76
CA SER B 183 -11.50 -29.55 -9.09
C SER B 183 -10.11 -29.76 -9.67
N SER B 184 -9.12 -29.03 -9.17
CA SER B 184 -7.72 -29.37 -9.45
C SER B 184 -7.28 -30.58 -8.66
N LEU B 185 -7.72 -30.68 -7.41
CA LEU B 185 -7.52 -31.91 -6.64
C LEU B 185 -8.26 -33.05 -7.33
N HIS B 186 -7.56 -34.16 -7.56
CA HIS B 186 -8.07 -35.18 -8.47
C HIS B 186 -9.22 -35.98 -7.86
N ASN B 187 -9.18 -36.24 -6.55
CA ASN B 187 -10.19 -37.10 -5.93
C ASN B 187 -11.59 -36.72 -6.41
N ILE B 188 -12.01 -35.49 -6.13
CA ILE B 188 -13.32 -35.04 -6.57
C ILE B 188 -13.23 -34.68 -8.05
N TYR B 189 -14.36 -34.30 -8.64
CA TYR B 189 -14.46 -33.96 -10.06
C TYR B 189 -15.67 -33.08 -10.25
N LEU B 190 -15.69 -32.37 -11.37
CA LEU B 190 -16.60 -31.24 -11.53
C LEU B 190 -17.36 -31.36 -12.84
N ILE B 191 -18.67 -31.14 -12.74
CA ILE B 191 -19.54 -30.95 -13.88
C ILE B 191 -20.29 -29.66 -13.63
N ALA B 192 -20.02 -28.64 -14.42
CA ALA B 192 -20.66 -27.35 -14.26
C ALA B 192 -21.57 -27.06 -15.44
N SER B 193 -22.71 -26.44 -15.16
CA SER B 193 -23.60 -25.90 -16.17
C SER B 193 -23.57 -24.38 -16.10
N ILE B 194 -23.36 -23.75 -17.26
CA ILE B 194 -23.13 -22.31 -17.36
C ILE B 194 -24.25 -21.67 -18.17
N ASP B 195 -24.46 -20.37 -17.91
CA ASP B 195 -25.38 -19.56 -18.69
C ASP B 195 -24.70 -18.27 -19.14
N HIS B 196 -24.23 -17.46 -18.19
CA HIS B 196 -23.73 -16.12 -18.44
C HIS B 196 -22.72 -16.08 -19.57
N LEU B 197 -22.95 -15.18 -20.53
CA LEU B 197 -22.06 -15.02 -21.67
C LEU B 197 -20.66 -14.69 -21.22
N ASN B 198 -20.56 -13.99 -20.11
CA ASN B 198 -19.29 -13.65 -19.49
C ASN B 198 -18.81 -14.72 -18.52
N ALA B 199 -19.46 -15.88 -18.50
CA ALA B 199 -18.89 -17.03 -17.79
C ALA B 199 -17.48 -17.33 -18.23
N PRO B 200 -17.17 -17.53 -19.52
CA PRO B 200 -15.76 -17.70 -19.91
C PRO B 200 -14.91 -16.48 -19.56
N LEU B 201 -15.55 -15.33 -19.35
CA LEU B 201 -14.84 -14.12 -18.97
C LEU B 201 -14.07 -14.31 -17.66
N MET B 202 -14.75 -14.78 -16.62
CA MET B 202 -14.19 -14.80 -15.27
C MET B 202 -13.15 -15.90 -15.07
N TRP B 203 -13.05 -16.84 -15.99
CA TRP B 203 -12.07 -17.92 -15.89
C TRP B 203 -10.79 -17.44 -16.56
N ASP B 204 -9.72 -17.31 -15.78
CA ASP B 204 -8.47 -16.80 -16.29
C ASP B 204 -7.59 -17.96 -16.74
N HIS B 205 -6.36 -17.65 -17.12
CA HIS B 205 -5.41 -18.68 -17.50
C HIS B 205 -5.20 -19.67 -16.36
N ALA B 206 -4.85 -19.16 -15.19
CA ALA B 206 -4.56 -20.04 -14.05
C ALA B 206 -5.76 -20.91 -13.73
N LYS B 207 -6.98 -20.39 -13.87
CA LYS B 207 -8.16 -21.15 -13.49
C LYS B 207 -8.60 -22.11 -14.58
N GLN B 208 -8.57 -21.69 -15.85
CA GLN B 208 -8.81 -22.63 -16.93
C GLN B 208 -7.70 -23.67 -17.05
N SER B 209 -6.57 -23.45 -16.36
CA SER B 209 -5.61 -24.52 -16.11
C SER B 209 -6.03 -25.37 -14.92
N LEU B 210 -6.38 -24.72 -13.80
CA LEU B 210 -6.86 -25.44 -12.62
C LEU B 210 -8.16 -26.16 -12.92
N PHE B 211 -9.04 -25.54 -13.68
CA PHE B 211 -10.15 -26.21 -14.31
C PHE B 211 -9.68 -26.64 -15.70
N ASN B 212 -9.48 -27.93 -15.90
CA ASN B 212 -9.29 -28.42 -17.26
C ASN B 212 -10.69 -28.75 -17.73
N TRP B 213 -11.22 -27.88 -18.58
CA TRP B 213 -12.63 -27.89 -18.91
C TRP B 213 -12.81 -28.66 -20.22
N LEU B 214 -13.64 -29.68 -20.17
CA LEU B 214 -14.13 -30.33 -21.38
C LEU B 214 -15.45 -29.64 -21.70
N TRP B 215 -15.49 -28.89 -22.79
CA TRP B 215 -16.68 -28.12 -23.14
C TRP B 215 -17.56 -28.90 -24.11
N TYR B 216 -18.86 -28.93 -23.84
CA TYR B 216 -19.70 -29.83 -24.63
C TYR B 216 -20.85 -29.06 -25.27
N GLU B 217 -21.21 -29.48 -26.49
CA GLU B 217 -22.31 -28.86 -27.20
C GLU B 217 -23.46 -28.63 -26.24
N THR B 218 -24.02 -29.73 -25.75
CA THR B 218 -24.96 -29.69 -24.63
C THR B 218 -26.04 -28.65 -24.86
N THR B 219 -26.43 -28.48 -26.10
CA THR B 219 -27.43 -27.46 -26.39
C THR B 219 -28.76 -28.02 -25.90
N THR B 220 -29.30 -27.38 -24.87
CA THR B 220 -30.40 -27.94 -24.09
C THR B 220 -31.64 -27.05 -24.28
N TYR B 221 -32.78 -27.68 -24.52
CA TYR B 221 -34.00 -26.94 -24.75
C TYR B 221 -34.93 -26.87 -23.54
N SER B 222 -34.63 -27.57 -22.43
CA SER B 222 -35.63 -27.65 -21.38
C SER B 222 -35.56 -26.40 -20.51
N PRO B 223 -36.71 -25.89 -20.04
CA PRO B 223 -36.55 -24.82 -19.04
C PRO B 223 -35.88 -25.42 -17.80
N TYR B 224 -35.24 -24.68 -16.89
CA TYR B 224 -35.42 -23.27 -16.58
C TYR B 224 -36.84 -23.15 -16.04
N THR B 225 -37.13 -24.04 -15.10
CA THR B 225 -38.31 -23.97 -14.25
C THR B 225 -37.91 -23.76 -12.80
N GLU B 226 -37.19 -24.70 -12.19
CA GLU B 226 -36.61 -24.47 -10.88
C GLU B 226 -35.48 -23.44 -10.93
N GLU B 227 -34.85 -23.23 -12.09
CA GLU B 227 -33.85 -22.16 -12.25
C GLU B 227 -34.55 -20.83 -12.38
N THR B 228 -35.74 -20.88 -12.95
CA THR B 228 -36.62 -19.77 -13.22
C THR B 228 -37.52 -19.44 -12.04
N SER B 229 -37.65 -20.35 -11.08
CA SER B 229 -38.51 -20.09 -9.91
C SER B 229 -37.92 -19.03 -9.01
N TYR B 230 -36.59 -18.90 -8.99
CA TYR B 230 -35.93 -17.99 -8.08
C TYR B 230 -35.91 -16.56 -8.62
N GLU B 231 -35.65 -16.38 -9.91
CA GLU B 231 -35.54 -15.04 -10.45
C GLU B 231 -36.89 -14.36 -10.40
N ASN B 232 -36.91 -13.12 -9.88
CA ASN B 232 -38.11 -12.32 -9.82
C ASN B 232 -37.99 -11.16 -10.78
N SER B 233 -39.10 -10.81 -11.42
CA SER B 233 -39.16 -9.68 -12.33
C SER B 233 -40.24 -8.72 -11.86
N LEU B 234 -40.35 -7.59 -12.57
CA LEU B 234 -41.12 -6.47 -12.08
C LEU B 234 -42.58 -6.47 -12.50
N LEU B 235 -43.01 -7.31 -13.45
CA LEU B 235 -44.43 -7.34 -13.75
C LEU B 235 -45.26 -7.86 -12.59
N VAL B 236 -44.61 -8.44 -11.58
CA VAL B 236 -45.30 -8.89 -10.39
C VAL B 236 -44.73 -8.15 -9.19
N SER B 241 -53.66 -0.92 -7.43
CA SER B 241 -52.52 -0.04 -7.13
C SER B 241 -51.66 0.17 -8.38
N LEU B 242 -51.01 1.33 -8.45
CA LEU B 242 -50.16 1.67 -9.60
C LEU B 242 -48.85 0.93 -9.53
N PRO B 243 -48.44 0.23 -10.59
CA PRO B 243 -47.18 -0.51 -10.55
C PRO B 243 -45.97 0.41 -10.58
N LEU B 244 -44.81 -0.18 -10.25
CA LEU B 244 -43.59 0.59 -10.13
C LEU B 244 -43.23 1.36 -11.41
N SER B 245 -43.38 0.72 -12.58
CA SER B 245 -42.86 1.32 -13.81
C SER B 245 -43.72 2.49 -14.30
N SER B 246 -45.03 2.45 -14.07
CA SER B 246 -45.88 3.62 -14.33
C SER B 246 -45.55 4.76 -13.37
N LEU B 247 -45.28 4.43 -12.11
CA LEU B 247 -44.83 5.42 -11.14
C LEU B 247 -43.56 6.11 -11.61
N THR B 248 -42.53 5.32 -11.96
CA THR B 248 -41.29 5.87 -12.49
C THR B 248 -41.55 6.71 -13.75
N HIS B 249 -42.43 6.23 -14.64
CA HIS B 249 -42.70 6.95 -15.88
C HIS B 249 -43.34 8.31 -15.61
N VAL B 250 -44.25 8.39 -14.63
CA VAL B 250 -44.80 9.69 -14.24
C VAL B 250 -43.71 10.59 -13.67
N LEU B 251 -42.86 10.03 -12.80
CA LEU B 251 -41.91 10.86 -12.06
C LEU B 251 -40.70 11.30 -12.88
N ARG B 252 -40.42 10.66 -14.02
CA ARG B 252 -39.20 10.97 -14.77
C ARG B 252 -39.29 12.30 -15.54
N SER B 253 -40.49 12.81 -15.79
CA SER B 253 -40.66 14.07 -16.49
C SER B 253 -40.76 15.27 -15.56
N LEU B 254 -40.63 15.06 -14.25
CA LEU B 254 -40.69 16.15 -13.29
C LEU B 254 -39.26 16.66 -13.02
N THR B 255 -39.17 17.67 -12.16
CA THR B 255 -37.89 18.26 -11.82
C THR B 255 -37.19 17.40 -10.78
N PRO B 256 -35.87 17.59 -10.59
CA PRO B 256 -35.19 16.86 -9.50
C PRO B 256 -35.81 17.12 -8.13
N ASN B 257 -36.16 18.37 -7.82
CA ASN B 257 -36.72 18.71 -6.52
C ASN B 257 -38.12 18.10 -6.33
N ALA B 258 -38.89 17.94 -7.40
CA ALA B 258 -40.19 17.29 -7.28
C ALA B 258 -40.04 15.81 -6.91
N ARG B 259 -39.10 15.11 -7.55
CA ARG B 259 -38.78 13.73 -7.17
C ARG B 259 -38.29 13.67 -5.72
N GLY B 260 -37.47 14.64 -5.30
CA GLY B 260 -37.05 14.69 -3.90
C GLY B 260 -38.23 14.82 -2.94
N ILE B 261 -39.17 15.71 -3.26
CA ILE B 261 -40.38 15.85 -2.45
C ILE B 261 -41.09 14.50 -2.34
N PHE B 262 -41.31 13.83 -3.48
CA PHE B 262 -42.03 12.56 -3.46
C PHE B 262 -41.29 11.51 -2.61
N ARG B 263 -39.97 11.44 -2.74
CA ARG B 263 -39.20 10.47 -1.95
C ARG B 263 -39.29 10.77 -0.46
N LEU B 264 -39.31 12.05 -0.09
CA LEU B 264 -39.46 12.41 1.32
C LEU B 264 -40.81 11.93 1.86
N LEU B 265 -41.88 12.17 1.10
CA LEU B 265 -43.20 11.72 1.55
C LEU B 265 -43.27 10.18 1.62
N ILE B 266 -42.68 9.48 0.65
CA ILE B 266 -42.59 8.01 0.75
C ILE B 266 -41.92 7.64 2.06
N LYS B 267 -40.73 8.19 2.30
CA LYS B 267 -39.97 7.84 3.50
C LYS B 267 -40.84 7.96 4.74
N TYR B 268 -41.57 9.07 4.88
CA TYR B 268 -42.44 9.24 6.04
C TYR B 268 -43.52 8.16 6.10
N GLN B 269 -44.08 7.78 4.94
CA GLN B 269 -45.12 6.77 4.92
C GLN B 269 -44.60 5.39 5.33
N LEU B 270 -43.39 5.04 4.87
CA LEU B 270 -42.86 3.70 5.11
C LEU B 270 -42.34 3.54 6.53
N ASP B 271 -41.69 4.58 7.08
CA ASP B 271 -41.15 4.43 8.43
C ASP B 271 -42.24 4.22 9.46
N ASN B 272 -43.42 4.82 9.25
CA ASN B 272 -44.53 4.75 10.18
C ASN B 272 -45.55 3.69 9.82
N GLN B 273 -45.30 2.90 8.77
CA GLN B 273 -46.34 2.02 8.22
C GLN B 273 -46.92 1.05 9.25
N ASP B 274 -46.20 0.75 10.32
CA ASP B 274 -46.70 -0.17 11.35
C ASP B 274 -47.47 0.53 12.45
N ASN B 275 -47.69 1.83 12.34
CA ASN B 275 -48.41 2.59 13.35
C ASN B 275 -49.81 2.91 12.82
N PRO B 276 -50.88 2.33 13.37
CA PRO B 276 -52.23 2.66 12.85
C PRO B 276 -52.63 4.12 13.07
N SER B 277 -51.97 4.83 13.98
CA SER B 277 -52.32 6.21 14.30
C SER B 277 -51.61 7.23 13.41
N TYR B 278 -50.71 6.81 12.52
CA TYR B 278 -50.12 7.73 11.57
C TYR B 278 -51.07 7.82 10.38
N ILE B 279 -51.69 8.98 10.21
CA ILE B 279 -52.58 9.26 9.08
C ILE B 279 -51.89 10.12 8.03
N GLY B 280 -50.60 10.41 8.19
CA GLY B 280 -49.84 11.22 7.25
C GLY B 280 -49.47 12.58 7.81
N LEU B 281 -48.82 13.36 6.94
CA LEU B 281 -48.34 14.70 7.27
C LEU B 281 -49.31 15.77 6.79
N SER B 282 -49.49 16.80 7.62
CA SER B 282 -50.15 18.03 7.21
C SER B 282 -49.28 18.78 6.19
N PHE B 283 -49.88 19.75 5.51
CA PHE B 283 -49.12 20.53 4.54
C PHE B 283 -48.09 21.46 5.21
N GLN B 284 -48.42 22.05 6.37
CA GLN B 284 -47.45 22.91 7.05
C GLN B 284 -46.24 22.11 7.52
N ASP B 285 -46.48 20.92 8.08
CA ASP B 285 -45.39 20.07 8.54
C ASP B 285 -44.54 19.62 7.37
N PHE B 286 -45.17 19.06 6.33
CA PHE B 286 -44.43 18.59 5.17
C PHE B 286 -43.73 19.75 4.47
N TYR B 287 -44.28 20.96 4.56
CA TYR B 287 -43.66 22.14 3.96
C TYR B 287 -42.40 22.56 4.72
N GLN B 288 -42.45 22.50 6.05
CA GLN B 288 -41.24 22.73 6.85
C GLN B 288 -40.20 21.67 6.57
N GLN B 289 -40.62 20.40 6.45
CA GLN B 289 -39.68 19.33 6.16
C GLN B 289 -39.05 19.50 4.79
N CYS B 290 -39.83 19.92 3.81
CA CYS B 290 -39.28 20.16 2.48
C CYS B 290 -38.34 21.36 2.49
N ARG B 291 -38.71 22.45 3.19
CA ARG B 291 -37.81 23.60 3.31
C ARG B 291 -36.47 23.20 3.91
N GLU B 292 -36.48 22.40 4.99
CA GLU B 292 -35.22 22.03 5.63
C GLU B 292 -34.32 21.18 4.73
N ALA B 293 -34.90 20.47 3.75
CA ALA B 293 -34.14 19.69 2.78
C ALA B 293 -33.86 20.47 1.51
N PHE B 294 -34.29 21.73 1.43
CA PHE B 294 -34.02 22.59 0.28
C PHE B 294 -34.68 22.05 -0.98
N LEU B 295 -35.82 21.37 -0.79
CA LEU B 295 -36.66 20.89 -1.88
C LEU B 295 -37.62 21.98 -2.39
N VAL B 296 -38.08 22.88 -1.52
CA VAL B 296 -39.06 23.91 -1.89
C VAL B 296 -38.82 25.17 -1.06
N ASN B 297 -38.86 26.35 -1.70
CA ASN B 297 -38.76 27.59 -0.94
CA ASN B 297 -38.75 27.65 -1.06
C ASN B 297 -40.08 28.32 -0.75
N SER B 298 -41.19 27.86 -1.30
CA SER B 298 -42.42 28.62 -1.13
C SER B 298 -43.64 27.73 -0.98
N ASP B 299 -44.62 28.27 -0.25
CA ASP B 299 -45.96 27.68 -0.20
C ASP B 299 -46.48 27.39 -1.61
N LEU B 300 -46.40 28.37 -2.51
CA LEU B 300 -47.05 28.26 -3.82
C LEU B 300 -46.47 27.09 -4.64
N THR B 301 -45.15 26.90 -4.58
CA THR B 301 -44.52 25.85 -5.38
CA THR B 301 -44.52 25.85 -5.38
C THR B 301 -44.80 24.46 -4.82
N LEU B 302 -44.84 24.31 -3.48
CA LEU B 302 -45.15 23.01 -2.91
C LEU B 302 -46.62 22.65 -3.12
N ARG B 303 -47.51 23.64 -3.01
CA ARG B 303 -48.93 23.40 -3.24
C ARG B 303 -49.18 23.02 -4.69
N ALA B 304 -48.57 23.75 -5.62
CA ALA B 304 -48.67 23.38 -7.03
C ALA B 304 -48.13 21.96 -7.26
N GLN B 305 -47.02 21.61 -6.60
CA GLN B 305 -46.43 20.28 -6.80
C GLN B 305 -47.32 19.17 -6.24
N LEU B 306 -47.95 19.41 -5.08
CA LEU B 306 -48.86 18.41 -4.52
C LEU B 306 -50.14 18.29 -5.34
N THR B 307 -50.59 19.38 -5.98
CA THR B 307 -51.75 19.29 -6.86
C THR B 307 -51.41 18.49 -8.12
N GLU B 308 -50.27 18.76 -8.76
CA GLU B 308 -49.85 17.97 -9.91
C GLU B 308 -49.73 16.49 -9.54
N PHE B 309 -49.20 16.19 -8.34
CA PHE B 309 -49.20 14.81 -7.86
C PHE B 309 -50.63 14.26 -7.76
N ARG B 310 -51.56 15.04 -7.20
CA ARG B 310 -52.90 14.51 -6.97
C ARG B 310 -53.64 14.23 -8.28
N ASP B 311 -53.34 14.99 -9.35
CA ASP B 311 -53.96 14.71 -10.66
C ASP B 311 -53.48 13.38 -11.25
N HIS B 312 -52.25 12.96 -10.93
CA HIS B 312 -51.70 11.67 -11.33
C HIS B 312 -52.13 10.54 -10.40
N LYS B 313 -52.84 10.85 -9.32
CA LYS B 313 -53.23 9.89 -8.27
C LYS B 313 -52.04 9.40 -7.45
N LEU B 314 -51.01 10.24 -7.26
CA LEU B 314 -49.84 9.93 -6.43
C LEU B 314 -49.91 10.51 -5.01
N ILE B 315 -50.95 11.29 -4.67
CA ILE B 315 -51.26 11.58 -3.27
C ILE B 315 -52.78 11.52 -3.09
N ARG B 316 -53.18 11.30 -1.84
CA ARG B 316 -54.56 11.37 -1.39
C ARG B 316 -54.55 12.07 -0.03
N THR B 317 -55.56 12.91 0.20
CA THR B 317 -55.68 13.68 1.43
C THR B 317 -56.83 13.13 2.27
N LYS B 318 -56.66 13.15 3.60
CA LYS B 318 -57.70 12.71 4.51
C LYS B 318 -57.83 13.76 5.60
N LYS B 319 -59.04 14.25 5.80
CA LYS B 319 -59.26 15.22 6.87
C LYS B 319 -59.09 14.53 8.22
N GLY B 320 -58.19 15.07 9.06
CA GLY B 320 -58.10 14.62 10.43
C GLY B 320 -59.33 15.02 11.21
N THR B 321 -59.32 14.65 12.49
CA THR B 321 -60.33 15.18 13.41
C THR B 321 -60.33 16.69 13.41
N ASP B 322 -59.17 17.30 13.20
CA ASP B 322 -59.04 18.74 13.38
C ASP B 322 -59.48 19.55 12.17
N GLY B 323 -59.97 18.89 11.11
CA GLY B 323 -60.29 19.59 9.88
C GLY B 323 -59.12 19.85 8.97
N VAL B 324 -57.92 19.38 9.36
CA VAL B 324 -56.66 19.59 8.63
C VAL B 324 -56.48 18.45 7.62
N GLU B 325 -55.99 18.78 6.41
CA GLU B 325 -55.76 17.78 5.38
C GLU B 325 -54.44 17.06 5.62
N TYR B 326 -54.48 15.73 5.70
CA TYR B 326 -53.30 14.93 5.94
C TYR B 326 -52.93 14.13 4.69
N LEU B 327 -51.65 14.16 4.34
CA LEU B 327 -51.14 13.69 3.06
C LEU B 327 -50.64 12.25 3.19
N LEU B 328 -51.23 11.34 2.40
CA LEU B 328 -50.75 9.97 2.23
C LEU B 328 -50.52 9.72 0.74
N ILE B 329 -49.73 8.71 0.42
CA ILE B 329 -49.58 8.24 -0.96
C ILE B 329 -50.41 7.01 -1.14
N PRO B 330 -51.42 6.93 -2.23
CA PRO B 330 -52.26 5.75 -2.41
C PRO B 330 -51.63 4.69 -3.32
N VAL B 331 -50.42 4.26 -2.94
CA VAL B 331 -49.68 3.23 -3.66
C VAL B 331 -49.20 2.20 -2.63
N ASP B 332 -49.21 0.92 -3.01
CA ASP B 332 -48.77 -0.14 -2.11
C ASP B 332 -47.39 0.18 -1.55
N ASN B 333 -47.21 -0.05 -0.25
CA ASN B 333 -45.92 0.24 0.38
C ASN B 333 -44.81 -0.70 -0.10
N GLY B 334 -45.15 -1.89 -0.59
CA GLY B 334 -44.14 -2.70 -1.27
C GLY B 334 -43.63 -2.03 -2.53
N THR B 335 -44.55 -1.47 -3.34
CA THR B 335 -44.15 -0.77 -4.56
C THR B 335 -43.33 0.48 -4.23
N LEU B 336 -43.71 1.23 -3.19
CA LEU B 336 -42.92 2.41 -2.81
C LEU B 336 -41.54 2.00 -2.30
N THR B 337 -41.48 0.95 -1.48
CA THR B 337 -40.19 0.41 -1.06
C THR B 337 -39.30 0.11 -2.27
N ASP B 338 -39.82 -0.67 -3.23
CA ASP B 338 -39.07 -0.96 -4.46
C ASP B 338 -38.63 0.33 -5.18
N PHE B 339 -39.50 1.35 -5.21
CA PHE B 339 -39.13 2.62 -5.85
C PHE B 339 -37.92 3.26 -5.16
N LEU B 340 -37.89 3.30 -3.82
CA LEU B 340 -36.74 3.88 -3.12
C LEU B 340 -35.46 3.06 -3.31
N GLU B 341 -35.59 1.73 -3.44
CA GLU B 341 -34.41 0.91 -3.72
C GLU B 341 -33.90 1.08 -5.15
N LYS B 342 -34.75 1.55 -6.08
CA LYS B 342 -34.26 1.86 -7.43
C LYS B 342 -33.64 3.25 -7.48
N GLU B 343 -34.26 4.23 -6.83
CA GLU B 343 -33.81 5.61 -6.97
C GLU B 343 -32.41 5.84 -6.39
N GLU B 344 -31.91 4.90 -5.58
CA GLU B 344 -30.52 4.81 -5.15
C GLU B 344 -30.08 3.35 -5.29
N LYS C 41 -8.00 -50.05 -21.31
CA LYS C 41 -7.99 -50.84 -22.54
C LYS C 41 -6.60 -50.80 -23.15
N LEU C 42 -6.33 -51.73 -24.05
CA LEU C 42 -5.00 -51.80 -24.65
C LEU C 42 -4.53 -50.42 -25.08
N ARG C 43 -5.43 -49.62 -25.65
CA ARG C 43 -5.07 -48.28 -26.07
C ARG C 43 -4.68 -47.38 -24.92
N PHE C 44 -5.09 -47.69 -23.70
CA PHE C 44 -4.67 -46.91 -22.54
C PHE C 44 -3.37 -47.39 -21.96
N GLU C 45 -3.10 -48.69 -21.99
CA GLU C 45 -1.74 -49.12 -21.73
C GLU C 45 -0.81 -48.39 -22.71
N THR C 46 -1.19 -48.37 -23.98
CA THR C 46 -0.45 -47.58 -24.96
C THR C 46 -0.48 -46.10 -24.61
N TYR C 47 -1.59 -45.61 -24.07
CA TYR C 47 -1.60 -44.22 -23.63
C TYR C 47 -0.46 -44.03 -22.64
N GLN C 48 -0.60 -44.51 -21.41
CA GLN C 48 0.41 -44.27 -20.38
C GLN C 48 1.82 -44.51 -20.93
N LEU C 49 2.00 -45.57 -21.72
CA LEU C 49 3.28 -45.82 -22.38
C LEU C 49 3.73 -44.57 -23.12
N ILE C 50 3.02 -44.23 -24.18
CA ILE C 50 3.37 -43.10 -25.01
C ILE C 50 3.42 -41.85 -24.15
N TRP C 51 2.30 -41.55 -23.50
CA TRP C 51 2.07 -40.42 -22.62
C TRP C 51 3.26 -40.11 -21.74
N GLN C 52 3.59 -41.00 -20.80
CA GLN C 52 4.71 -40.72 -19.90
C GLN C 52 6.06 -40.84 -20.61
N GLN C 53 6.14 -41.56 -21.72
CA GLN C 53 7.31 -41.41 -22.59
C GLN C 53 7.42 -39.97 -23.09
N MET C 54 6.27 -39.35 -23.35
CA MET C 54 6.21 -38.03 -23.97
C MET C 54 6.59 -36.97 -22.96
N LYS C 55 5.85 -36.88 -21.85
CA LYS C 55 6.25 -35.95 -20.80
C LYS C 55 7.60 -36.29 -20.22
N SER C 56 8.00 -37.55 -20.27
CA SER C 56 9.35 -37.90 -19.87
C SER C 56 10.34 -37.15 -20.73
N GLU C 57 10.41 -37.51 -22.01
CA GLU C 57 11.34 -36.86 -22.92
C GLU C 57 11.12 -35.36 -22.97
N ASN C 58 9.90 -34.90 -22.73
CA ASN C 58 9.62 -33.46 -22.64
C ASN C 58 10.33 -32.84 -21.46
N GLU C 59 10.27 -33.49 -20.31
CA GLU C 59 10.89 -32.95 -19.12
C GLU C 59 12.40 -33.10 -19.17
N ARG C 60 12.88 -34.15 -19.83
CA ARG C 60 14.31 -34.34 -20.03
C ARG C 60 14.85 -33.30 -21.00
N LEU C 61 14.26 -33.21 -22.20
CA LEU C 61 14.63 -32.16 -23.14
C LEU C 61 14.43 -30.77 -22.53
N GLN C 62 13.44 -30.63 -21.65
CA GLN C 62 13.36 -29.43 -20.84
C GLN C 62 14.62 -29.28 -20.01
N GLU C 63 15.13 -30.40 -19.50
CA GLU C 63 16.32 -30.38 -18.66
C GLU C 63 17.59 -30.13 -19.48
N GLU C 64 17.61 -30.47 -20.78
CA GLU C 64 18.76 -30.20 -21.64
C GLU C 64 18.75 -28.77 -22.16
N LEU C 65 17.63 -28.36 -22.76
CA LEU C 65 17.46 -26.97 -23.15
C LEU C 65 17.74 -26.08 -21.96
N ASN C 66 17.36 -26.54 -20.77
CA ASN C 66 18.01 -26.08 -19.57
C ASN C 66 19.52 -26.23 -19.77
N LYS C 67 20.02 -27.47 -19.76
CA LYS C 67 21.42 -27.76 -19.49
C LYS C 67 22.40 -26.84 -20.19
N ASN C 68 22.12 -26.39 -21.40
CA ASN C 68 22.98 -25.34 -21.93
C ASN C 68 22.74 -24.04 -21.15
N LEU C 69 21.48 -23.72 -20.87
CA LEU C 69 21.16 -22.50 -20.14
C LEU C 69 21.46 -22.60 -18.65
N PHE C 70 21.34 -23.79 -18.07
CA PHE C 70 21.64 -24.00 -16.66
C PHE C 70 23.11 -24.22 -16.44
N ASP C 71 23.77 -24.97 -17.33
CA ASP C 71 25.22 -24.97 -17.31
C ASP C 71 25.76 -23.57 -17.54
N ASN C 72 24.98 -22.71 -18.21
CA ASN C 72 25.34 -21.32 -18.32
C ASN C 72 24.78 -20.45 -17.19
N LEU C 73 23.91 -21.01 -16.36
CA LEU C 73 23.48 -20.33 -15.13
C LEU C 73 24.50 -20.54 -14.03
N ILE C 74 24.99 -21.77 -13.90
CA ILE C 74 26.07 -22.06 -12.97
C ILE C 74 27.42 -21.69 -13.57
N GLU C 75 27.52 -21.57 -14.90
CA GLU C 75 28.74 -21.03 -15.49
C GLU C 75 28.75 -19.51 -15.49
N PHE C 76 27.59 -18.85 -15.61
CA PHE C 76 27.55 -17.42 -15.31
C PHE C 76 27.79 -17.19 -13.83
N LEU C 77 26.94 -17.81 -12.99
CA LEU C 77 27.07 -17.62 -11.56
C LEU C 77 28.46 -17.98 -11.08
N GLN C 78 29.11 -18.97 -11.72
CA GLN C 78 30.50 -19.28 -11.41
C GLN C 78 31.49 -18.44 -12.21
N LYS C 79 31.02 -17.61 -13.13
CA LYS C 79 31.87 -16.58 -13.72
C LYS C 79 31.94 -15.34 -12.82
N SER C 80 30.81 -14.93 -12.25
CA SER C 80 30.80 -13.83 -11.28
C SER C 80 31.37 -14.27 -9.94
N HIS C 81 31.19 -15.55 -9.58
CA HIS C 81 31.90 -16.09 -8.42
C HIS C 81 33.35 -16.37 -8.77
N SER C 82 33.64 -16.67 -10.03
CA SER C 82 35.02 -16.57 -10.50
C SER C 82 35.48 -15.12 -10.47
N GLY C 83 34.66 -14.21 -11.01
CA GLY C 83 34.95 -12.80 -10.98
C GLY C 83 33.75 -11.95 -11.33
N LEU C 97 30.85 -3.27 -3.11
CA LEU C 97 30.09 -3.23 -1.87
C LEU C 97 28.74 -2.59 -2.07
N ARG C 98 27.82 -2.91 -1.15
CA ARG C 98 26.44 -2.43 -1.18
C ARG C 98 25.84 -2.53 -2.58
N GLU C 99 26.13 -3.61 -3.32
CA GLU C 99 25.58 -3.84 -4.66
C GLU C 99 25.19 -5.31 -4.83
N ILE C 100 23.91 -5.58 -5.14
CA ILE C 100 23.43 -6.94 -5.34
C ILE C 100 23.67 -7.31 -6.82
N PRO C 101 24.59 -8.21 -7.12
CA PRO C 101 24.61 -8.76 -8.49
C PRO C 101 23.41 -9.67 -8.67
N THR C 102 22.95 -9.83 -9.91
CA THR C 102 21.76 -10.62 -10.16
C THR C 102 21.88 -11.37 -11.47
N ALA C 103 20.96 -12.31 -11.67
CA ALA C 103 20.83 -13.08 -12.91
C ALA C 103 19.44 -12.86 -13.50
N ALA C 104 19.39 -12.38 -14.73
CA ALA C 104 18.12 -12.11 -15.41
C ALA C 104 17.84 -13.17 -16.46
N LEU C 105 16.83 -14.00 -16.19
CA LEU C 105 16.39 -15.05 -17.09
C LEU C 105 15.10 -14.63 -17.77
N VAL C 106 15.01 -14.87 -19.07
CA VAL C 106 13.83 -14.49 -19.84
C VAL C 106 13.11 -15.78 -20.24
N LEU C 107 12.01 -16.07 -19.56
CA LEU C 107 11.11 -17.19 -19.88
C LEU C 107 9.83 -16.61 -20.46
N GLY C 108 9.65 -16.76 -21.77
CA GLY C 108 8.47 -16.17 -22.37
C GLY C 108 7.19 -16.87 -21.96
N VAL C 109 6.34 -16.15 -21.23
CA VAL C 109 4.90 -16.36 -21.17
C VAL C 109 4.53 -17.84 -21.13
N ASN C 110 5.19 -18.62 -20.28
CA ASN C 110 4.65 -19.91 -19.84
C ASN C 110 4.95 -20.10 -18.36
N VAL C 111 3.92 -20.46 -17.59
CA VAL C 111 3.99 -20.44 -16.13
C VAL C 111 4.43 -21.78 -15.57
N THR C 112 3.54 -22.76 -15.61
CA THR C 112 3.70 -23.94 -14.78
C THR C 112 4.76 -24.91 -15.32
N ASP C 113 5.00 -24.92 -16.63
CA ASP C 113 5.98 -25.83 -17.18
C ASP C 113 7.36 -25.62 -16.56
N HIS C 114 7.68 -24.39 -16.16
CA HIS C 114 9.00 -24.07 -15.65
C HIS C 114 9.12 -24.14 -14.13
N ASP C 115 8.01 -24.31 -13.39
CA ASP C 115 8.14 -24.55 -11.96
C ASP C 115 8.98 -25.79 -11.70
N LEU C 116 8.98 -26.73 -12.65
CA LEU C 116 9.85 -27.89 -12.54
C LEU C 116 11.28 -27.45 -12.33
N THR C 117 11.75 -26.55 -13.19
CA THR C 117 13.17 -26.20 -13.19
C THR C 117 13.53 -25.22 -12.09
N PHE C 118 12.56 -24.63 -11.41
CA PHE C 118 12.84 -23.93 -10.16
C PHE C 118 12.95 -24.91 -9.00
N GLY C 119 12.12 -25.95 -8.99
CA GLY C 119 12.41 -27.08 -8.14
C GLY C 119 13.79 -27.66 -8.41
N SER C 120 14.22 -27.63 -9.68
CA SER C 120 15.53 -28.12 -10.08
C SER C 120 16.63 -27.10 -9.92
N LEU C 121 16.32 -25.83 -9.67
CA LEU C 121 17.35 -24.90 -9.22
C LEU C 121 17.52 -25.00 -7.71
N THR C 122 16.41 -25.13 -6.98
CA THR C 122 16.51 -25.53 -5.58
C THR C 122 17.40 -26.75 -5.46
N GLU C 123 17.16 -27.75 -6.31
CA GLU C 123 17.94 -28.97 -6.27
C GLU C 123 19.34 -28.76 -6.82
N ALA C 124 19.43 -28.43 -8.12
CA ALA C 124 20.73 -28.36 -8.80
C ALA C 124 21.67 -27.39 -8.12
N LEU C 125 21.17 -26.24 -7.70
CA LEU C 125 22.02 -25.31 -6.98
C LEU C 125 22.06 -25.60 -5.49
N GLN C 126 21.32 -26.58 -4.98
CA GLN C 126 21.82 -27.19 -3.76
C GLN C 126 22.88 -28.26 -4.03
N ASN C 127 23.02 -28.73 -5.29
CA ASN C 127 23.84 -29.89 -5.62
C ASN C 127 25.32 -29.55 -5.82
N ASN C 128 25.64 -28.43 -6.46
CA ASN C 128 27.04 -28.10 -6.71
C ASN C 128 27.88 -27.99 -5.43
N VAL C 129 27.24 -27.90 -4.25
CA VAL C 129 27.88 -27.68 -2.96
C VAL C 129 28.13 -26.19 -2.82
N THR C 130 28.01 -25.49 -3.92
CA THR C 130 27.82 -24.05 -4.01
C THR C 130 26.46 -23.81 -3.36
N PRO C 131 25.68 -22.84 -3.76
CA PRO C 131 24.78 -22.16 -2.82
C PRO C 131 23.85 -23.00 -1.97
N TYR C 132 23.01 -22.29 -1.24
CA TYR C 132 21.75 -22.81 -0.70
C TYR C 132 20.68 -21.86 -1.18
N VAL C 133 19.81 -22.32 -2.04
CA VAL C 133 19.05 -21.41 -2.86
C VAL C 133 17.65 -21.26 -2.30
N VAL C 134 17.10 -20.06 -2.49
CA VAL C 134 15.80 -19.67 -2.01
C VAL C 134 15.06 -18.99 -3.14
N SER C 135 13.73 -19.10 -3.14
CA SER C 135 12.91 -18.48 -4.15
C SER C 135 11.80 -17.65 -3.51
N LEU C 136 11.78 -16.36 -3.82
CA LEU C 136 10.75 -15.44 -3.36
C LEU C 136 9.79 -15.14 -4.52
N GLN C 137 8.53 -15.49 -4.33
CA GLN C 137 7.48 -15.15 -5.28
C GLN C 137 6.97 -13.73 -4.99
N ALA C 138 6.56 -13.02 -6.04
CA ALA C 138 6.15 -11.63 -5.87
C ALA C 138 4.76 -11.51 -5.25
N LYS C 139 3.82 -12.37 -5.66
CA LYS C 139 2.48 -12.32 -5.08
C LYS C 139 2.46 -12.80 -3.64
N ASP C 140 3.43 -13.60 -3.23
CA ASP C 140 3.56 -14.04 -1.85
C ASP C 140 3.81 -12.84 -0.95
N CYS C 141 3.95 -11.69 -1.57
CA CYS C 141 4.96 -10.71 -1.17
C CYS C 141 4.41 -9.30 -1.30
N PRO C 142 3.30 -8.99 -0.62
CA PRO C 142 2.76 -7.63 -0.65
C PRO C 142 3.53 -6.63 0.21
N ASP C 143 3.97 -7.08 1.38
CA ASP C 143 4.61 -6.23 2.36
C ASP C 143 6.12 -6.44 2.35
N MET C 144 6.81 -5.68 3.19
CA MET C 144 8.25 -5.82 3.33
C MET C 144 8.64 -6.94 4.27
N LYS C 145 7.68 -7.50 4.99
CA LYS C 145 8.02 -8.48 6.01
C LYS C 145 8.18 -9.88 5.43
N HIS C 146 7.29 -10.30 4.53
CA HIS C 146 7.26 -11.69 4.08
C HIS C 146 8.48 -12.08 3.27
N PHE C 147 9.17 -11.11 2.65
CA PHE C 147 10.37 -11.44 1.90
C PHE C 147 11.55 -11.73 2.80
N LEU C 148 11.71 -10.96 3.89
CA LEU C 148 12.82 -11.23 4.79
C LEU C 148 12.51 -12.45 5.64
N GLN C 149 11.23 -12.61 5.98
CA GLN C 149 10.77 -13.81 6.67
C GLN C 149 11.04 -15.05 5.84
N LYS C 150 10.61 -15.07 4.58
CA LYS C 150 10.89 -16.21 3.72
C LYS C 150 12.33 -16.23 3.24
N LEU C 151 12.98 -15.08 3.16
CA LEU C 151 14.41 -14.99 2.94
C LEU C 151 14.96 -16.08 3.85
N ILE C 152 14.76 -15.85 5.14
CA ILE C 152 15.53 -16.59 6.11
C ILE C 152 14.91 -17.94 6.42
N SER C 153 13.59 -17.99 6.53
CA SER C 153 12.94 -19.28 6.57
C SER C 153 13.53 -20.17 5.51
N GLN C 154 13.80 -19.60 4.33
CA GLN C 154 14.20 -20.40 3.18
C GLN C 154 15.70 -20.70 3.16
N LEU C 155 16.59 -19.91 3.79
CA LEU C 155 17.98 -20.39 3.90
C LEU C 155 18.33 -21.10 5.21
N MET C 156 17.46 -21.08 6.19
CA MET C 156 17.56 -22.10 7.21
C MET C 156 16.93 -23.39 6.72
N ASP C 157 15.95 -23.27 5.82
CA ASP C 157 15.26 -24.42 5.25
C ASP C 157 16.06 -25.05 4.11
N CYS C 158 16.73 -24.22 3.29
CA CYS C 158 17.58 -24.77 2.24
C CYS C 158 18.64 -25.71 2.83
N CYS C 159 18.86 -25.63 4.13
CA CYS C 159 19.75 -26.51 4.87
C CYS C 159 19.09 -27.80 5.32
N VAL C 160 17.78 -27.97 5.08
CA VAL C 160 17.01 -29.09 5.65
C VAL C 160 16.72 -30.19 4.62
N ASP C 161 15.97 -29.85 3.56
CA ASP C 161 15.31 -30.87 2.74
C ASP C 161 16.25 -31.98 2.31
N ILE C 162 17.55 -31.69 2.20
CA ILE C 162 18.49 -32.67 1.66
C ILE C 162 18.95 -33.68 2.69
N LYS C 163 18.59 -33.50 3.97
CA LYS C 163 19.12 -34.38 5.01
C LYS C 163 18.57 -35.79 4.88
N SER C 164 17.38 -35.95 4.30
CA SER C 164 16.79 -37.27 4.10
C SER C 164 17.68 -38.13 3.21
N TYR C 188 6.72 -25.00 15.96
CA TYR C 188 7.16 -23.71 15.44
C TYR C 188 5.98 -22.86 15.03
N MET C 189 5.06 -23.40 14.21
CA MET C 189 3.90 -22.59 13.84
C MET C 189 4.37 -21.34 13.09
N THR C 190 4.51 -21.46 11.76
CA THR C 190 5.43 -20.71 10.91
C THR C 190 5.47 -19.19 11.13
N VAL C 191 4.63 -18.66 12.00
CA VAL C 191 4.63 -17.23 12.31
C VAL C 191 5.98 -16.71 12.85
N THR C 192 6.93 -17.60 13.12
CA THR C 192 8.05 -17.33 14.01
C THR C 192 9.27 -16.70 13.34
N GLN C 193 9.18 -16.31 12.07
CA GLN C 193 10.36 -15.98 11.28
C GLN C 193 10.42 -14.48 10.99
N LYS C 194 11.65 -13.94 10.93
CA LYS C 194 11.89 -12.51 10.69
C LYS C 194 13.26 -12.34 10.02
N THR C 195 13.71 -11.08 9.96
CA THR C 195 14.77 -10.64 9.05
C THR C 195 16.17 -11.00 9.51
N ASP C 196 16.33 -11.55 10.71
CA ASP C 196 17.66 -11.87 11.25
C ASP C 196 18.36 -13.12 10.66
N PRO C 197 17.74 -14.31 10.72
CA PRO C 197 18.55 -15.56 10.67
C PRO C 197 19.25 -15.91 9.33
N LYS C 198 18.98 -15.25 8.18
CA LYS C 198 19.87 -15.46 7.03
C LYS C 198 21.22 -14.90 7.37
N MET C 199 21.23 -13.66 7.88
CA MET C 199 22.48 -13.00 8.24
C MET C 199 23.26 -13.84 9.24
N LEU C 200 22.57 -14.73 9.95
CA LEU C 200 23.14 -15.70 10.86
C LEU C 200 23.52 -17.04 10.19
N SER C 201 22.78 -17.50 9.18
CA SER C 201 23.09 -18.82 8.60
C SER C 201 24.40 -18.81 7.83
N LYS C 202 24.66 -17.78 7.04
CA LYS C 202 26.00 -17.63 6.47
C LYS C 202 26.90 -16.83 7.40
N LYS C 203 26.46 -16.55 8.62
CA LYS C 203 27.37 -16.26 9.73
C LYS C 203 27.43 -17.46 10.67
N ARG C 204 26.38 -17.70 11.46
CA ARG C 204 26.42 -18.73 12.49
C ARG C 204 26.66 -20.12 11.90
N THR C 205 25.76 -20.62 11.04
CA THR C 205 26.01 -21.96 10.49
C THR C 205 27.36 -21.99 9.80
N THR C 206 27.57 -21.09 8.83
CA THR C 206 28.93 -20.80 8.39
C THR C 206 29.10 -19.30 8.23
N SER C 207 29.85 -18.67 9.12
CA SER C 207 30.43 -17.37 8.81
C SER C 207 31.71 -17.58 8.02
N SER C 208 32.51 -18.54 8.43
CA SER C 208 33.71 -18.93 7.72
C SER C 208 33.39 -20.22 6.98
N GLN C 209 33.19 -20.10 5.67
CA GLN C 209 33.01 -21.26 4.81
C GLN C 209 34.26 -21.97 4.28
N TRP C 210 35.29 -21.26 3.80
CA TRP C 210 35.37 -19.81 3.67
C TRP C 210 34.73 -19.22 2.40
N GLN C 211 34.58 -20.02 1.34
CA GLN C 211 34.09 -19.48 0.08
C GLN C 211 32.58 -19.27 0.20
N SER C 212 32.14 -18.03 0.11
CA SER C 212 30.78 -17.69 0.47
C SER C 212 29.81 -18.44 -0.44
N PRO C 213 28.67 -18.89 0.06
CA PRO C 213 27.68 -19.38 -0.83
C PRO C 213 27.01 -18.23 -1.53
N PRO C 214 26.71 -18.35 -2.81
CA PRO C 214 25.62 -17.53 -3.34
C PRO C 214 24.37 -18.06 -2.68
N VAL C 215 23.46 -17.16 -2.37
CA VAL C 215 22.07 -17.57 -2.35
C VAL C 215 21.43 -16.86 -3.51
N VAL C 216 21.18 -17.61 -4.56
CA VAL C 216 20.51 -17.03 -5.69
C VAL C 216 19.07 -16.92 -5.22
N VAL C 217 18.59 -15.70 -5.02
CA VAL C 217 17.25 -15.53 -4.51
C VAL C 217 16.42 -15.50 -5.78
N ILE C 218 15.76 -16.61 -6.07
CA ILE C 218 15.05 -16.77 -7.32
C ILE C 218 13.80 -15.94 -7.13
N LEU C 219 13.72 -14.84 -7.81
CA LEU C 219 12.56 -14.00 -7.70
C LEU C 219 11.80 -14.40 -8.95
N LYS C 220 10.82 -15.29 -8.76
CA LYS C 220 10.27 -16.03 -9.89
C LYS C 220 9.45 -15.12 -10.77
N ASP C 221 8.72 -14.20 -10.14
CA ASP C 221 8.23 -13.00 -10.79
C ASP C 221 8.83 -11.82 -10.04
N MET C 222 9.73 -11.07 -10.69
CA MET C 222 10.05 -9.73 -10.23
C MET C 222 9.15 -8.67 -10.84
N GLU C 223 8.41 -9.02 -11.88
CA GLU C 223 7.54 -8.06 -12.53
C GLU C 223 6.37 -7.68 -11.61
N SER C 224 5.81 -8.67 -10.91
CA SER C 224 4.70 -8.42 -9.98
C SER C 224 5.16 -7.96 -8.60
N PHE C 225 6.46 -7.90 -8.36
CA PHE C 225 6.97 -7.33 -7.12
C PHE C 225 6.32 -5.97 -6.89
N ALA C 226 5.94 -5.72 -5.65
CA ALA C 226 5.44 -4.39 -5.31
C ALA C 226 6.62 -3.42 -5.38
N THR C 227 6.47 -2.34 -6.15
CA THR C 227 7.60 -1.49 -6.47
C THR C 227 8.18 -0.85 -5.21
N LYS C 228 7.32 -0.30 -4.35
CA LYS C 228 7.79 0.17 -3.04
C LYS C 228 8.58 -0.94 -2.36
N VAL C 229 7.95 -2.11 -2.28
CA VAL C 229 8.59 -3.29 -1.73
C VAL C 229 9.88 -3.60 -2.46
N LEU C 230 9.84 -3.43 -3.78
CA LEU C 230 10.98 -3.79 -4.62
C LEU C 230 12.21 -2.97 -4.30
N GLN C 231 12.07 -1.65 -4.27
CA GLN C 231 13.20 -0.79 -3.96
C GLN C 231 13.57 -0.87 -2.50
N ASP C 232 12.60 -1.12 -1.62
CA ASP C 232 12.93 -1.27 -0.21
C ASP C 232 13.78 -2.51 0.04
N PHE C 233 13.59 -3.57 -0.76
CA PHE C 233 14.45 -4.75 -0.63
C PHE C 233 15.75 -4.61 -1.40
N ILE C 234 15.69 -4.03 -2.59
CA ILE C 234 16.94 -3.91 -3.31
C ILE C 234 17.83 -2.90 -2.62
N ILE C 235 17.23 -1.95 -1.90
CA ILE C 235 17.97 -0.97 -1.13
C ILE C 235 18.34 -1.51 0.25
N ILE C 236 17.44 -2.26 0.91
CA ILE C 236 17.79 -2.81 2.22
C ILE C 236 18.84 -3.91 2.05
N SER C 237 18.58 -4.84 1.14
CA SER C 237 19.52 -5.91 0.87
C SER C 237 20.78 -5.36 0.23
N SER C 238 20.65 -4.42 -0.72
CA SER C 238 21.84 -3.80 -1.28
C SER C 238 22.69 -3.12 -0.21
N GLN C 239 22.06 -2.30 0.63
CA GLN C 239 22.76 -1.63 1.72
C GLN C 239 23.53 -2.63 2.59
N HIS C 240 22.93 -3.79 2.86
CA HIS C 240 23.44 -4.78 3.80
C HIS C 240 24.59 -5.62 3.26
N LEU C 241 24.98 -5.45 1.99
CA LEU C 241 25.54 -6.53 1.21
C LEU C 241 27.00 -6.86 1.47
N HIS C 242 27.43 -7.88 0.71
CA HIS C 242 28.82 -8.31 0.58
C HIS C 242 29.25 -8.99 1.85
N GLU C 243 28.44 -8.84 2.90
CA GLU C 243 28.24 -9.94 3.83
C GLU C 243 27.38 -11.02 3.19
N PHE C 244 26.45 -10.62 2.31
CA PHE C 244 25.63 -11.55 1.52
C PHE C 244 25.71 -11.22 0.05
N PRO C 245 26.69 -11.78 -0.64
CA PRO C 245 26.79 -11.55 -2.08
C PRO C 245 25.61 -12.20 -2.78
N LEU C 246 24.39 -11.76 -2.46
CA LEU C 246 23.23 -12.35 -3.09
C LEU C 246 23.28 -12.13 -4.59
N ILE C 247 22.97 -13.18 -5.32
CA ILE C 247 22.48 -13.06 -6.67
C ILE C 247 21.03 -13.51 -6.62
N LEU C 248 20.24 -13.05 -7.58
CA LEU C 248 18.82 -13.39 -7.59
C LEU C 248 18.38 -13.58 -9.03
N ILE C 249 17.77 -14.74 -9.31
CA ILE C 249 17.37 -15.08 -10.66
C ILE C 249 16.01 -14.46 -10.96
N PHE C 250 15.82 -14.06 -12.22
CA PHE C 250 14.59 -13.39 -12.65
C PHE C 250 13.83 -14.29 -13.61
N GLY C 251 12.71 -14.84 -13.17
CA GLY C 251 11.73 -15.40 -14.10
C GLY C 251 11.02 -14.26 -14.82
N ILE C 252 11.11 -14.24 -16.15
CA ILE C 252 10.65 -13.09 -16.93
C ILE C 252 10.27 -13.55 -18.32
N ALA C 253 9.39 -12.78 -18.97
CA ALA C 253 9.02 -12.97 -20.36
C ALA C 253 9.73 -11.99 -21.29
N THR C 254 9.58 -10.69 -21.02
CA THR C 254 9.93 -9.64 -21.97
C THR C 254 11.45 -9.33 -21.96
N SER C 255 11.82 -8.23 -22.63
CA SER C 255 13.19 -7.79 -22.90
C SER C 255 13.67 -6.84 -21.81
N PRO C 256 14.89 -6.26 -21.88
CA PRO C 256 15.43 -5.59 -20.68
C PRO C 256 14.74 -4.29 -20.32
N ILE C 257 14.06 -3.66 -21.27
CA ILE C 257 13.51 -2.33 -21.04
C ILE C 257 12.47 -2.36 -19.91
N ILE C 258 11.73 -3.47 -19.79
CA ILE C 258 10.63 -3.54 -18.83
C ILE C 258 11.15 -3.76 -17.41
N ILE C 259 12.22 -4.53 -17.26
CA ILE C 259 12.92 -4.55 -15.99
C ILE C 259 13.39 -3.14 -15.65
N HIS C 260 14.05 -2.50 -16.62
CA HIS C 260 14.48 -1.12 -16.42
C HIS C 260 13.31 -0.19 -16.11
N ARG C 261 12.08 -0.62 -16.38
CA ARG C 261 10.90 0.15 -15.97
C ARG C 261 10.51 -0.12 -14.52
N LEU C 262 10.16 -1.38 -14.20
CA LEU C 262 9.68 -1.67 -12.85
C LEU C 262 10.82 -1.62 -11.82
N LEU C 263 12.01 -2.10 -12.19
CA LEU C 263 13.22 -1.87 -11.39
C LEU C 263 13.85 -0.54 -11.78
N PRO C 264 13.91 0.47 -10.89
CA PRO C 264 14.45 1.77 -11.32
C PRO C 264 15.91 1.72 -11.74
N HIS C 265 16.46 2.85 -12.19
CA HIS C 265 17.85 2.88 -12.65
C HIS C 265 18.82 2.59 -11.52
N ALA C 266 18.57 3.17 -10.34
CA ALA C 266 19.39 2.85 -9.18
C ALA C 266 19.45 1.35 -8.99
N VAL C 267 18.33 0.68 -9.26
CA VAL C 267 18.29 -0.77 -9.17
C VAL C 267 18.97 -1.41 -10.38
N SER C 268 18.71 -0.91 -11.60
CA SER C 268 19.35 -1.47 -12.78
C SER C 268 20.85 -1.61 -12.57
N SER C 269 21.44 -0.68 -11.84
CA SER C 269 22.85 -0.74 -11.50
C SER C 269 23.12 -1.60 -10.29
N LEU C 270 22.37 -1.43 -9.20
CA LEU C 270 22.62 -2.26 -8.03
C LEU C 270 22.56 -3.73 -8.41
N LEU C 271 21.73 -4.08 -9.39
CA LEU C 271 21.58 -5.47 -9.82
C LEU C 271 22.80 -5.98 -10.57
N CYS C 272 23.54 -5.08 -11.25
CA CYS C 272 24.77 -5.44 -11.96
C CYS C 272 24.51 -6.56 -12.96
N ILE C 273 23.33 -6.51 -13.59
CA ILE C 273 22.82 -7.69 -14.29
C ILE C 273 23.73 -8.03 -15.46
N GLU C 274 23.74 -9.32 -15.80
CA GLU C 274 24.13 -9.81 -17.10
C GLU C 274 22.92 -10.51 -17.70
N LEU C 275 22.44 -10.01 -18.83
CA LEU C 275 21.18 -10.50 -19.37
C LEU C 275 21.33 -11.91 -19.90
N PHE C 276 20.34 -12.74 -19.61
CA PHE C 276 20.33 -14.15 -19.97
C PHE C 276 19.05 -14.47 -20.70
N GLN C 277 19.04 -15.62 -21.35
CA GLN C 277 17.97 -15.98 -22.25
C GLN C 277 17.43 -17.35 -21.86
N SER C 278 16.12 -17.52 -21.94
CA SER C 278 15.49 -18.80 -21.70
C SER C 278 14.46 -19.05 -22.79
N LEU C 279 14.35 -20.32 -23.19
CA LEU C 279 13.60 -20.66 -24.39
C LEU C 279 12.10 -20.67 -24.11
N SER C 280 11.34 -20.21 -25.09
CA SER C 280 9.92 -19.93 -24.93
C SER C 280 9.08 -21.13 -25.35
N CYS C 281 7.76 -20.91 -25.46
CA CYS C 281 6.87 -21.97 -25.92
C CYS C 281 7.09 -22.30 -27.38
N LYS C 282 7.07 -21.30 -28.27
CA LYS C 282 6.96 -21.59 -29.69
C LYS C 282 8.12 -22.45 -30.18
N GLU C 283 9.30 -22.29 -29.60
CA GLU C 283 10.41 -23.16 -29.95
C GLU C 283 10.12 -24.58 -29.48
N HIS C 284 9.69 -24.74 -28.23
CA HIS C 284 9.35 -26.07 -27.75
C HIS C 284 8.23 -26.69 -28.58
N LEU C 285 7.35 -25.86 -29.14
CA LEU C 285 6.33 -26.32 -30.07
C LEU C 285 6.99 -26.95 -31.28
N THR C 286 7.70 -26.14 -32.05
CA THR C 286 8.22 -26.63 -33.32
C THR C 286 9.17 -27.80 -33.10
N THR C 287 10.04 -27.68 -32.09
CA THR C 287 10.86 -28.81 -31.67
C THR C 287 9.99 -30.04 -31.44
N VAL C 288 9.04 -29.95 -30.50
CA VAL C 288 8.32 -31.13 -30.06
C VAL C 288 7.56 -31.77 -31.20
N LEU C 289 6.93 -30.97 -32.06
CA LEU C 289 6.26 -31.51 -33.24
C LEU C 289 7.25 -32.24 -34.13
N ASP C 290 8.31 -31.55 -34.56
CA ASP C 290 9.35 -32.22 -35.35
C ASP C 290 9.75 -33.54 -34.71
N LYS C 291 9.98 -33.52 -33.41
CA LYS C 291 10.36 -34.73 -32.69
C LYS C 291 9.13 -35.61 -32.50
N LEU C 292 8.23 -35.21 -31.60
CA LEU C 292 7.29 -36.14 -30.98
C LEU C 292 6.19 -36.60 -31.91
N LEU C 293 5.23 -35.74 -32.23
CA LEU C 293 4.06 -36.20 -32.98
C LEU C 293 4.48 -36.78 -34.32
N LEU C 294 5.50 -36.19 -34.93
CA LEU C 294 6.01 -36.66 -36.22
C LEU C 294 7.07 -37.73 -36.07
N THR C 295 7.32 -38.23 -34.86
CA THR C 295 8.13 -39.43 -34.74
C THR C 295 7.49 -40.54 -35.55
N THR C 296 8.33 -41.44 -36.03
CA THR C 296 7.83 -42.69 -36.54
C THR C 296 7.62 -43.70 -35.44
N GLN C 297 8.10 -43.41 -34.23
CA GLN C 297 7.89 -44.33 -33.13
C GLN C 297 6.42 -44.65 -32.95
N PHE C 298 5.67 -43.65 -32.64
CA PHE C 298 4.28 -43.96 -32.33
C PHE C 298 3.44 -43.86 -33.60
N PRO C 299 2.57 -44.86 -33.85
CA PRO C 299 1.87 -44.88 -35.14
C PRO C 299 0.88 -43.75 -35.28
N PHE C 300 0.40 -43.22 -34.16
CA PHE C 300 -0.73 -42.32 -34.20
C PHE C 300 -0.38 -41.09 -35.01
N LYS C 301 -1.33 -40.67 -35.82
CA LYS C 301 -1.16 -39.49 -36.65
C LYS C 301 -2.48 -38.75 -36.67
N ILE C 302 -2.42 -37.51 -37.13
CA ILE C 302 -3.53 -36.60 -36.98
C ILE C 302 -3.99 -36.13 -38.35
N ASN C 303 -5.29 -35.89 -38.48
CA ASN C 303 -5.83 -35.34 -39.71
C ASN C 303 -5.57 -33.84 -39.80
N GLU C 304 -5.63 -33.35 -41.04
CA GLU C 304 -5.40 -31.94 -41.30
C GLU C 304 -6.23 -31.06 -40.38
N LYS C 305 -7.44 -31.48 -40.05
CA LYS C 305 -8.37 -30.55 -39.42
C LYS C 305 -8.12 -30.39 -37.92
N VAL C 306 -7.78 -31.47 -37.21
CA VAL C 306 -7.44 -31.26 -35.81
C VAL C 306 -5.98 -30.82 -35.66
N LEU C 307 -5.11 -31.06 -36.66
CA LEU C 307 -3.80 -30.41 -36.65
C LEU C 307 -3.96 -28.91 -36.83
N GLN C 308 -4.77 -28.51 -37.81
CA GLN C 308 -5.00 -27.09 -38.07
C GLN C 308 -5.69 -26.44 -36.88
N VAL C 309 -6.72 -27.09 -36.34
CA VAL C 309 -7.44 -26.52 -35.22
C VAL C 309 -6.56 -26.47 -33.97
N LEU C 310 -5.78 -27.52 -33.73
CA LEU C 310 -4.83 -27.51 -32.61
C LEU C 310 -3.78 -26.42 -32.79
N THR C 311 -2.91 -26.54 -33.79
CA THR C 311 -1.89 -25.50 -33.99
C THR C 311 -2.51 -24.12 -34.14
N ASN C 312 -3.82 -24.05 -34.40
CA ASN C 312 -4.54 -22.78 -34.33
C ASN C 312 -4.84 -22.39 -32.88
N ILE C 313 -5.17 -23.36 -32.04
CA ILE C 313 -5.38 -23.02 -30.62
C ILE C 313 -4.03 -22.65 -29.99
N PHE C 314 -2.95 -23.26 -30.46
CA PHE C 314 -1.62 -22.93 -29.96
C PHE C 314 -1.10 -21.59 -30.49
N LEU C 315 -1.12 -21.42 -31.82
CA LEU C 315 -0.53 -20.23 -32.44
C LEU C 315 -1.45 -19.02 -32.31
N TYR C 316 -2.73 -19.19 -32.61
CA TYR C 316 -3.67 -18.08 -32.61
C TYR C 316 -4.25 -17.77 -31.23
N HIS C 317 -4.22 -18.70 -30.27
CA HIS C 317 -4.82 -18.44 -28.97
C HIS C 317 -3.87 -18.58 -27.78
N ASP C 318 -3.59 -19.81 -27.36
CA ASP C 318 -2.88 -20.07 -26.11
C ASP C 318 -1.56 -20.76 -26.42
N PHE C 319 -0.46 -20.17 -25.94
CA PHE C 319 0.87 -20.59 -26.33
C PHE C 319 1.44 -21.73 -25.51
N SER C 320 0.69 -22.29 -24.57
CA SER C 320 1.24 -23.28 -23.67
C SER C 320 1.33 -24.63 -24.38
N VAL C 321 2.53 -25.22 -24.39
CA VAL C 321 2.65 -26.63 -24.74
C VAL C 321 1.88 -27.48 -23.74
N GLN C 322 1.50 -26.89 -22.61
CA GLN C 322 0.57 -27.54 -21.69
C GLN C 322 -0.75 -27.81 -22.37
N ASN C 323 -1.41 -26.76 -22.87
CA ASN C 323 -2.72 -26.93 -23.47
C ASN C 323 -2.64 -27.70 -24.78
N PHE C 324 -1.50 -27.61 -25.48
CA PHE C 324 -1.33 -28.42 -26.67
C PHE C 324 -1.12 -29.88 -26.30
N ILE C 325 -0.45 -30.15 -25.17
CA ILE C 325 -0.25 -31.53 -24.75
C ILE C 325 -1.56 -32.12 -24.27
N LYS C 326 -2.15 -31.55 -23.22
CA LYS C 326 -3.43 -32.04 -22.74
C LYS C 326 -4.42 -32.16 -23.89
N GLY C 327 -4.37 -31.21 -24.84
CA GLY C 327 -5.16 -31.37 -26.04
C GLY C 327 -4.70 -32.52 -26.93
N LEU C 328 -3.43 -32.91 -26.81
CA LEU C 328 -2.90 -34.03 -27.59
C LEU C 328 -3.25 -35.37 -26.98
N GLN C 329 -3.25 -35.48 -25.65
CA GLN C 329 -3.91 -36.60 -25.01
C GLN C 329 -5.35 -36.68 -25.46
N LEU C 330 -6.09 -35.60 -25.22
CA LEU C 330 -7.50 -35.62 -25.55
C LEU C 330 -7.73 -35.98 -27.02
N SER C 331 -6.78 -35.65 -27.90
CA SER C 331 -6.83 -36.17 -29.27
C SER C 331 -6.52 -37.67 -29.29
N LEU C 332 -5.44 -38.07 -28.63
CA LEU C 332 -4.97 -39.44 -28.52
C LEU C 332 -6.09 -40.37 -28.10
N LEU C 333 -6.52 -40.19 -26.85
CA LEU C 333 -7.70 -40.85 -26.31
C LEU C 333 -8.90 -40.67 -27.23
N GLU C 334 -9.23 -39.43 -27.60
CA GLU C 334 -10.47 -39.17 -28.33
C GLU C 334 -10.59 -40.11 -29.51
N HIS C 335 -9.57 -40.14 -30.36
CA HIS C 335 -9.52 -41.17 -31.39
C HIS C 335 -9.64 -42.55 -30.77
N PHE C 336 -8.79 -42.84 -29.78
CA PHE C 336 -8.60 -44.20 -29.30
C PHE C 336 -9.89 -44.75 -28.68
N TYR C 337 -10.93 -43.92 -28.59
CA TYR C 337 -12.28 -44.41 -28.36
C TYR C 337 -13.11 -44.55 -29.63
N SER C 338 -12.52 -44.28 -30.79
CA SER C 338 -13.31 -44.25 -32.02
C SER C 338 -13.94 -45.61 -32.30
N GLN C 339 -13.11 -46.64 -32.38
CA GLN C 339 -13.51 -47.98 -32.82
C GLN C 339 -12.32 -48.91 -32.61
N PRO C 340 -12.55 -50.22 -32.43
CA PRO C 340 -11.43 -51.13 -32.16
C PRO C 340 -10.45 -51.25 -33.30
N LEU C 341 -10.81 -50.72 -34.48
CA LEU C 341 -9.98 -50.87 -35.66
C LEU C 341 -8.54 -50.40 -35.46
N SER C 342 -8.28 -49.60 -34.44
CA SER C 342 -6.92 -49.17 -34.14
C SER C 342 -6.11 -50.18 -33.33
N VAL C 343 -6.73 -51.26 -32.81
CA VAL C 343 -5.92 -52.24 -32.09
C VAL C 343 -4.79 -52.74 -32.97
N LEU C 344 -5.03 -52.77 -34.29
CA LEU C 344 -3.97 -52.98 -35.25
C LEU C 344 -2.98 -51.82 -35.30
N CYS C 345 -3.23 -50.75 -34.54
CA CYS C 345 -2.31 -49.62 -34.51
C CYS C 345 -1.29 -49.97 -33.44
N CYS C 346 -0.12 -50.36 -33.91
CA CYS C 346 0.98 -50.89 -33.11
C CYS C 346 2.02 -51.33 -34.12
N ASN C 347 3.17 -51.73 -33.62
CA ASN C 347 4.19 -52.27 -34.49
C ASN C 347 3.69 -53.52 -35.20
N LEU C 348 4.21 -53.72 -36.42
CA LEU C 348 3.76 -54.82 -37.27
C LEU C 348 3.61 -56.14 -36.52
N PRO C 349 4.56 -56.60 -35.72
CA PRO C 349 4.26 -57.78 -34.90
C PRO C 349 3.30 -57.48 -33.76
N GLU C 350 3.46 -56.36 -33.04
CA GLU C 350 2.46 -56.04 -32.03
C GLU C 350 1.08 -55.92 -32.64
N ALA C 351 1.01 -55.44 -33.88
CA ALA C 351 -0.27 -55.34 -34.56
C ALA C 351 -0.76 -56.70 -35.03
N LYS C 352 0.15 -57.56 -35.49
CA LYS C 352 -0.22 -58.85 -36.05
C LYS C 352 -0.67 -59.82 -34.98
N ARG C 353 -0.13 -59.72 -33.77
CA ARG C 353 -0.73 -60.41 -32.64
C ARG C 353 -2.22 -60.11 -32.63
N ARG C 354 -2.54 -58.82 -32.67
CA ARG C 354 -3.92 -58.39 -32.69
C ARG C 354 -4.63 -58.91 -33.94
N ILE C 355 -3.92 -59.03 -35.06
CA ILE C 355 -4.49 -59.68 -36.24
C ILE C 355 -5.00 -61.07 -35.87
N ASN C 356 -4.15 -61.85 -35.22
CA ASN C 356 -4.57 -63.18 -34.76
C ASN C 356 -5.80 -63.09 -33.87
N PHE C 357 -5.78 -62.15 -32.92
CA PHE C 357 -6.92 -61.98 -32.02
C PHE C 357 -8.17 -61.50 -32.74
N LEU C 358 -8.08 -61.09 -34.00
CA LEU C 358 -9.22 -60.46 -34.66
C LEU C 358 -10.39 -61.43 -34.78
N SER C 359 -11.60 -60.89 -34.64
CA SER C 359 -12.83 -61.65 -34.67
C SER C 359 -13.75 -61.11 -35.76
N ASN C 360 -14.89 -61.80 -35.94
CA ASN C 360 -15.67 -61.61 -37.15
C ASN C 360 -16.36 -60.25 -37.19
N ASN C 361 -16.66 -59.66 -36.03
CA ASN C 361 -17.21 -58.31 -36.03
C ASN C 361 -16.22 -57.33 -36.65
N GLN C 362 -14.99 -57.33 -36.14
CA GLN C 362 -13.96 -56.50 -36.73
C GLN C 362 -13.76 -56.82 -38.20
N CYS C 363 -13.83 -58.09 -38.58
CA CYS C 363 -13.79 -58.44 -40.00
C CYS C 363 -14.89 -57.71 -40.75
N GLU C 364 -16.06 -57.57 -40.14
CA GLU C 364 -17.08 -56.71 -40.71
C GLU C 364 -16.58 -55.27 -40.80
N ASN C 365 -15.83 -54.83 -39.79
CA ASN C 365 -15.46 -53.42 -39.69
C ASN C 365 -14.42 -53.03 -40.73
N ILE C 366 -13.39 -53.85 -40.93
CA ILE C 366 -12.43 -53.57 -42.00
C ILE C 366 -13.09 -53.67 -43.36
N ARG C 367 -14.07 -54.56 -43.49
CA ARG C 367 -14.84 -54.67 -44.72
C ARG C 367 -15.56 -53.36 -45.08
N ARG C 368 -15.58 -52.39 -44.17
CA ARG C 368 -16.44 -51.21 -44.28
C ARG C 368 -15.72 -49.95 -44.74
N LEU C 369 -14.72 -49.47 -44.00
CA LEU C 369 -14.28 -48.09 -44.16
C LEU C 369 -13.69 -47.86 -45.56
N PRO C 370 -13.56 -46.60 -45.97
CA PRO C 370 -12.90 -46.31 -47.25
C PRO C 370 -11.38 -46.33 -47.10
N SER C 371 -10.72 -46.25 -48.25
CA SER C 371 -9.30 -46.59 -48.37
C SER C 371 -9.11 -48.08 -48.16
N PHE C 372 -10.05 -48.74 -47.46
CA PHE C 372 -10.28 -50.18 -47.64
C PHE C 372 -11.29 -50.38 -48.76
N ARG C 373 -12.50 -49.85 -48.57
CA ARG C 373 -13.46 -49.84 -49.66
C ARG C 373 -12.82 -49.32 -50.93
N ARG C 374 -12.02 -48.25 -50.83
CA ARG C 374 -11.22 -47.86 -51.99
C ARG C 374 -10.24 -48.95 -52.36
N TYR C 375 -9.54 -49.48 -51.37
CA TYR C 375 -8.66 -50.63 -51.60
C TYR C 375 -9.44 -51.84 -52.09
N VAL C 376 -10.73 -51.93 -51.79
CA VAL C 376 -11.56 -52.99 -52.33
C VAL C 376 -12.02 -52.67 -53.75
N GLU C 377 -12.01 -51.40 -54.14
CA GLU C 377 -12.59 -50.98 -55.40
C GLU C 377 -11.65 -51.26 -56.57
N LYS C 378 -10.37 -50.96 -56.41
CA LYS C 378 -9.38 -51.34 -57.41
C LYS C 378 -8.83 -52.69 -56.99
N GLN C 379 -9.44 -53.78 -57.47
CA GLN C 379 -9.04 -55.16 -57.05
C GLN C 379 -9.56 -56.41 -57.84
N ALA C 380 -9.91 -57.50 -57.12
CA ALA C 380 -10.33 -58.78 -57.77
C ALA C 380 -11.59 -59.59 -57.27
N SER C 381 -11.53 -60.93 -57.41
CA SER C 381 -12.66 -61.86 -57.07
C SER C 381 -12.57 -62.76 -55.79
N GLU C 382 -13.16 -63.97 -55.82
CA GLU C 382 -13.15 -64.81 -54.62
C GLU C 382 -12.01 -64.41 -53.70
N LYS C 383 -10.94 -63.85 -54.27
CA LYS C 383 -10.02 -63.04 -53.49
C LYS C 383 -10.79 -61.99 -52.68
N GLN C 384 -11.60 -61.20 -53.39
CA GLN C 384 -12.31 -60.10 -52.76
C GLN C 384 -13.26 -60.58 -51.66
N VAL C 385 -13.85 -61.76 -51.80
CA VAL C 385 -14.76 -62.23 -50.75
C VAL C 385 -13.99 -62.82 -49.59
N ALA C 386 -12.93 -63.56 -49.86
CA ALA C 386 -12.06 -63.94 -48.76
C ALA C 386 -11.48 -62.71 -48.09
N LEU C 387 -11.69 -61.51 -48.64
CA LEU C 387 -11.73 -60.32 -47.80
C LEU C 387 -13.07 -60.15 -47.11
N LEU C 388 -14.15 -60.24 -47.89
CA LEU C 388 -15.49 -59.89 -47.45
C LEU C 388 -16.18 -61.01 -46.66
N THR C 389 -16.04 -62.26 -47.11
CA THR C 389 -16.59 -63.41 -46.41
C THR C 389 -15.54 -64.12 -45.55
N ASN C 390 -14.59 -64.80 -46.19
CA ASN C 390 -13.69 -65.72 -45.49
C ASN C 390 -12.47 -64.94 -45.02
N GLU C 391 -12.39 -64.73 -43.71
CA GLU C 391 -11.53 -63.71 -43.14
C GLU C 391 -10.05 -63.99 -43.34
N ARG C 392 -9.67 -65.23 -43.62
CA ARG C 392 -8.25 -65.57 -43.61
C ARG C 392 -7.49 -64.82 -44.70
N TYR C 393 -8.02 -64.82 -45.92
CA TYR C 393 -7.36 -64.09 -46.99
C TYR C 393 -7.37 -62.59 -46.72
N LEU C 394 -8.30 -62.11 -45.90
CA LEU C 394 -8.19 -60.72 -45.49
C LEU C 394 -7.00 -60.65 -44.57
N LYS C 395 -7.12 -61.19 -43.36
CA LYS C 395 -6.10 -60.99 -42.34
C LYS C 395 -4.71 -61.18 -42.90
N GLU C 396 -4.55 -62.11 -43.85
CA GLU C 396 -3.37 -62.09 -44.70
C GLU C 396 -3.24 -60.74 -45.39
N GLU C 397 -4.31 -60.30 -46.07
CA GLU C 397 -4.28 -59.00 -46.72
C GLU C 397 -4.31 -57.84 -45.76
N THR C 398 -4.65 -58.02 -44.48
CA THR C 398 -4.39 -56.98 -43.50
C THR C 398 -2.90 -56.87 -43.29
N GLN C 399 -2.23 -58.00 -43.09
CA GLN C 399 -0.78 -57.94 -43.06
C GLN C 399 -0.22 -57.42 -44.37
N LEU C 400 -1.03 -57.40 -45.44
CA LEU C 400 -0.60 -56.72 -46.66
C LEU C 400 -0.87 -55.21 -46.59
N LEU C 401 -2.02 -54.79 -46.08
CA LEU C 401 -2.33 -53.38 -45.96
C LEU C 401 -1.37 -52.71 -45.00
N LEU C 402 -1.27 -53.27 -43.81
CA LEU C 402 -0.64 -52.62 -42.67
C LEU C 402 0.87 -52.63 -42.78
N GLU C 403 1.46 -53.79 -43.09
CA GLU C 403 2.90 -53.85 -43.31
C GLU C 403 3.30 -52.71 -44.21
N ASN C 404 2.67 -52.64 -45.36
CA ASN C 404 2.89 -51.54 -46.28
C ASN C 404 2.72 -50.22 -45.54
N LEU C 405 1.59 -50.03 -44.85
CA LEU C 405 1.27 -48.73 -44.28
C LEU C 405 2.44 -48.19 -43.45
N HIS C 406 2.83 -48.97 -42.44
CA HIS C 406 3.96 -48.55 -41.62
C HIS C 406 5.27 -48.57 -42.38
N VAL C 407 5.30 -49.12 -43.60
CA VAL C 407 6.43 -48.87 -44.49
C VAL C 407 6.35 -47.47 -45.09
N TYR C 408 5.16 -47.09 -45.59
CA TYR C 408 4.98 -45.78 -46.21
C TYR C 408 5.37 -44.68 -45.26
N HIS C 409 4.80 -44.68 -44.05
CA HIS C 409 5.03 -43.58 -43.14
C HIS C 409 6.52 -43.35 -42.88
N MET C 410 7.29 -44.43 -42.68
CA MET C 410 8.74 -44.30 -42.58
C MET C 410 9.29 -43.63 -43.83
N ASN C 411 8.89 -44.15 -44.99
CA ASN C 411 9.34 -43.59 -46.26
C ASN C 411 9.01 -42.11 -46.36
N TYR C 412 7.98 -41.64 -45.65
CA TYR C 412 7.70 -40.21 -45.64
C TYR C 412 8.74 -39.55 -44.76
N PHE C 413 8.69 -39.78 -43.44
CA PHE C 413 9.47 -38.95 -42.52
C PHE C 413 10.93 -38.88 -42.93
N LEU C 414 11.53 -40.03 -43.29
CA LEU C 414 12.89 -40.02 -43.80
C LEU C 414 13.02 -38.89 -44.79
N VAL C 415 12.02 -38.79 -45.66
CA VAL C 415 12.00 -37.86 -46.76
C VAL C 415 11.53 -36.46 -46.35
N LEU C 416 10.74 -36.33 -45.28
CA LEU C 416 10.25 -35.02 -44.88
C LEU C 416 11.38 -34.19 -44.30
N ARG C 417 12.10 -34.75 -43.34
CA ARG C 417 13.28 -34.05 -42.85
C ARG C 417 14.13 -33.62 -44.03
N CYS C 418 14.33 -34.54 -44.98
CA CYS C 418 15.09 -34.29 -46.19
C CYS C 418 14.65 -32.96 -46.80
N LEU C 419 13.34 -32.89 -47.10
CA LEU C 419 12.80 -31.68 -47.71
C LEU C 419 13.22 -30.48 -46.91
N HIS C 420 13.11 -30.58 -45.60
CA HIS C 420 13.35 -29.40 -44.79
C HIS C 420 14.73 -28.86 -45.00
N LYS C 421 15.78 -29.62 -44.73
CA LYS C 421 17.02 -28.90 -44.93
C LYS C 421 17.14 -28.36 -46.35
N PHE C 422 16.44 -28.93 -47.33
CA PHE C 422 16.43 -28.22 -48.61
C PHE C 422 15.73 -26.86 -48.48
N THR C 423 14.44 -26.85 -48.15
CA THR C 423 13.60 -25.65 -48.25
C THR C 423 13.52 -24.80 -47.00
N SER C 424 13.89 -25.34 -45.85
CA SER C 424 14.05 -24.57 -44.64
C SER C 424 15.19 -23.59 -44.79
N SER C 425 16.16 -23.94 -45.65
CA SER C 425 17.18 -22.97 -46.02
C SER C 425 16.61 -21.91 -46.96
N LEU C 426 15.59 -22.25 -47.74
CA LEU C 426 15.15 -21.39 -48.82
C LEU C 426 14.45 -20.13 -48.31
N PRO C 427 14.44 -19.06 -49.12
CA PRO C 427 13.66 -17.86 -48.77
C PRO C 427 12.24 -17.91 -49.30
N LYS C 428 11.47 -16.87 -48.96
CA LYS C 428 10.06 -16.71 -49.30
C LYS C 428 9.19 -17.67 -48.50
N TYR C 429 9.78 -18.80 -48.09
CA TYR C 429 9.11 -19.83 -47.32
C TYR C 429 7.64 -19.90 -47.73
N PRO C 430 7.35 -19.92 -49.04
CA PRO C 430 5.95 -19.81 -49.43
C PRO C 430 5.17 -21.04 -49.03
N LEU C 431 5.78 -22.22 -49.17
CA LEU C 431 5.15 -23.45 -48.73
C LEU C 431 5.29 -23.66 -47.22
N GLY C 432 6.42 -23.26 -46.65
CA GLY C 432 6.58 -23.42 -45.21
C GLY C 432 7.99 -23.10 -44.75
N ARG C 433 8.10 -22.96 -43.43
CA ARG C 433 9.36 -22.64 -42.76
C ARG C 433 9.77 -23.83 -41.87
N GLN C 434 9.07 -24.00 -40.77
CA GLN C 434 9.36 -24.99 -39.76
C GLN C 434 8.86 -26.34 -40.19
N ILE C 435 9.46 -27.40 -39.62
CA ILE C 435 9.14 -28.75 -40.06
C ILE C 435 7.64 -29.01 -39.95
N ARG C 436 7.04 -28.59 -38.84
CA ARG C 436 5.60 -28.73 -38.68
C ARG C 436 4.86 -28.12 -39.87
N GLU C 437 5.37 -27.03 -40.43
CA GLU C 437 4.70 -26.41 -41.56
C GLU C 437 4.69 -27.34 -42.77
N LEU C 438 5.86 -27.81 -43.22
CA LEU C 438 5.87 -28.72 -44.36
C LEU C 438 4.96 -29.92 -44.11
N TYR C 439 5.08 -30.56 -42.95
CA TYR C 439 4.12 -31.61 -42.63
C TYR C 439 2.71 -31.11 -42.92
N CYS C 440 2.39 -29.91 -42.43
CA CYS C 440 1.05 -29.37 -42.55
C CYS C 440 0.64 -29.17 -44.01
N THR C 441 1.38 -28.35 -44.75
CA THR C 441 0.99 -27.97 -46.09
C THR C 441 1.10 -29.15 -47.04
N CYS C 442 2.19 -29.91 -46.93
CA CYS C 442 2.34 -31.15 -47.67
C CYS C 442 1.10 -32.02 -47.53
N LEU C 443 0.66 -32.24 -46.30
CA LEU C 443 -0.47 -33.14 -46.10
C LEU C 443 -1.81 -32.49 -46.42
N GLU C 444 -1.90 -31.15 -46.37
CA GLU C 444 -3.17 -30.45 -46.57
C GLU C 444 -3.73 -30.72 -47.97
N LYS C 445 -3.00 -30.29 -48.99
CA LYS C 445 -3.38 -30.48 -50.37
C LYS C 445 -2.13 -30.81 -51.14
N ASN C 446 -2.31 -31.22 -52.39
CA ASN C 446 -1.17 -31.66 -53.19
C ASN C 446 -0.15 -30.54 -53.31
N ILE C 447 1.08 -30.86 -52.88
CA ILE C 447 2.18 -29.93 -53.02
C ILE C 447 2.33 -29.56 -54.49
N TRP C 448 2.36 -30.58 -55.34
CA TRP C 448 2.41 -30.38 -56.78
C TRP C 448 1.25 -29.53 -57.26
N ASP C 449 0.05 -29.78 -56.75
CA ASP C 449 -1.10 -29.04 -57.24
C ASP C 449 -1.06 -27.59 -56.77
N SER C 450 -0.37 -27.33 -55.67
CA SER C 450 -0.18 -25.95 -55.20
C SER C 450 0.90 -25.25 -56.01
N GLU C 451 0.69 -23.96 -56.28
CA GLU C 451 1.61 -23.19 -57.11
C GLU C 451 2.75 -22.57 -56.33
N GLU C 452 2.61 -22.46 -55.01
CA GLU C 452 3.68 -21.89 -54.20
C GLU C 452 4.83 -22.87 -54.18
N TYR C 453 4.52 -24.16 -54.25
CA TYR C 453 5.55 -25.15 -54.42
C TYR C 453 6.32 -24.91 -55.71
N ALA C 454 5.63 -24.87 -56.85
CA ALA C 454 6.28 -24.57 -58.11
C ALA C 454 7.12 -23.31 -57.99
N SER C 455 6.65 -22.32 -57.23
CA SER C 455 7.47 -21.14 -56.96
C SER C 455 8.77 -21.52 -56.28
N VAL C 456 8.69 -22.40 -55.29
CA VAL C 456 9.92 -22.88 -54.64
C VAL C 456 10.79 -23.58 -55.67
N LEU C 457 10.18 -24.27 -56.63
CA LEU C 457 10.92 -24.88 -57.71
C LEU C 457 11.75 -23.83 -58.43
N GLN C 458 11.06 -22.84 -58.97
CA GLN C 458 11.71 -21.76 -59.66
C GLN C 458 12.85 -21.23 -58.81
N LEU C 459 12.65 -21.14 -57.49
CA LEU C 459 13.73 -20.71 -56.61
C LEU C 459 14.94 -21.63 -56.73
N LEU C 460 14.76 -22.92 -56.46
CA LEU C 460 15.92 -23.82 -56.48
C LEU C 460 16.62 -23.79 -57.82
N ARG C 461 15.84 -23.75 -58.91
CA ARG C 461 16.42 -23.59 -60.23
C ARG C 461 17.16 -22.27 -60.38
N MET C 462 16.86 -21.29 -59.51
CA MET C 462 17.56 -20.01 -59.55
C MET C 462 18.86 -20.07 -58.76
N LEU C 463 18.75 -20.33 -57.46
CA LEU C 463 19.89 -20.33 -56.55
C LEU C 463 21.08 -21.06 -57.17
N ALA C 464 20.93 -22.35 -57.41
CA ALA C 464 21.97 -23.20 -58.00
C ALA C 464 23.27 -23.03 -57.21
N LYS C 465 24.40 -23.11 -57.89
CA LYS C 465 25.75 -22.78 -57.43
C LYS C 465 26.10 -23.39 -56.04
N ASP C 466 26.91 -22.64 -55.28
CA ASP C 466 27.53 -23.11 -54.05
C ASP C 466 26.66 -22.98 -52.83
N GLU C 467 25.78 -21.97 -52.75
CA GLU C 467 24.79 -21.97 -51.70
C GLU C 467 24.11 -23.34 -51.65
N LEU C 468 23.64 -23.81 -52.81
CA LEU C 468 23.00 -25.11 -52.87
C LEU C 468 24.00 -26.24 -52.61
N MET C 469 25.21 -26.20 -53.19
CA MET C 469 26.06 -27.37 -52.93
C MET C 469 26.46 -27.47 -51.46
N THR C 470 26.61 -26.34 -50.77
CA THR C 470 26.87 -26.36 -49.33
C THR C 470 25.66 -26.87 -48.55
N ILE C 471 24.46 -26.34 -48.86
CA ILE C 471 23.27 -26.70 -48.11
C ILE C 471 22.84 -28.13 -48.39
N LEU C 472 23.09 -28.61 -49.60
CA LEU C 472 22.74 -29.95 -50.02
C LEU C 472 23.75 -30.95 -49.46
N GLU C 473 25.05 -30.65 -49.59
CA GLU C 473 26.05 -31.39 -48.86
C GLU C 473 25.77 -31.41 -47.36
N LYS C 474 25.09 -30.38 -46.85
CA LYS C 474 24.59 -30.45 -45.48
C LYS C 474 23.30 -31.23 -45.37
N CYS C 475 22.59 -31.40 -46.48
CA CYS C 475 21.46 -32.29 -46.46
C CYS C 475 21.91 -33.74 -46.42
N PHE C 476 23.11 -34.03 -46.85
CA PHE C 476 23.61 -35.39 -46.68
C PHE C 476 24.55 -35.59 -45.50
N LYS C 477 25.43 -34.66 -45.20
CA LYS C 477 26.07 -34.76 -43.90
C LYS C 477 24.99 -34.92 -42.84
N VAL C 478 23.95 -34.09 -42.93
CA VAL C 478 22.90 -34.11 -41.94
C VAL C 478 21.81 -35.16 -42.22
N PHE C 479 21.32 -35.40 -43.47
CA PHE C 479 20.30 -36.46 -43.71
C PHE C 479 20.91 -37.84 -43.83
N LYS C 480 22.06 -37.97 -44.46
CA LYS C 480 22.82 -39.17 -44.22
C LYS C 480 23.20 -39.28 -42.76
N SER C 481 23.25 -38.17 -42.02
CA SER C 481 23.31 -38.31 -40.57
C SER C 481 22.03 -38.91 -40.02
N TYR C 482 20.88 -38.57 -40.61
CA TYR C 482 19.63 -39.17 -40.14
C TYR C 482 19.58 -40.66 -40.40
N CYS C 483 19.88 -41.08 -41.64
CA CYS C 483 19.86 -42.48 -41.98
C CYS C 483 21.07 -43.23 -41.46
N GLU C 484 22.11 -42.50 -41.02
CA GLU C 484 23.22 -43.04 -40.26
C GLU C 484 22.87 -43.19 -38.78
N ASN C 485 22.16 -42.19 -38.22
CA ASN C 485 21.70 -42.21 -36.84
C ASN C 485 20.19 -42.16 -36.73
N HIS C 486 19.55 -41.07 -37.16
CA HIS C 486 18.17 -40.81 -36.77
C HIS C 486 17.22 -41.88 -37.30
N LEU C 487 17.48 -42.46 -38.46
CA LEU C 487 16.54 -43.39 -39.09
C LEU C 487 17.29 -44.57 -39.69
N GLY C 488 16.73 -45.76 -39.50
CA GLY C 488 17.44 -46.98 -39.87
C GLY C 488 17.47 -47.21 -41.37
N SER C 489 16.38 -46.92 -42.06
CA SER C 489 16.23 -47.26 -43.47
C SER C 489 17.42 -46.74 -44.26
N THR C 490 18.07 -47.51 -45.15
CA THR C 490 17.86 -48.95 -45.48
C THR C 490 16.68 -49.20 -46.46
N ALA C 491 15.99 -48.14 -46.90
CA ALA C 491 14.92 -48.28 -47.88
C ALA C 491 15.42 -48.54 -49.31
N LYS C 492 16.73 -48.45 -49.56
CA LYS C 492 17.39 -48.65 -50.86
C LYS C 492 17.21 -47.51 -51.85
N ARG C 493 16.17 -46.69 -51.68
CA ARG C 493 16.06 -45.47 -52.47
C ARG C 493 16.98 -44.41 -51.88
N ILE C 494 16.88 -44.25 -50.56
CA ILE C 494 17.74 -43.33 -49.83
C ILE C 494 19.18 -43.51 -50.30
N GLU C 495 19.67 -44.74 -50.24
CA GLU C 495 21.04 -45.04 -50.64
C GLU C 495 21.35 -44.52 -52.04
N GLU C 496 20.44 -44.75 -52.99
CA GLU C 496 20.69 -44.28 -54.35
C GLU C 496 20.84 -42.76 -54.39
N PHE C 497 19.87 -42.05 -53.78
CA PHE C 497 20.04 -40.60 -53.66
C PHE C 497 21.44 -40.32 -53.13
N LEU C 498 21.76 -40.89 -51.98
CA LEU C 498 23.00 -40.65 -51.28
C LEU C 498 24.21 -40.74 -52.22
N ALA C 499 24.33 -41.86 -52.94
CA ALA C 499 25.41 -41.99 -53.91
C ALA C 499 25.36 -40.86 -54.92
N GLN C 500 24.17 -40.54 -55.42
CA GLN C 500 24.05 -39.44 -56.38
C GLN C 500 24.70 -38.17 -55.85
N PHE C 501 24.42 -37.81 -54.60
CA PHE C 501 24.92 -36.53 -54.09
C PHE C 501 26.40 -36.60 -53.74
N GLN C 502 26.89 -37.75 -53.27
CA GLN C 502 28.34 -37.92 -53.19
C GLN C 502 28.98 -37.61 -54.53
N SER C 503 28.40 -38.17 -55.61
CA SER C 503 28.96 -37.95 -56.93
C SER C 503 28.97 -36.46 -57.26
N LEU C 504 27.90 -35.73 -56.92
CA LEU C 504 27.90 -34.29 -57.18
C LEU C 504 29.02 -33.58 -56.43
N ASP C 505 29.16 -33.86 -55.13
CA ASP C 505 30.21 -33.19 -54.35
C ASP C 505 31.56 -33.29 -55.05
N ALA C 506 31.87 -34.47 -55.58
CA ALA C 506 33.12 -34.67 -56.31
C ALA C 506 33.20 -33.72 -57.50
N LYS C 548 23.25 -28.54 -62.24
CA LYS C 548 21.99 -27.91 -62.58
C LYS C 548 20.95 -28.97 -62.89
N PHE C 549 20.93 -29.49 -64.12
CA PHE C 549 20.15 -30.70 -64.36
C PHE C 549 20.62 -31.84 -63.48
N GLU C 550 21.76 -31.68 -62.82
CA GLU C 550 22.06 -32.50 -61.66
C GLU C 550 21.22 -32.04 -60.47
N VAL C 551 21.14 -30.73 -60.25
CA VAL C 551 20.26 -30.21 -59.22
C VAL C 551 18.80 -30.39 -59.59
N LEU C 552 18.49 -30.39 -60.88
CA LEU C 552 17.11 -30.58 -61.32
C LEU C 552 16.75 -32.04 -61.53
N ARG C 553 17.71 -32.93 -61.65
CA ARG C 553 17.42 -34.35 -61.55
C ARG C 553 17.47 -34.86 -60.12
N GLU C 554 18.11 -34.13 -59.21
CA GLU C 554 18.01 -34.45 -57.80
C GLU C 554 16.73 -33.89 -57.22
N ASN C 555 16.40 -32.67 -57.62
CA ASN C 555 15.13 -32.12 -57.24
C ASN C 555 14.00 -32.88 -57.94
N VAL C 556 14.16 -33.21 -59.23
CA VAL C 556 13.17 -34.06 -59.90
C VAL C 556 13.15 -35.42 -59.26
N VAL C 557 14.30 -35.88 -58.80
CA VAL C 557 14.33 -36.97 -57.85
C VAL C 557 13.59 -36.55 -56.58
N ASN C 558 13.83 -35.33 -56.09
CA ASN C 558 13.00 -34.82 -55.00
C ASN C 558 11.56 -34.59 -55.44
N PHE C 559 11.29 -34.61 -56.74
CA PHE C 559 9.96 -34.38 -57.29
C PHE C 559 9.30 -35.71 -57.57
N ILE C 560 9.77 -36.40 -58.62
CA ILE C 560 9.15 -37.66 -58.99
C ILE C 560 9.52 -38.76 -58.01
N ASP C 561 10.80 -38.85 -57.65
CA ASP C 561 11.23 -39.94 -56.77
C ASP C 561 10.84 -39.70 -55.32
N CYS C 562 10.62 -38.44 -54.92
CA CYS C 562 10.25 -38.13 -53.54
C CYS C 562 8.86 -37.50 -53.48
N LEU C 563 8.69 -36.24 -53.88
CA LEU C 563 7.41 -35.55 -53.67
C LEU C 563 6.28 -36.27 -54.37
N VAL C 564 6.44 -36.55 -55.66
CA VAL C 564 5.49 -37.41 -56.35
C VAL C 564 5.29 -38.70 -55.57
N ARG C 565 6.38 -39.42 -55.31
CA ARG C 565 6.28 -40.75 -54.72
C ARG C 565 6.27 -40.73 -53.18
N GLU C 566 7.39 -40.36 -52.56
CA GLU C 566 7.58 -40.67 -51.14
C GLU C 566 6.94 -39.69 -50.16
N TYR C 567 6.65 -38.45 -50.56
CA TYR C 567 6.12 -37.44 -49.66
C TYR C 567 4.60 -37.42 -49.59
N LEU C 568 3.91 -38.36 -50.23
CA LEU C 568 2.58 -38.09 -50.73
C LEU C 568 1.59 -37.81 -49.59
N LEU C 569 0.35 -37.58 -50.00
CA LEU C 569 -0.70 -36.97 -49.22
C LEU C 569 -1.14 -37.84 -48.05
N PRO C 570 -2.10 -37.40 -47.26
CA PRO C 570 -2.85 -38.32 -46.38
C PRO C 570 -3.89 -39.16 -47.10
N PRO C 571 -4.82 -38.55 -47.87
CA PRO C 571 -5.86 -39.38 -48.48
C PRO C 571 -5.36 -40.19 -49.65
N GLU C 572 -4.37 -39.69 -50.39
CA GLU C 572 -3.63 -40.54 -51.31
C GLU C 572 -2.52 -41.10 -50.46
N THR C 573 -2.74 -42.31 -50.02
CA THR C 573 -1.89 -43.11 -49.17
C THR C 573 -2.49 -44.49 -49.26
N GLN C 574 -1.98 -45.38 -48.46
CA GLN C 574 -2.46 -46.71 -48.47
C GLN C 574 -3.88 -46.84 -47.94
N PRO C 575 -4.45 -48.03 -48.08
CA PRO C 575 -5.67 -48.36 -47.36
C PRO C 575 -5.51 -48.11 -45.87
N LEU C 576 -6.64 -47.87 -45.22
CA LEU C 576 -6.68 -47.79 -43.76
C LEU C 576 -5.93 -46.57 -43.23
N HIS C 577 -5.85 -45.49 -44.01
CA HIS C 577 -5.26 -44.27 -43.45
C HIS C 577 -6.12 -43.69 -42.32
N GLU C 578 -7.32 -44.21 -42.10
CA GLU C 578 -8.08 -43.87 -40.91
C GLU C 578 -7.49 -44.56 -39.69
N VAL C 579 -7.79 -44.00 -38.52
CA VAL C 579 -7.56 -44.63 -37.24
C VAL C 579 -6.10 -44.61 -36.82
N VAL C 580 -5.19 -44.53 -37.79
CA VAL C 580 -3.84 -44.04 -37.53
C VAL C 580 -3.78 -42.53 -37.68
N TYR C 581 -4.49 -42.03 -38.69
CA TYR C 581 -4.72 -40.60 -38.87
C TYR C 581 -6.14 -40.32 -38.38
N PHE C 582 -6.29 -39.34 -37.49
CA PHE C 582 -7.53 -39.15 -36.74
C PHE C 582 -8.35 -37.99 -37.31
N SER C 583 -9.56 -38.31 -37.79
CA SER C 583 -10.55 -37.33 -38.21
C SER C 583 -11.38 -36.84 -37.03
N ALA C 584 -12.52 -36.22 -37.29
CA ALA C 584 -13.45 -35.81 -36.24
C ALA C 584 -12.85 -34.69 -35.38
N ALA C 585 -12.38 -33.63 -36.05
CA ALA C 585 -11.88 -32.44 -35.34
C ALA C 585 -12.98 -31.77 -34.51
N HIS C 586 -14.18 -31.64 -35.08
CA HIS C 586 -15.18 -30.71 -34.56
C HIS C 586 -15.42 -30.90 -33.06
N ALA C 587 -15.66 -32.15 -32.64
CA ALA C 587 -16.08 -32.39 -31.26
C ALA C 587 -15.03 -31.92 -30.27
N LEU C 588 -13.75 -32.12 -30.56
CA LEU C 588 -12.70 -31.62 -29.68
C LEU C 588 -12.80 -30.10 -29.54
N ARG C 589 -12.92 -29.40 -30.67
CA ARG C 589 -13.10 -27.96 -30.64
C ARG C 589 -14.29 -27.58 -29.77
N GLU C 590 -15.33 -28.42 -29.75
CA GLU C 590 -16.40 -28.23 -28.78
C GLU C 590 -15.91 -28.49 -27.35
N HIS C 591 -15.01 -29.45 -27.16
CA HIS C 591 -14.57 -29.93 -25.86
C HIS C 591 -13.29 -29.26 -25.40
N LEU C 592 -12.71 -28.42 -26.23
CA LEU C 592 -11.51 -27.69 -25.84
C LEU C 592 -11.62 -26.22 -26.21
N ASN C 593 -11.70 -25.94 -27.50
CA ASN C 593 -11.71 -24.56 -27.95
C ASN C 593 -12.73 -23.74 -27.20
N ALA C 594 -13.76 -24.37 -26.66
CA ALA C 594 -14.75 -23.68 -25.85
C ALA C 594 -15.37 -22.53 -26.65
N ALA C 595 -16.22 -22.92 -27.58
CA ALA C 595 -16.87 -21.94 -28.43
C ALA C 595 -18.36 -21.95 -28.11
N PRO C 596 -18.74 -21.45 -26.92
CA PRO C 596 -20.16 -21.44 -26.55
C PRO C 596 -20.97 -20.43 -27.34
N ARG C 597 -20.39 -19.28 -27.67
CA ARG C 597 -21.17 -18.23 -28.32
C ARG C 597 -21.42 -18.49 -29.80
N ILE C 598 -20.72 -19.44 -30.41
CA ILE C 598 -21.11 -19.91 -31.75
C ILE C 598 -22.43 -20.66 -31.67
N ALA C 599 -22.47 -21.69 -30.82
CA ALA C 599 -23.69 -22.47 -30.66
C ALA C 599 -24.82 -21.59 -30.13
N LEU C 600 -24.49 -20.64 -29.26
CA LEU C 600 -25.52 -19.76 -28.70
C LEU C 600 -26.00 -18.82 -29.80
N HIS C 601 -25.14 -17.93 -30.28
CA HIS C 601 -25.54 -16.98 -31.32
C HIS C 601 -26.35 -17.68 -32.40
N THR C 602 -25.74 -18.67 -33.07
CA THR C 602 -26.45 -19.36 -34.14
C THR C 602 -27.73 -20.05 -33.66
N ALA C 603 -27.82 -20.40 -32.38
CA ALA C 603 -29.03 -21.06 -31.89
C ALA C 603 -30.15 -20.06 -31.62
N LEU C 604 -29.82 -18.97 -30.93
CA LEU C 604 -30.80 -17.96 -30.55
C LEU C 604 -31.28 -17.21 -31.78
N ASN C 605 -30.36 -16.85 -32.67
CA ASN C 605 -30.73 -16.46 -34.03
C ASN C 605 -31.52 -17.58 -34.68
N ASN C 606 -30.86 -18.73 -34.91
CA ASN C 606 -31.49 -19.85 -35.58
C ASN C 606 -31.24 -21.16 -34.83
N PRO C 628 -40.51 -21.21 -31.34
CA PRO C 628 -39.39 -20.27 -31.51
C PRO C 628 -39.64 -18.93 -30.83
N ASP C 629 -40.30 -18.97 -29.66
CA ASP C 629 -40.64 -17.74 -28.95
C ASP C 629 -39.42 -17.06 -28.36
N ILE C 630 -38.42 -17.83 -27.94
CA ILE C 630 -37.13 -17.23 -27.58
C ILE C 630 -36.33 -16.93 -28.84
N CYS C 631 -36.52 -17.71 -29.90
CA CYS C 631 -35.92 -17.37 -31.19
C CYS C 631 -36.43 -16.02 -31.67
N ILE C 632 -37.76 -15.85 -31.69
CA ILE C 632 -38.33 -14.56 -32.05
C ILE C 632 -37.98 -13.50 -31.01
N ALA C 633 -37.83 -13.89 -29.74
CA ALA C 633 -37.46 -12.92 -28.72
C ALA C 633 -36.09 -12.33 -29.02
N TYR C 634 -35.10 -13.18 -29.33
CA TYR C 634 -33.80 -12.69 -29.74
C TYR C 634 -33.88 -11.95 -31.07
N LYS C 635 -34.87 -12.28 -31.90
CA LYS C 635 -35.10 -11.47 -33.10
C LYS C 635 -35.50 -10.05 -32.74
N LEU C 636 -36.34 -9.88 -31.70
CA LEU C 636 -36.74 -8.56 -31.26
C LEU C 636 -35.58 -7.83 -30.61
N HIS C 637 -34.92 -8.50 -29.66
CA HIS C 637 -33.71 -8.02 -29.02
C HIS C 637 -32.64 -7.65 -30.04
N LEU C 638 -32.72 -8.19 -31.25
CA LEU C 638 -31.95 -7.64 -32.38
C LEU C 638 -32.63 -6.44 -33.00
N GLU C 639 -33.97 -6.45 -33.06
CA GLU C 639 -34.72 -5.56 -33.94
C GLU C 639 -34.83 -4.14 -33.41
N CYS C 640 -35.27 -3.97 -32.16
CA CYS C 640 -36.03 -2.76 -31.82
C CYS C 640 -35.31 -1.47 -32.18
N SER C 641 -34.41 -0.95 -31.34
CA SER C 641 -33.44 0.02 -31.85
C SER C 641 -32.07 -0.13 -31.20
N ARG C 642 -31.92 0.47 -30.01
CA ARG C 642 -30.76 0.34 -29.16
C ARG C 642 -31.27 0.14 -27.74
N LEU C 643 -31.88 1.19 -27.22
CA LEU C 643 -32.60 1.16 -25.95
C LEU C 643 -34.10 1.09 -26.23
N ILE C 644 -34.79 0.22 -25.50
CA ILE C 644 -36.19 -0.09 -25.76
C ILE C 644 -36.94 0.11 -24.45
N ASN C 645 -37.83 1.11 -24.43
CA ASN C 645 -38.57 1.45 -23.23
C ASN C 645 -39.62 0.41 -22.89
N LEU C 646 -39.63 -0.07 -21.63
CA LEU C 646 -40.54 -1.15 -21.26
C LEU C 646 -42.02 -0.74 -21.33
N VAL C 647 -42.32 0.56 -21.36
CA VAL C 647 -43.69 0.95 -21.68
C VAL C 647 -44.02 0.55 -23.11
N ASP C 648 -43.25 1.08 -24.07
CA ASP C 648 -43.35 0.69 -25.48
C ASP C 648 -42.35 -0.38 -25.87
N TRP C 649 -41.69 -1.02 -24.89
CA TRP C 649 -41.11 -2.33 -25.17
C TRP C 649 -42.07 -3.43 -24.77
N SER C 650 -42.54 -3.45 -23.52
CA SER C 650 -43.66 -4.34 -23.23
C SER C 650 -44.79 -4.10 -24.24
N GLU C 651 -45.03 -2.83 -24.60
CA GLU C 651 -46.03 -2.50 -25.61
C GLU C 651 -45.53 -2.58 -27.06
N ALA C 652 -44.22 -2.49 -27.33
CA ALA C 652 -43.78 -2.73 -28.72
C ALA C 652 -43.73 -4.23 -29.01
N PHE C 653 -43.25 -5.00 -28.04
CA PHE C 653 -43.36 -6.45 -28.01
C PHE C 653 -44.81 -6.89 -27.95
N ALA C 654 -45.73 -6.00 -27.53
CA ALA C 654 -47.15 -6.25 -27.73
C ALA C 654 -47.68 -5.73 -29.07
N THR C 655 -46.99 -4.80 -29.74
CA THR C 655 -47.33 -4.48 -31.13
C THR C 655 -46.73 -5.52 -32.07
N VAL C 656 -45.45 -5.83 -31.85
CA VAL C 656 -44.80 -6.87 -32.66
C VAL C 656 -45.32 -8.25 -32.27
N VAL C 657 -45.38 -8.51 -30.96
CA VAL C 657 -45.76 -9.83 -30.47
C VAL C 657 -46.96 -9.72 -29.53
N ILE C 676 -50.19 -15.03 -21.33
CA ILE C 676 -49.16 -16.05 -21.49
C ILE C 676 -48.04 -15.53 -22.38
N ILE C 677 -48.38 -14.57 -23.24
CA ILE C 677 -47.46 -14.16 -24.30
C ILE C 677 -46.26 -13.42 -23.74
N HIS C 678 -46.42 -12.76 -22.59
CA HIS C 678 -45.33 -11.94 -22.05
C HIS C 678 -44.32 -12.75 -21.24
N ALA C 679 -44.79 -13.69 -20.42
CA ALA C 679 -43.90 -14.31 -19.43
C ALA C 679 -42.67 -14.96 -20.07
N ARG C 680 -42.82 -15.47 -21.29
CA ARG C 680 -41.70 -16.11 -21.99
C ARG C 680 -40.67 -15.11 -22.50
N PHE C 681 -41.05 -13.84 -22.69
CA PHE C 681 -40.06 -12.83 -23.03
C PHE C 681 -39.35 -12.28 -21.79
N ILE C 682 -40.01 -12.28 -20.64
CA ILE C 682 -39.32 -11.94 -19.41
C ILE C 682 -38.44 -13.09 -18.95
N ARG C 683 -38.76 -14.33 -19.33
CA ARG C 683 -37.83 -15.41 -19.04
C ARG C 683 -36.73 -15.48 -20.10
N ALA C 684 -37.08 -15.21 -21.36
CA ALA C 684 -36.07 -15.01 -22.39
C ALA C 684 -35.11 -13.90 -21.98
N VAL C 685 -35.64 -12.83 -21.40
CA VAL C 685 -34.83 -11.67 -21.07
C VAL C 685 -34.10 -11.88 -19.76
N SER C 686 -34.72 -12.58 -18.80
CA SER C 686 -34.03 -12.86 -17.54
C SER C 686 -32.93 -13.89 -17.73
N GLU C 687 -33.11 -14.79 -18.70
CA GLU C 687 -32.00 -15.64 -19.13
C GLU C 687 -30.96 -14.81 -19.88
N LEU C 688 -31.41 -14.05 -20.88
CA LEU C 688 -30.52 -13.13 -21.59
C LEU C 688 -29.75 -12.24 -20.60
N GLU C 689 -30.27 -12.02 -19.39
CA GLU C 689 -29.44 -11.56 -18.28
C GLU C 689 -28.53 -12.67 -17.81
N LEU C 690 -29.12 -13.82 -17.47
CA LEU C 690 -28.34 -14.95 -16.99
C LEU C 690 -27.42 -15.47 -18.08
N LEU C 691 -27.98 -15.77 -19.26
CA LEU C 691 -27.15 -15.92 -20.45
C LEU C 691 -26.21 -14.73 -20.64
N GLY C 692 -26.73 -13.51 -20.52
CA GLY C 692 -25.96 -12.30 -20.73
C GLY C 692 -26.11 -11.60 -22.06
N PHE C 693 -27.02 -12.03 -22.93
CA PHE C 693 -27.25 -11.30 -24.17
C PHE C 693 -27.94 -9.97 -23.92
N ILE C 694 -28.40 -9.73 -22.69
CA ILE C 694 -28.78 -8.40 -22.25
C ILE C 694 -28.32 -8.23 -20.82
N LYS C 695 -28.70 -7.12 -20.19
CA LYS C 695 -28.45 -6.87 -18.78
C LYS C 695 -29.67 -6.17 -18.21
N PRO C 696 -29.93 -6.30 -16.90
CA PRO C 696 -31.04 -5.53 -16.30
C PRO C 696 -30.62 -4.11 -15.99
N THR C 697 -30.74 -3.22 -16.98
CA THR C 697 -29.97 -1.99 -17.03
C THR C 697 -30.77 -0.77 -16.57
N LYS C 698 -30.09 0.15 -15.87
CA LYS C 698 -30.68 1.38 -15.36
C LYS C 698 -30.47 2.62 -16.25
N GLN C 699 -29.81 2.51 -17.41
CA GLN C 699 -29.63 3.70 -18.24
C GLN C 699 -30.95 4.38 -18.54
N LYS C 700 -32.06 3.66 -18.44
CA LYS C 700 -33.37 4.24 -18.60
C LYS C 700 -34.36 3.39 -17.82
N THR C 701 -35.48 4.01 -17.43
CA THR C 701 -36.40 3.36 -16.51
C THR C 701 -36.98 2.09 -17.10
N ASP C 702 -36.84 0.99 -16.37
CA ASP C 702 -37.37 -0.31 -16.79
C ASP C 702 -36.77 -0.71 -18.15
N HIS C 703 -35.48 -1.04 -18.13
CA HIS C 703 -34.78 -1.35 -19.37
C HIS C 703 -33.89 -2.57 -19.23
N VAL C 704 -33.67 -3.18 -20.39
CA VAL C 704 -32.87 -4.38 -20.56
C VAL C 704 -31.93 -4.13 -21.73
N ALA C 705 -30.61 -4.05 -21.47
CA ALA C 705 -29.66 -3.63 -22.49
C ALA C 705 -28.38 -4.45 -22.45
N ARG C 706 -27.92 -4.85 -23.64
CA ARG C 706 -26.84 -5.82 -23.77
C ARG C 706 -25.46 -5.20 -23.67
N LEU C 707 -24.61 -5.85 -22.88
CA LEU C 707 -23.17 -5.63 -22.89
C LEU C 707 -22.53 -6.35 -24.07
N THR C 708 -23.04 -7.52 -24.40
CA THR C 708 -22.47 -8.29 -25.49
C THR C 708 -22.80 -7.58 -26.79
N TRP C 709 -21.89 -7.71 -27.75
CA TRP C 709 -22.05 -6.99 -28.99
C TRP C 709 -22.88 -7.85 -29.93
N LEU D 17 44.12 30.48 28.81
CA LEU D 17 44.03 29.19 28.13
C LEU D 17 42.64 29.00 27.53
N SER D 18 42.34 27.75 27.18
CA SER D 18 41.01 27.33 26.72
C SER D 18 39.99 27.36 27.84
N GLN D 19 40.42 27.69 29.06
CA GLN D 19 39.51 27.78 30.20
C GLN D 19 38.26 28.57 29.85
N VAL D 20 38.39 29.55 28.94
CA VAL D 20 37.23 30.27 28.45
C VAL D 20 36.22 29.30 27.84
N GLN D 21 36.68 28.46 26.92
CA GLN D 21 35.78 27.56 26.20
C GLN D 21 35.01 26.66 27.16
N ARG D 22 35.71 25.98 28.06
CA ARG D 22 35.06 25.04 28.97
C ARG D 22 33.87 25.69 29.68
N ILE D 23 33.97 26.98 29.96
CA ILE D 23 32.95 27.69 30.74
C ILE D 23 31.75 28.03 29.86
N LEU D 24 31.98 28.82 28.82
CA LEU D 24 30.89 29.24 27.94
C LEU D 24 30.20 28.05 27.29
N ARG D 25 30.90 26.93 27.13
CA ARG D 25 30.28 25.76 26.50
C ARG D 25 29.25 25.11 27.41
N GLU D 26 29.53 25.02 28.70
CA GLU D 26 28.51 24.58 29.64
C GLU D 26 27.39 25.62 29.80
N ARG D 27 27.68 26.88 29.50
CA ARG D 27 26.64 27.92 29.54
C ARG D 27 25.82 27.94 28.27
N PHE D 28 26.48 27.89 27.10
CA PHE D 28 25.77 28.04 25.84
C PHE D 28 25.11 26.73 25.40
N CYS D 29 25.88 25.63 25.40
CA CYS D 29 25.40 24.38 24.84
C CYS D 29 24.56 23.62 25.87
N ARG D 30 25.20 23.09 26.90
CA ARG D 30 24.46 22.67 28.07
C ARG D 30 23.92 23.91 28.77
N GLN D 31 22.84 23.73 29.52
CA GLN D 31 22.13 24.85 30.13
C GLN D 31 22.65 25.03 31.56
N SER D 32 23.34 26.14 31.79
CA SER D 32 24.05 26.35 33.05
C SER D 32 23.06 26.45 34.21
N PRO D 33 23.09 25.53 35.17
CA PRO D 33 22.17 25.65 36.32
C PRO D 33 22.25 26.99 37.03
N HIS D 34 23.41 27.62 37.07
CA HIS D 34 23.57 28.96 37.64
C HIS D 34 23.90 29.94 36.54
N SER D 35 23.11 31.01 36.46
CA SER D 35 23.34 32.11 35.53
C SER D 35 22.51 33.29 36.02
N ASN D 36 22.50 34.37 35.25
CA ASN D 36 21.69 35.53 35.59
C ASN D 36 20.26 35.30 35.12
N LEU D 37 19.30 35.56 36.00
CA LEU D 37 17.88 35.38 35.70
C LEU D 37 17.33 36.73 35.22
N PHE D 38 16.92 36.77 33.95
CA PHE D 38 16.55 38.02 33.30
C PHE D 38 15.03 38.15 33.23
N GLY D 39 14.49 39.17 33.88
CA GLY D 39 13.08 39.51 33.78
C GLY D 39 12.12 38.51 34.36
N VAL D 40 12.61 37.45 35.01
CA VAL D 40 11.76 36.42 35.60
C VAL D 40 11.51 36.73 37.07
N GLN D 41 11.96 37.91 37.51
CA GLN D 41 11.92 38.21 38.93
C GLN D 41 10.53 37.98 39.53
N VAL D 42 9.48 38.46 38.84
CA VAL D 42 8.12 38.23 39.32
C VAL D 42 7.79 36.76 39.31
N GLN D 43 8.01 36.10 38.18
CA GLN D 43 7.61 34.71 38.03
C GLN D 43 8.34 33.82 39.03
N TYR D 44 9.61 34.09 39.27
CA TYR D 44 10.37 33.29 40.23
C TYR D 44 9.75 33.39 41.62
N LYS D 45 9.36 34.60 42.03
CA LYS D 45 8.69 34.76 43.31
C LYS D 45 7.51 33.80 43.44
N HIS D 46 6.63 33.79 42.43
CA HIS D 46 5.43 32.97 42.51
C HIS D 46 5.75 31.49 42.54
N LEU D 47 6.76 31.06 41.78
CA LEU D 47 7.13 29.65 41.79
C LEU D 47 7.81 29.26 43.09
N SER D 48 8.87 29.98 43.45
CA SER D 48 9.58 29.67 44.69
C SER D 48 8.65 29.77 45.90
N GLU D 49 7.76 30.77 45.90
CA GLU D 49 6.75 30.87 46.94
C GLU D 49 5.98 29.57 47.08
N LEU D 50 5.24 29.20 46.02
CA LEU D 50 4.47 27.97 46.04
C LEU D 50 5.31 26.79 46.50
N LEU D 51 6.57 26.73 46.05
CA LEU D 51 7.40 25.58 46.38
C LEU D 51 7.68 25.50 47.88
N LYS D 52 7.95 26.64 48.53
CA LYS D 52 8.07 26.62 49.98
C LYS D 52 6.78 26.12 50.60
N ARG D 53 5.63 26.56 50.06
CA ARG D 53 4.37 26.26 50.71
C ARG D 53 4.09 24.76 50.71
N THR D 54 4.47 24.06 49.64
CA THR D 54 4.25 22.62 49.59
C THR D 54 5.32 21.86 50.37
N ALA D 55 6.57 22.34 50.31
CA ALA D 55 7.66 21.63 50.96
C ALA D 55 7.67 21.87 52.47
N LEU D 56 7.63 23.14 52.89
CA LEU D 56 7.77 23.46 54.30
C LEU D 56 6.47 23.26 55.07
N HIS D 57 5.34 23.67 54.50
CA HIS D 57 4.04 23.42 55.08
C HIS D 57 3.42 22.22 54.35
N GLY D 58 2.22 21.83 54.78
CA GLY D 58 1.60 20.64 54.25
C GLY D 58 0.68 20.91 53.08
N GLU D 59 0.85 22.06 52.44
CA GLU D 59 -0.06 22.49 51.38
C GLU D 59 0.23 21.76 50.07
N SER D 60 -0.82 21.58 49.28
CA SER D 60 -0.73 20.94 47.97
C SER D 60 -1.19 21.92 46.90
N ASN D 61 -0.40 22.06 45.84
CA ASN D 61 -0.68 23.03 44.79
C ASN D 61 -0.37 22.43 43.42
N SER D 62 -0.82 23.13 42.38
CA SER D 62 -0.47 22.81 41.00
C SER D 62 -0.33 24.09 40.21
N VAL D 63 0.64 24.14 39.29
CA VAL D 63 0.94 25.35 38.54
C VAL D 63 1.47 24.97 37.16
N LEU D 64 1.28 25.88 36.19
CA LEU D 64 1.80 25.74 34.85
C LEU D 64 2.71 26.91 34.52
N ILE D 65 3.92 26.60 34.06
CA ILE D 65 4.85 27.59 33.51
C ILE D 65 4.72 27.51 32.01
N ILE D 66 4.30 28.62 31.39
CA ILE D 66 3.86 28.62 30.00
C ILE D 66 4.57 29.76 29.27
N GLY D 67 5.37 29.42 28.27
CA GLY D 67 6.09 30.41 27.51
C GLY D 67 6.39 29.92 26.11
N PRO D 68 7.14 30.67 25.32
CA PRO D 68 7.56 30.19 24.01
C PRO D 68 8.66 29.19 24.37
N ARG D 69 9.06 28.41 23.37
CA ARG D 69 10.16 27.46 23.63
C ARG D 69 11.48 28.14 23.48
N GLY D 70 12.46 27.78 24.32
CA GLY D 70 13.79 28.35 24.24
C GLY D 70 13.97 29.49 25.22
N SER D 71 12.93 29.90 25.91
CA SER D 71 13.03 30.94 26.92
C SER D 71 12.36 30.47 28.19
N GLY D 72 12.86 30.93 29.33
CA GLY D 72 12.20 30.55 30.56
C GLY D 72 12.39 29.11 31.01
N LYS D 73 11.32 28.33 30.89
CA LYS D 73 10.86 27.34 31.85
C LYS D 73 11.93 26.52 32.57
N THR D 74 12.62 25.62 31.86
CA THR D 74 13.39 24.59 32.56
C THR D 74 14.43 25.19 33.50
N MET D 75 15.01 26.35 33.16
CA MET D 75 15.98 26.95 34.06
C MET D 75 15.30 27.52 35.29
N LEU D 76 14.15 28.16 35.12
CA LEU D 76 13.42 28.69 36.27
C LEU D 76 13.13 27.57 37.27
N ILE D 77 12.49 26.50 36.81
CA ILE D 77 12.15 25.40 37.71
C ILE D 77 13.41 24.76 38.29
N ASN D 78 14.49 24.69 37.50
CA ASN D 78 15.73 24.13 38.01
C ASN D 78 16.32 25.01 39.10
N HIS D 79 16.38 26.32 38.86
CA HIS D 79 16.90 27.24 39.86
C HIS D 79 16.03 27.22 41.12
N ALA D 80 14.72 27.24 40.93
CA ALA D 80 13.79 27.22 42.06
C ALA D 80 13.97 25.94 42.89
N LEU D 81 14.00 24.78 42.22
CA LEU D 81 14.13 23.52 42.94
C LEU D 81 15.44 23.47 43.73
N LYS D 82 16.52 23.99 43.16
CA LYS D 82 17.80 23.94 43.86
C LYS D 82 17.73 24.73 45.16
N GLU D 83 17.38 26.02 45.08
CA GLU D 83 17.30 26.84 46.28
C GLU D 83 16.40 26.20 47.31
N LEU D 84 15.34 25.53 46.86
CA LEU D 84 14.39 24.92 47.79
C LEU D 84 15.07 23.85 48.63
N MET D 85 15.87 22.99 48.00
CA MET D 85 16.46 21.86 48.70
C MET D 85 17.73 22.23 49.45
N GLU D 86 18.17 23.48 49.38
CA GLU D 86 19.26 23.94 50.23
C GLU D 86 18.83 24.12 51.67
N ILE D 87 17.54 24.00 51.97
CA ILE D 87 17.05 24.02 53.34
C ILE D 87 17.17 22.60 53.89
N GLU D 88 17.87 22.46 55.01
CA GLU D 88 18.18 21.13 55.52
C GLU D 88 16.91 20.31 55.76
N GLU D 89 15.88 20.92 56.36
CA GLU D 89 14.63 20.20 56.55
C GLU D 89 14.06 19.75 55.22
N VAL D 90 14.21 20.56 54.18
CA VAL D 90 13.68 20.23 52.86
C VAL D 90 14.42 19.03 52.26
N SER D 91 15.75 19.12 52.19
CA SER D 91 16.51 18.07 51.52
C SER D 91 16.23 16.69 52.10
N GLU D 92 15.98 16.62 53.41
CA GLU D 92 15.75 15.32 54.04
C GLU D 92 14.31 14.85 53.85
N ASN D 93 13.33 15.75 53.96
CA ASN D 93 11.92 15.36 53.97
C ASN D 93 11.25 15.41 52.61
N VAL D 94 11.89 15.97 51.58
CA VAL D 94 11.23 16.24 50.30
C VAL D 94 11.83 15.35 49.21
N LEU D 95 10.95 14.71 48.44
CA LEU D 95 11.33 13.95 47.26
C LEU D 95 10.80 14.67 46.03
N GLN D 96 11.53 14.56 44.92
CA GLN D 96 11.13 15.21 43.68
C GLN D 96 11.13 14.18 42.55
N VAL D 97 10.13 14.30 41.68
CA VAL D 97 9.91 13.37 40.58
C VAL D 97 9.88 14.19 39.31
N HIS D 98 10.77 13.85 38.37
CA HIS D 98 10.90 14.57 37.11
C HIS D 98 10.33 13.69 36.01
N LEU D 99 9.30 14.18 35.34
CA LEU D 99 8.67 13.46 34.25
C LEU D 99 8.78 14.30 32.99
N ASN D 100 8.71 13.64 31.83
CA ASN D 100 8.77 14.33 30.56
C ASN D 100 7.87 13.62 29.57
N GLY D 101 7.11 14.41 28.81
CA GLY D 101 6.18 13.84 27.85
C GLY D 101 6.85 13.07 26.72
N LEU D 102 8.11 13.37 26.44
CA LEU D 102 8.83 12.63 25.41
C LEU D 102 9.26 11.26 25.91
N LEU D 103 9.76 11.19 27.14
CA LEU D 103 10.25 9.93 27.66
C LEU D 103 9.10 9.00 28.05
N GLN D 104 8.16 9.49 28.84
CA GLN D 104 6.97 8.70 29.19
C GLN D 104 5.85 9.05 28.21
N ILE D 105 5.54 8.11 27.31
CA ILE D 105 4.48 8.30 26.33
C ILE D 105 3.19 7.64 26.76
N ASN D 106 3.18 6.95 27.90
CA ASN D 106 2.02 6.19 28.36
C ASN D 106 1.91 6.35 29.87
N ASP D 107 0.68 6.54 30.34
CA ASP D 107 0.48 6.73 31.78
C ASP D 107 0.88 5.49 32.57
N LYS D 108 0.91 4.31 31.94
CA LYS D 108 1.47 3.15 32.63
C LYS D 108 2.97 3.27 32.76
N ILE D 109 3.64 3.72 31.71
CA ILE D 109 5.08 4.00 31.80
C ILE D 109 5.34 5.01 32.90
N ALA D 110 4.53 6.07 32.96
CA ALA D 110 4.72 7.09 33.97
C ALA D 110 4.56 6.52 35.38
N LEU D 111 3.53 5.69 35.60
CA LEU D 111 3.33 5.09 36.91
C LEU D 111 4.59 4.35 37.36
N LYS D 112 5.11 3.47 36.51
CA LYS D 112 6.32 2.75 36.86
C LYS D 112 7.53 3.67 36.95
N GLU D 113 7.49 4.82 36.27
CA GLU D 113 8.59 5.77 36.38
C GLU D 113 8.54 6.53 37.71
N ILE D 114 7.33 6.88 38.17
CA ILE D 114 7.21 7.44 39.51
C ILE D 114 7.68 6.42 40.54
N THR D 115 7.20 5.18 40.44
CA THR D 115 7.64 4.13 41.34
C THR D 115 9.16 4.04 41.39
N ARG D 116 9.82 4.30 40.26
CA ARG D 116 11.27 4.20 40.19
C ARG D 116 11.95 5.40 40.85
N GLN D 117 11.48 6.61 40.54
CA GLN D 117 12.11 7.81 41.07
C GLN D 117 11.85 7.98 42.57
N LEU D 118 10.79 7.37 43.10
CA LEU D 118 10.52 7.42 44.53
C LEU D 118 11.25 6.34 45.31
N ASN D 119 12.07 5.51 44.64
CA ASN D 119 12.78 4.42 45.29
C ASN D 119 11.80 3.43 45.93
N LEU D 120 10.59 3.37 45.38
CA LEU D 120 9.53 2.49 45.84
C LEU D 120 9.50 1.16 45.08
N GLU D 121 10.54 0.86 44.30
CA GLU D 121 10.61 -0.36 43.50
C GLU D 121 10.38 -1.62 44.34
N ASN D 122 10.34 -1.47 45.66
CA ASN D 122 10.16 -2.58 46.58
C ASN D 122 8.69 -2.95 46.79
N VAL D 123 7.78 -2.45 45.95
CA VAL D 123 6.35 -2.70 46.12
C VAL D 123 6.09 -4.17 46.47
N VAL D 124 6.75 -5.14 45.80
CA VAL D 124 7.41 -4.98 44.50
C VAL D 124 6.69 -5.91 43.54
N GLY D 125 5.85 -5.36 42.66
CA GLY D 125 5.31 -6.16 41.58
C GLY D 125 4.43 -7.30 42.02
N ASP D 126 4.39 -7.62 43.32
CA ASP D 126 3.58 -8.72 43.82
C ASP D 126 2.13 -8.30 43.95
N LYS D 127 1.90 -7.02 44.20
CA LYS D 127 0.56 -6.47 44.31
C LYS D 127 0.35 -5.55 43.13
N VAL D 128 -0.46 -5.99 42.17
CA VAL D 128 -0.94 -5.14 41.10
C VAL D 128 -2.32 -4.63 41.56
N PHE D 129 -2.41 -3.34 41.80
CA PHE D 129 -3.55 -2.78 42.51
C PHE D 129 -4.77 -2.66 41.60
N GLY D 130 -5.94 -2.71 42.20
CA GLY D 130 -7.20 -2.76 41.46
C GLY D 130 -7.46 -1.53 40.61
N SER D 131 -6.80 -0.41 40.90
CA SER D 131 -7.06 0.82 40.18
C SER D 131 -5.77 1.61 40.02
N PHE D 132 -5.75 2.46 38.99
CA PHE D 132 -4.59 3.31 38.74
C PHE D 132 -4.34 4.23 39.93
N ALA D 133 -5.40 4.84 40.46
CA ALA D 133 -5.24 5.74 41.60
C ALA D 133 -4.77 4.99 42.83
N GLU D 134 -5.28 3.78 43.05
CA GLU D 134 -4.89 3.02 44.24
C GLU D 134 -3.40 2.71 44.21
N ASN D 135 -2.84 2.42 43.04
CA ASN D 135 -1.40 2.21 42.93
C ASN D 135 -0.65 3.51 43.17
N LEU D 136 -1.16 4.62 42.64
CA LEU D 136 -0.49 5.90 42.85
C LEU D 136 -0.59 6.33 44.31
N SER D 137 -1.78 6.21 44.91
CA SER D 137 -1.93 6.55 46.32
C SER D 137 -1.04 5.66 47.19
N PHE D 138 -0.97 4.37 46.87
CA PHE D 138 -0.13 3.45 47.63
C PHE D 138 1.33 3.88 47.59
N LEU D 139 1.77 4.52 46.50
CA LEU D 139 3.16 4.95 46.41
C LEU D 139 3.43 6.14 47.33
N LEU D 140 2.55 7.14 47.31
CA LEU D 140 2.77 8.33 48.14
C LEU D 140 2.64 8.00 49.63
N GLU D 141 1.78 7.03 49.97
CA GLU D 141 1.56 6.67 51.36
C GLU D 141 2.72 5.86 51.95
N ALA D 142 3.69 5.47 51.13
CA ALA D 142 4.82 4.69 51.61
C ALA D 142 6.04 5.58 51.82
N CYS D 152 5.13 13.79 54.14
CA CYS D 152 5.96 13.07 53.18
C CYS D 152 5.69 13.61 51.77
N PRO D 153 6.11 14.84 51.51
CA PRO D 153 5.75 15.50 50.25
C PRO D 153 6.55 14.97 49.07
N VAL D 154 6.01 15.24 47.87
CA VAL D 154 6.68 14.95 46.62
C VAL D 154 6.36 16.04 45.62
N ILE D 155 7.40 16.50 44.91
CA ILE D 155 7.24 17.56 43.91
C ILE D 155 7.25 16.92 42.53
N PHE D 156 6.11 16.90 41.86
CA PHE D 156 5.97 16.29 40.54
C PHE D 156 6.24 17.34 39.47
N ILE D 157 7.31 17.14 38.71
CA ILE D 157 7.62 17.99 37.57
C ILE D 157 7.20 17.24 36.31
N LEU D 158 6.32 17.85 35.52
CA LEU D 158 5.90 17.28 34.24
C LEU D 158 6.37 18.21 33.14
N ASP D 159 7.39 17.78 32.40
CA ASP D 159 7.92 18.54 31.30
C ASP D 159 7.27 18.09 30.00
N GLU D 160 7.07 19.03 29.09
CA GLU D 160 6.25 18.79 27.90
C GLU D 160 4.85 18.37 28.35
N PHE D 161 4.27 19.18 29.25
CA PHE D 161 2.92 18.96 29.73
C PHE D 161 1.94 18.71 28.58
N ASP D 162 2.16 19.36 27.43
CA ASP D 162 1.27 19.21 26.28
C ASP D 162 0.98 17.75 26.01
N LEU D 163 2.02 16.91 26.09
CA LEU D 163 1.88 15.52 25.66
C LEU D 163 1.16 14.69 26.70
N PHE D 164 1.37 14.99 27.99
CA PHE D 164 0.62 14.30 29.03
C PHE D 164 -0.88 14.53 28.88
N ALA D 165 -1.26 15.66 28.27
CA ALA D 165 -2.67 15.92 28.01
C ALA D 165 -3.23 15.03 26.93
N HIS D 166 -2.38 14.39 26.15
CA HIS D 166 -2.80 13.60 25.00
C HIS D 166 -2.95 12.11 25.30
N HIS D 167 -2.84 11.68 26.55
CA HIS D 167 -2.82 10.24 26.84
C HIS D 167 -4.26 9.78 27.05
N LYS D 168 -4.81 9.09 26.04
CA LYS D 168 -6.06 8.36 26.14
C LYS D 168 -7.10 9.14 26.96
N ASN D 169 -7.79 8.46 27.87
CA ASN D 169 -8.37 9.15 29.01
C ASN D 169 -7.24 9.58 29.92
N GLN D 170 -7.29 10.81 30.43
CA GLN D 170 -6.10 11.34 31.09
C GLN D 170 -6.18 10.86 32.52
N THR D 171 -5.47 9.77 32.79
CA THR D 171 -5.47 9.17 34.12
C THR D 171 -4.42 9.81 35.00
N LEU D 172 -3.24 10.09 34.44
CA LEU D 172 -2.15 10.64 35.23
C LEU D 172 -2.46 12.08 35.65
N LEU D 173 -2.97 12.90 34.73
CA LEU D 173 -3.31 14.27 35.08
C LEU D 173 -4.48 14.32 36.06
N TYR D 174 -5.60 13.69 35.69
CA TYR D 174 -6.77 13.68 36.57
C TYR D 174 -6.40 13.23 37.98
N ASN D 175 -5.73 12.08 38.09
CA ASN D 175 -5.49 11.52 39.41
C ASN D 175 -4.40 12.27 40.17
N LEU D 176 -3.47 12.92 39.46
CA LEU D 176 -2.52 13.76 40.16
C LEU D 176 -3.22 14.99 40.74
N PHE D 177 -4.07 15.64 39.95
CA PHE D 177 -4.85 16.75 40.49
C PHE D 177 -5.84 16.28 41.53
N ASP D 178 -6.53 15.18 41.27
CA ASP D 178 -7.44 14.61 42.26
C ASP D 178 -6.71 14.35 43.57
N ILE D 179 -5.49 13.85 43.50
CA ILE D 179 -4.70 13.65 44.71
C ILE D 179 -4.18 14.97 45.24
N SER D 180 -3.93 15.93 44.35
CA SER D 180 -3.44 17.24 44.79
C SER D 180 -4.48 17.99 45.60
N GLN D 181 -5.77 17.77 45.32
CA GLN D 181 -6.84 18.50 45.99
C GLN D 181 -7.37 17.70 47.19
N SER D 182 -8.05 16.59 46.93
CA SER D 182 -8.87 15.93 47.94
C SER D 182 -8.11 14.95 48.84
N ALA D 183 -6.88 14.59 48.51
CA ALA D 183 -6.20 13.53 49.27
C ALA D 183 -5.43 14.03 50.48
N GLN D 184 -5.15 15.33 50.56
CA GLN D 184 -4.40 15.91 51.67
C GLN D 184 -3.01 15.31 51.81
N THR D 185 -2.52 14.62 50.78
CA THR D 185 -1.14 14.17 50.76
C THR D 185 -0.29 15.27 50.14
N PRO D 186 0.73 15.78 50.80
CA PRO D 186 1.48 16.89 50.21
C PRO D 186 2.06 16.49 48.85
N ILE D 187 1.77 17.31 47.84
CA ILE D 187 2.19 17.05 46.47
C ILE D 187 2.26 18.39 45.75
N ALA D 188 3.14 18.48 44.77
CA ALA D 188 3.23 19.67 43.94
C ALA D 188 3.31 19.23 42.48
N VAL D 189 2.30 19.60 41.71
CA VAL D 189 2.22 19.24 40.30
C VAL D 189 2.56 20.49 39.50
N ILE D 190 3.74 20.49 38.90
CA ILE D 190 4.25 21.65 38.18
C ILE D 190 4.44 21.22 36.73
N GLY D 191 3.62 21.76 35.84
CA GLY D 191 3.74 21.50 34.43
C GLY D 191 4.55 22.57 33.71
N LEU D 192 5.18 22.16 32.61
CA LEU D 192 5.88 23.05 31.70
C LEU D 192 5.33 22.81 30.31
N THR D 193 4.91 23.88 29.64
CA THR D 193 4.38 23.79 28.29
C THR D 193 4.64 25.09 27.56
N CYS D 194 4.68 24.99 26.24
CA CYS D 194 4.76 26.17 25.38
C CYS D 194 3.43 26.56 24.77
N ARG D 195 2.36 25.81 25.03
CA ARG D 195 1.08 26.02 24.37
C ARG D 195 0.27 27.06 25.12
N LEU D 196 -0.07 28.16 24.45
CA LEU D 196 -1.12 29.03 24.95
C LEU D 196 -2.48 28.34 24.94
N ASP D 197 -2.60 27.21 24.25
CA ASP D 197 -3.82 26.44 24.12
C ASP D 197 -3.96 25.35 25.19
N ILE D 198 -3.01 25.27 26.12
CA ILE D 198 -2.95 24.12 27.03
C ILE D 198 -4.29 23.94 27.76
N LEU D 199 -4.83 25.03 28.31
CA LEU D 199 -6.01 24.90 29.16
C LEU D 199 -7.18 24.29 28.40
N GLU D 200 -7.27 24.54 27.09
CA GLU D 200 -8.34 23.94 26.30
C GLU D 200 -8.10 22.46 26.03
N LEU D 201 -6.89 21.96 26.28
CA LEU D 201 -6.58 20.55 26.05
C LEU D 201 -6.96 19.66 27.23
N LEU D 202 -7.39 20.25 28.34
CA LEU D 202 -7.73 19.50 29.54
C LEU D 202 -9.23 19.24 29.57
N GLU D 203 -9.61 18.04 30.01
CA GLU D 203 -11.01 17.72 30.19
C GLU D 203 -11.61 18.66 31.23
N LYS D 204 -12.92 18.89 31.11
CA LYS D 204 -13.61 19.75 32.06
C LYS D 204 -13.25 19.36 33.50
N ARG D 205 -13.24 18.06 33.79
CA ARG D 205 -12.95 17.60 35.15
C ARG D 205 -11.53 17.95 35.57
N VAL D 206 -10.55 17.63 34.72
CA VAL D 206 -9.16 17.89 35.07
C VAL D 206 -8.92 19.39 35.15
N LYS D 207 -9.50 20.15 34.25
CA LYS D 207 -9.35 21.60 34.28
C LYS D 207 -9.81 22.17 35.62
N SER D 208 -10.93 21.67 36.14
CA SER D 208 -11.40 22.09 37.45
C SER D 208 -10.37 21.76 38.53
N ARG D 209 -9.93 20.50 38.57
CA ARG D 209 -9.05 20.05 39.65
C ARG D 209 -7.68 20.71 39.58
N PHE D 210 -7.24 21.10 38.40
CA PHE D 210 -6.01 21.87 38.26
C PHE D 210 -6.15 23.13 39.10
N SER D 211 -5.22 23.36 40.04
CA SER D 211 -5.35 24.54 40.87
C SER D 211 -5.49 25.74 39.95
N HIS D 212 -6.63 26.39 40.01
CA HIS D 212 -7.16 26.99 38.80
C HIS D 212 -6.18 27.98 38.23
N ARG D 213 -5.75 27.73 37.00
CA ARG D 213 -5.00 28.69 36.20
C ARG D 213 -3.93 29.40 37.03
N GLN D 214 -3.10 28.61 37.72
CA GLN D 214 -1.86 29.16 38.24
C GLN D 214 -0.89 29.16 37.07
N ILE D 215 -0.53 30.35 36.60
CA ILE D 215 0.06 30.50 35.28
C ILE D 215 1.23 31.48 35.37
N HIS D 216 2.41 31.03 34.99
CA HIS D 216 3.58 31.88 34.84
C HIS D 216 3.90 31.99 33.35
N LEU D 217 4.06 33.21 32.87
CA LEU D 217 4.36 33.44 31.46
C LEU D 217 5.75 34.07 31.34
N MET D 218 6.55 33.56 30.40
CA MET D 218 7.96 33.92 30.27
C MET D 218 8.19 34.99 29.20
N ASN D 219 7.99 34.62 27.94
CA ASN D 219 7.94 35.54 26.81
C ASN D 219 9.27 36.29 26.65
N SER D 220 9.26 37.61 26.46
CA SER D 220 10.41 38.31 25.88
C SER D 220 10.77 39.58 26.65
N PHE D 221 11.69 40.36 26.08
CA PHE D 221 12.31 41.50 26.77
C PHE D 221 12.43 42.65 25.78
N GLY D 222 13.16 43.69 26.19
CA GLY D 222 13.44 44.81 25.32
C GLY D 222 14.81 44.68 24.69
N PHE D 223 15.03 45.44 23.60
CA PHE D 223 16.30 45.31 22.90
C PHE D 223 17.48 45.68 23.77
N PRO D 224 17.50 46.83 24.46
CA PRO D 224 18.60 47.11 25.39
C PRO D 224 18.83 46.00 26.40
N GLN D 225 17.76 45.37 26.90
CA GLN D 225 17.94 44.20 27.77
C GLN D 225 18.58 43.05 27.01
N TYR D 226 18.29 42.93 25.72
CA TYR D 226 18.91 41.88 24.92
C TYR D 226 20.43 42.08 24.82
N VAL D 227 20.86 43.30 24.54
CA VAL D 227 22.28 43.59 24.44
C VAL D 227 22.96 43.36 25.78
N LYS D 228 22.34 43.81 26.87
CA LYS D 228 22.91 43.56 28.19
C LYS D 228 23.04 42.07 28.43
N ILE D 229 22.09 41.27 27.94
CA ILE D 229 22.19 39.82 28.06
C ILE D 229 23.35 39.31 27.23
N PHE D 230 23.47 39.81 25.99
CA PHE D 230 24.58 39.42 25.13
C PHE D 230 25.91 39.59 25.85
N LYS D 231 26.15 40.76 26.43
CA LYS D 231 27.42 40.99 27.11
C LYS D 231 27.55 40.18 28.38
N GLU D 232 26.43 39.88 29.05
CA GLU D 232 26.51 39.17 30.33
C GLU D 232 26.82 37.69 30.10
N GLN D 233 26.28 37.09 29.03
CA GLN D 233 26.53 35.67 28.78
C GLN D 233 27.93 35.44 28.24
N LEU D 234 28.49 36.39 27.49
CA LEU D 234 29.86 36.25 27.00
C LEU D 234 30.89 36.51 28.09
N SER D 235 30.55 37.32 29.10
CA SER D 235 31.50 37.66 30.14
C SER D 235 31.74 36.48 31.07
N LEU D 236 32.83 36.55 31.82
CA LEU D 236 33.19 35.48 32.74
C LEU D 236 33.03 35.95 34.18
N PRO D 237 32.72 35.05 35.11
CA PRO D 237 32.51 35.47 36.50
C PRO D 237 33.81 35.74 37.23
N ALA D 238 33.74 35.97 38.54
CA ALA D 238 34.94 36.19 39.33
C ALA D 238 35.84 34.96 39.36
N GLU D 239 35.36 33.81 38.88
CA GLU D 239 36.16 32.61 38.79
C GLU D 239 36.50 32.09 40.18
N VAL D 244 42.88 38.19 36.86
CA VAL D 244 43.34 39.24 35.95
C VAL D 244 43.10 38.83 34.51
N PHE D 245 43.02 37.52 34.29
CA PHE D 245 42.70 37.02 32.96
C PHE D 245 41.21 37.22 32.66
N ALA D 246 40.36 37.01 33.67
CA ALA D 246 38.93 37.23 33.48
C ALA D 246 38.61 38.72 33.36
N GLU D 247 39.31 39.56 34.12
CA GLU D 247 39.04 40.99 34.08
C GLU D 247 39.35 41.56 32.69
N LYS D 248 40.48 41.17 32.11
CA LYS D 248 40.82 41.64 30.78
C LYS D 248 39.80 41.14 29.75
N TRP D 249 39.31 39.91 29.92
CA TRP D 249 38.30 39.38 29.02
C TRP D 249 37.02 40.20 29.06
N ASN D 250 36.52 40.50 30.27
CA ASN D 250 35.25 41.21 30.39
C ASN D 250 35.33 42.63 29.84
N GLU D 251 36.48 43.28 29.96
CA GLU D 251 36.64 44.60 29.37
C GLU D 251 36.43 44.56 27.86
N ASN D 252 36.91 43.51 27.19
CA ASN D 252 36.77 43.42 25.75
C ASN D 252 35.34 43.13 25.34
N VAL D 253 34.61 42.33 26.14
CA VAL D 253 33.21 42.08 25.85
C VAL D 253 32.43 43.39 25.90
N GLN D 254 32.58 44.15 27.00
CA GLN D 254 31.91 45.43 27.12
C GLN D 254 32.24 46.33 25.95
N TYR D 255 33.43 46.19 25.37
CA TYR D 255 33.76 46.95 24.17
C TYR D 255 32.90 46.50 23.00
N LEU D 256 32.70 45.19 22.86
CA LEU D 256 31.84 44.66 21.80
C LEU D 256 30.41 45.15 21.96
N SER D 257 29.94 45.24 23.21
CA SER D 257 28.53 45.56 23.47
C SER D 257 28.07 46.74 22.63
N GLU D 258 28.93 47.75 22.48
CA GLU D 258 28.61 48.92 21.66
C GLU D 258 29.50 48.89 20.42
N ASP D 259 28.91 48.55 19.28
CA ASP D 259 29.53 48.70 17.98
C ASP D 259 28.41 48.80 16.96
N ARG D 260 28.63 49.59 15.91
CA ARG D 260 27.62 49.68 14.86
C ARG D 260 27.42 48.34 14.17
N SER D 261 28.44 47.49 14.17
CA SER D 261 28.34 46.19 13.52
C SER D 261 27.63 45.19 14.42
N VAL D 262 28.19 44.91 15.60
CA VAL D 262 27.60 43.92 16.48
C VAL D 262 26.15 44.27 16.78
N GLN D 263 25.84 45.56 16.88
CA GLN D 263 24.49 45.97 17.22
C GLN D 263 23.52 45.76 16.06
N GLU D 264 23.95 46.11 14.85
CA GLU D 264 23.07 45.91 13.70
C GLU D 264 22.92 44.44 13.37
N VAL D 265 23.85 43.59 13.80
CA VAL D 265 23.67 42.16 13.70
C VAL D 265 22.74 41.68 14.81
N LEU D 266 23.00 42.10 16.05
CA LEU D 266 22.18 41.66 17.18
C LEU D 266 20.72 42.06 17.00
N GLN D 267 20.46 43.24 16.43
CA GLN D 267 19.09 43.65 16.18
C GLN D 267 18.42 42.73 15.16
N LYS D 268 19.13 42.41 14.06
CA LYS D 268 18.57 41.50 13.08
C LYS D 268 18.16 40.18 13.73
N HIS D 269 19.02 39.64 14.58
CA HIS D 269 18.67 38.44 15.33
C HIS D 269 17.53 38.72 16.30
N PHE D 270 17.54 39.92 16.90
CA PHE D 270 16.48 40.29 17.85
C PHE D 270 15.12 40.31 17.16
N ASN D 271 15.04 40.99 16.01
CA ASN D 271 13.79 41.08 15.27
C ASN D 271 13.24 39.72 14.89
N ILE D 272 14.02 38.66 15.00
CA ILE D 272 13.56 37.30 14.78
C ILE D 272 13.41 36.62 16.13
N SER D 273 14.49 36.57 16.90
CA SER D 273 14.59 35.72 18.07
C SER D 273 13.79 36.23 19.27
N LYS D 274 14.23 37.32 19.89
CA LYS D 274 13.76 37.70 21.22
C LYS D 274 13.88 36.51 22.18
N ASN D 275 14.95 35.75 22.00
CA ASN D 275 15.13 34.48 22.71
C ASN D 275 16.59 34.30 23.05
N LEU D 276 16.86 33.83 24.27
CA LEU D 276 18.23 33.68 24.73
C LEU D 276 18.88 32.40 24.22
N ARG D 277 18.10 31.41 23.81
CA ARG D 277 18.71 30.19 23.27
C ARG D 277 19.25 30.44 21.86
N SER D 278 18.48 31.11 21.00
CA SER D 278 18.99 31.50 19.70
C SER D 278 20.27 32.33 19.85
N LEU D 279 20.28 33.26 20.81
CA LEU D 279 21.47 34.05 21.08
C LEU D 279 22.64 33.16 21.47
N HIS D 280 22.40 32.18 22.35
CA HIS D 280 23.46 31.27 22.76
C HIS D 280 24.12 30.59 21.58
N MET D 281 23.31 30.14 20.61
CA MET D 281 23.86 29.54 19.41
C MET D 281 24.75 30.53 18.67
N LEU D 282 24.27 31.76 18.50
CA LEU D 282 25.09 32.78 17.83
C LEU D 282 26.41 32.99 18.56
N LEU D 283 26.37 33.08 19.89
CA LEU D 283 27.60 33.27 20.65
C LEU D 283 28.51 32.06 20.54
N MET D 284 27.94 30.86 20.42
CA MET D 284 28.74 29.64 20.36
C MET D 284 29.51 29.55 19.05
N LEU D 285 28.82 29.71 17.92
CA LEU D 285 29.48 29.62 16.63
C LEU D 285 30.62 30.63 16.52
N ALA D 286 30.42 31.84 17.01
CA ALA D 286 31.50 32.82 17.05
C ALA D 286 32.54 32.49 18.10
N LEU D 287 32.23 31.59 19.03
CA LEU D 287 33.20 31.18 20.02
C LEU D 287 34.23 30.19 19.47
N ASN D 288 33.89 29.47 18.40
CA ASN D 288 34.89 28.64 17.73
C ASN D 288 35.96 29.51 17.12
N ARG D 289 35.60 30.70 16.66
CA ARG D 289 36.57 31.61 16.06
C ARG D 289 37.66 32.04 17.03
N VAL D 290 37.45 31.81 18.33
CA VAL D 290 38.41 32.20 19.35
C VAL D 290 39.34 31.02 19.63
N THR D 291 40.64 31.21 19.41
CA THR D 291 41.64 30.18 19.65
C THR D 291 42.84 30.82 20.33
N ALA D 292 43.88 30.01 20.54
CA ALA D 292 45.11 30.53 21.12
C ALA D 292 45.76 31.57 20.22
N SER D 293 45.49 31.52 18.92
CA SER D 293 45.96 32.53 17.99
C SER D 293 44.95 33.65 17.76
N HIS D 294 43.76 33.55 18.36
CA HIS D 294 42.73 34.58 18.25
C HIS D 294 42.11 34.73 19.63
N PRO D 295 42.75 35.51 20.51
CA PRO D 295 42.39 35.44 21.94
C PRO D 295 40.95 35.78 22.27
N PHE D 296 40.39 36.84 21.68
CA PHE D 296 39.05 37.26 22.04
C PHE D 296 38.25 37.56 20.77
N MET D 297 36.93 37.56 20.92
CA MET D 297 36.04 37.75 19.79
C MET D 297 36.24 39.14 19.19
N THR D 298 35.85 39.27 17.92
CA THR D 298 35.83 40.55 17.22
C THR D 298 34.50 40.70 16.52
N ALA D 299 34.28 41.87 15.91
CA ALA D 299 33.05 42.11 15.18
C ALA D 299 32.89 41.12 14.03
N VAL D 300 34.01 40.76 13.38
CA VAL D 300 33.94 39.85 12.24
C VAL D 300 33.63 38.43 12.71
N ASP D 301 34.16 38.03 13.87
CA ASP D 301 33.86 36.71 14.40
C ASP D 301 32.35 36.50 14.53
N LEU D 302 31.64 37.51 15.00
CA LEU D 302 30.19 37.37 15.16
C LEU D 302 29.47 37.50 13.83
N MET D 303 29.94 38.37 12.94
CA MET D 303 29.30 38.52 11.63
C MET D 303 29.34 37.21 10.86
N GLU D 304 30.51 36.58 10.81
CA GLU D 304 30.62 35.27 10.19
C GLU D 304 29.68 34.27 10.86
N ALA D 305 29.71 34.21 12.20
CA ALA D 305 28.81 33.31 12.92
C ALA D 305 27.35 33.59 12.60
N SER D 306 27.00 34.85 12.36
CA SER D 306 25.63 35.19 11.99
C SER D 306 25.30 34.77 10.57
N GLN D 307 26.28 34.77 9.68
CA GLN D 307 26.02 34.42 8.29
C GLN D 307 25.66 32.95 8.15
N LEU D 308 26.29 32.10 8.95
CA LEU D 308 25.98 30.67 8.92
C LEU D 308 24.54 30.38 9.29
N CYS D 309 23.95 31.20 10.18
CA CYS D 309 22.58 30.98 10.60
C CYS D 309 21.57 31.52 9.60
N SER D 310 21.93 32.56 8.84
CA SER D 310 21.00 33.23 7.95
C SER D 310 20.85 32.52 6.61
N MET D 311 21.63 31.48 6.34
CA MET D 311 21.56 30.79 5.06
C MET D 311 20.15 30.27 4.81
N ASP D 312 19.71 30.34 3.56
CA ASP D 312 18.42 29.79 3.15
C ASP D 312 18.64 28.35 2.71
N SER D 313 18.14 27.40 3.50
CA SER D 313 18.50 26.01 3.31
C SER D 313 18.13 25.53 1.91
N LYS D 314 16.89 25.81 1.50
CA LYS D 314 16.43 25.29 0.20
C LYS D 314 17.19 25.92 -0.96
N ALA D 315 17.71 27.13 -0.78
CA ALA D 315 18.54 27.72 -1.83
C ALA D 315 19.88 27.01 -1.94
N ASN D 316 20.45 26.62 -0.80
CA ASN D 316 21.70 25.86 -0.80
C ASN D 316 21.54 24.54 -1.55
N ILE D 317 20.43 23.83 -1.34
CA ILE D 317 20.22 22.55 -2.01
C ILE D 317 20.14 22.74 -3.52
N VAL D 318 19.45 23.78 -3.97
CA VAL D 318 19.31 24.03 -5.41
C VAL D 318 20.68 24.23 -6.06
N HIS D 319 21.64 24.79 -5.33
CA HIS D 319 22.92 25.16 -5.92
C HIS D 319 23.67 23.95 -6.47
N GLY D 320 23.39 22.76 -5.95
CA GLY D 320 24.14 21.57 -6.29
C GLY D 320 23.49 20.67 -7.31
N LEU D 321 22.38 21.08 -7.91
CA LEU D 321 21.71 20.25 -8.90
C LEU D 321 22.48 20.26 -10.22
N SER D 322 22.26 19.21 -11.01
CA SER D 322 22.81 19.14 -12.35
C SER D 322 21.96 19.99 -13.29
N VAL D 323 22.59 20.46 -14.38
CA VAL D 323 21.91 21.36 -15.31
C VAL D 323 20.63 20.73 -15.82
N LEU D 324 20.57 19.40 -15.93
CA LEU D 324 19.32 18.77 -16.33
C LEU D 324 18.22 19.09 -15.34
N GLU D 325 18.45 18.79 -14.05
CA GLU D 325 17.45 19.05 -13.03
C GLU D 325 17.00 20.50 -13.06
N ILE D 326 17.93 21.42 -13.27
CA ILE D 326 17.58 22.84 -13.33
C ILE D 326 16.57 23.07 -14.44
N CYS D 327 16.91 22.65 -15.66
CA CYS D 327 16.02 22.83 -16.79
C CYS D 327 14.63 22.29 -16.50
N LEU D 328 14.54 21.18 -15.78
CA LEU D 328 13.24 20.66 -15.37
C LEU D 328 12.49 21.65 -14.49
N ILE D 329 13.19 22.22 -13.50
CA ILE D 329 12.56 23.21 -12.64
C ILE D 329 12.10 24.41 -13.46
N ILE D 330 12.91 24.84 -14.43
CA ILE D 330 12.47 25.92 -15.31
C ILE D 330 11.28 25.49 -16.14
N ALA D 331 11.20 24.23 -16.53
CA ALA D 331 9.99 23.72 -17.17
C ALA D 331 8.81 23.79 -16.23
N MET D 332 9.02 23.36 -14.97
CA MET D 332 7.94 23.43 -13.99
C MET D 332 7.54 24.88 -13.73
N LYS D 333 8.53 25.78 -13.66
CA LYS D 333 8.21 27.20 -13.53
C LYS D 333 7.30 27.66 -14.65
N HIS D 334 7.67 27.35 -15.90
CA HIS D 334 6.84 27.73 -17.04
C HIS D 334 5.46 27.09 -16.95
N LEU D 335 5.36 25.91 -16.34
CA LEU D 335 4.06 25.25 -16.26
C LEU D 335 3.16 25.90 -15.22
N ASN D 336 3.72 26.37 -14.10
CA ASN D 336 2.89 27.07 -13.13
C ASN D 336 2.50 28.47 -13.60
N ASP D 337 3.29 29.07 -14.49
CA ASP D 337 2.94 30.38 -15.03
C ASP D 337 2.00 30.29 -16.23
N ILE D 338 1.88 29.13 -16.86
CA ILE D 338 1.01 28.93 -18.02
C ILE D 338 -0.34 28.43 -17.54
N TYR D 339 -0.35 27.27 -16.89
CA TYR D 339 -1.59 26.63 -16.43
C TYR D 339 -2.12 27.24 -15.13
N GLU D 340 -1.49 28.29 -14.61
CA GLU D 340 -1.97 29.01 -13.42
C GLU D 340 -1.99 28.09 -12.20
N GLU D 341 -0.79 27.77 -11.74
CA GLU D 341 -0.56 27.10 -10.46
C GLU D 341 -1.30 25.76 -10.38
N GLU D 342 -1.60 25.15 -11.52
CA GLU D 342 -2.14 23.82 -11.51
C GLU D 342 -1.00 22.81 -11.44
N PRO D 343 -1.23 21.66 -10.80
CA PRO D 343 -0.15 20.66 -10.73
C PRO D 343 0.21 20.12 -12.11
N PHE D 344 1.17 19.20 -12.17
CA PHE D 344 1.65 18.67 -13.43
C PHE D 344 2.24 17.29 -13.19
N ASN D 345 2.48 16.59 -14.29
CA ASN D 345 3.12 15.28 -14.28
C ASN D 345 4.36 15.31 -15.17
N PHE D 346 5.07 14.18 -15.22
CA PHE D 346 6.31 14.11 -15.98
C PHE D 346 6.08 14.41 -17.45
N GLN D 347 4.97 13.94 -18.01
CA GLN D 347 4.73 14.07 -19.45
C GLN D 347 4.79 15.53 -19.89
N MET D 348 3.94 16.38 -19.29
CA MET D 348 3.89 17.78 -19.70
C MET D 348 5.21 18.49 -19.43
N VAL D 349 5.88 18.14 -18.32
CA VAL D 349 7.22 18.66 -18.09
C VAL D 349 8.13 18.22 -19.24
N TYR D 350 8.05 16.95 -19.62
CA TYR D 350 8.86 16.45 -20.72
C TYR D 350 8.59 17.22 -22.00
N ASN D 351 7.33 17.50 -22.29
CA ASN D 351 6.98 18.26 -23.49
C ASN D 351 7.59 19.65 -23.44
N GLU D 352 7.29 20.41 -22.38
CA GLU D 352 7.83 21.77 -22.28
C GLU D 352 9.34 21.76 -22.32
N PHE D 353 9.97 20.73 -21.75
CA PHE D 353 11.42 20.63 -21.80
C PHE D 353 11.90 20.30 -23.21
N GLN D 354 11.15 19.48 -23.95
CA GLN D 354 11.49 19.22 -25.35
C GLN D 354 11.42 20.50 -26.17
N LYS D 355 10.45 21.37 -25.88
CA LYS D 355 10.35 22.65 -26.57
C LYS D 355 11.62 23.48 -26.37
N PHE D 356 12.39 23.20 -25.33
CA PHE D 356 13.59 23.98 -25.05
C PHE D 356 14.75 23.58 -25.96
N VAL D 357 14.93 22.28 -26.19
CA VAL D 357 16.02 21.82 -27.04
C VAL D 357 15.66 21.92 -28.52
N GLN D 358 14.36 21.98 -28.84
CA GLN D 358 13.92 22.07 -30.22
C GLN D 358 14.60 23.21 -30.96
N ARG D 359 14.98 24.28 -30.24
CA ARG D 359 15.50 25.47 -30.88
C ARG D 359 16.59 25.14 -31.89
N LYS D 360 17.51 24.24 -31.53
CA LYS D 360 18.62 23.87 -32.38
C LYS D 360 18.41 22.47 -32.93
N ALA D 361 18.71 22.28 -34.22
CA ALA D 361 18.53 20.98 -34.85
C ALA D 361 19.39 19.92 -34.17
N HIS D 362 20.60 20.29 -33.75
CA HIS D 362 21.51 19.34 -33.13
C HIS D 362 21.10 19.06 -31.68
N SER D 363 21.53 17.90 -31.19
CA SER D 363 21.21 17.46 -29.84
C SER D 363 22.33 17.87 -28.89
N VAL D 364 22.02 18.80 -27.98
CA VAL D 364 22.94 19.21 -26.93
C VAL D 364 22.42 18.77 -25.57
N TYR D 365 21.27 19.28 -25.16
CA TYR D 365 20.63 18.88 -23.91
C TYR D 365 19.69 17.70 -24.08
N ASN D 366 19.59 17.12 -25.28
CA ASN D 366 18.66 16.04 -25.51
C ASN D 366 19.16 14.76 -24.84
N PHE D 367 18.33 14.17 -23.98
CA PHE D 367 18.64 12.93 -23.31
C PHE D 367 17.44 12.00 -23.40
N GLU D 368 17.66 10.74 -23.04
CA GLU D 368 16.62 9.72 -23.12
C GLU D 368 15.62 9.88 -21.98
N LYS D 369 14.35 9.63 -22.26
CA LYS D 369 13.28 9.82 -21.27
C LYS D 369 13.59 9.16 -19.94
N PRO D 370 14.07 7.92 -19.88
CA PRO D 370 14.38 7.33 -18.56
C PRO D 370 15.35 8.17 -17.74
N VAL D 371 16.34 8.79 -18.38
CA VAL D 371 17.32 9.59 -17.64
C VAL D 371 16.68 10.85 -17.08
N VAL D 372 15.89 11.55 -17.90
CA VAL D 372 15.21 12.74 -17.43
C VAL D 372 14.33 12.40 -16.23
N MET D 373 13.65 11.26 -16.28
CA MET D 373 12.81 10.85 -15.17
C MET D 373 13.65 10.49 -13.94
N LYS D 374 14.87 10.00 -14.15
CA LYS D 374 15.76 9.75 -13.02
C LYS D 374 16.05 11.05 -12.28
N ALA D 375 16.33 12.12 -13.02
CA ALA D 375 16.56 13.41 -12.40
C ALA D 375 15.29 13.95 -11.78
N PHE D 376 14.18 13.87 -12.53
CA PHE D 376 12.87 14.24 -12.00
C PHE D 376 12.62 13.53 -10.67
N GLU D 377 12.75 12.21 -10.66
CA GLU D 377 12.59 11.46 -9.43
C GLU D 377 13.60 11.87 -8.38
N HIS D 378 14.73 12.45 -8.77
CA HIS D 378 15.68 12.93 -7.77
C HIS D 378 15.18 14.21 -7.12
N LEU D 379 14.52 15.08 -7.89
CA LEU D 379 13.90 16.26 -7.29
C LEU D 379 12.88 15.84 -6.22
N GLN D 380 12.03 14.87 -6.55
CA GLN D 380 11.12 14.33 -5.55
C GLN D 380 11.89 13.70 -4.40
N GLN D 381 12.95 12.95 -4.71
CA GLN D 381 13.79 12.36 -3.67
C GLN D 381 14.34 13.43 -2.74
N LEU D 382 14.49 14.66 -3.23
CA LEU D 382 14.91 15.78 -2.41
C LEU D 382 13.73 16.53 -1.82
N GLU D 383 12.50 16.12 -2.10
CA GLU D 383 11.32 16.83 -1.62
C GLU D 383 11.33 18.28 -2.08
N LEU D 384 11.81 18.51 -3.31
CA LEU D 384 11.62 19.76 -4.02
C LEU D 384 10.41 19.72 -4.94
N ILE D 385 9.68 18.61 -4.95
CA ILE D 385 8.44 18.50 -5.68
C ILE D 385 7.55 17.54 -4.89
N LYS D 386 6.25 17.82 -4.85
CA LYS D 386 5.38 17.06 -3.98
C LYS D 386 4.22 16.45 -4.76
N PRO D 387 3.84 15.19 -4.48
CA PRO D 387 2.70 14.58 -5.19
C PRO D 387 1.37 14.85 -4.50
N MET D 388 0.29 14.33 -5.08
CA MET D 388 -1.04 14.50 -4.50
C MET D 388 -1.95 13.34 -4.87
N GLU D 398 4.03 10.90 -16.13
CA GLU D 398 3.51 9.88 -15.21
C GLU D 398 2.04 10.16 -14.89
N TYR D 399 1.42 9.24 -14.17
CA TYR D 399 0.00 9.34 -13.84
C TYR D 399 -0.26 10.01 -12.49
N GLN D 400 0.77 10.51 -11.81
CA GLN D 400 0.63 11.22 -10.55
C GLN D 400 0.87 12.71 -10.75
N LEU D 401 0.03 13.53 -10.12
CA LEU D 401 0.14 14.98 -10.23
C LEU D 401 0.97 15.53 -9.09
N MET D 402 1.81 16.51 -9.40
CA MET D 402 2.75 17.05 -8.43
C MET D 402 2.85 18.56 -8.60
N LYS D 403 3.35 19.22 -7.56
CA LYS D 403 3.47 20.68 -7.55
C LYS D 403 4.86 21.08 -7.04
N LEU D 404 5.34 22.20 -7.56
CA LEU D 404 6.71 22.65 -7.32
C LEU D 404 6.81 23.37 -5.99
N LEU D 405 7.81 23.00 -5.20
CA LEU D 405 8.01 23.52 -3.85
C LEU D 405 8.97 24.71 -3.80
N LEU D 406 9.39 25.25 -4.93
CA LEU D 406 10.31 26.38 -4.93
C LEU D 406 9.57 27.68 -5.22
N ASP D 407 10.02 28.76 -4.58
CA ASP D 407 9.55 30.10 -4.87
C ASP D 407 10.30 30.68 -6.06
N ASN D 408 9.57 31.38 -6.93
CA ASN D 408 10.19 31.87 -8.16
C ASN D 408 11.38 32.78 -7.87
N THR D 409 11.35 33.52 -6.76
CA THR D 409 12.51 34.35 -6.42
C THR D 409 13.69 33.49 -6.01
N GLN D 410 13.45 32.36 -5.34
CA GLN D 410 14.52 31.39 -5.12
C GLN D 410 15.12 30.92 -6.43
N ILE D 411 14.27 30.64 -7.43
CA ILE D 411 14.75 30.13 -8.70
C ILE D 411 15.63 31.18 -9.38
N MET D 412 15.10 32.38 -9.57
CA MET D 412 15.86 33.39 -10.30
C MET D 412 17.12 33.79 -9.56
N ASN D 413 17.07 33.82 -8.23
CA ASN D 413 18.28 34.09 -7.46
C ASN D 413 19.30 32.97 -7.60
N ALA D 414 18.85 31.72 -7.52
CA ALA D 414 19.75 30.59 -7.66
C ALA D 414 20.41 30.57 -9.04
N LEU D 415 19.64 30.83 -10.09
CA LEU D 415 20.22 30.85 -11.43
C LEU D 415 21.31 31.90 -11.54
N GLN D 416 21.11 33.07 -10.93
CA GLN D 416 22.15 34.10 -10.97
C GLN D 416 23.37 33.71 -10.16
N LYS D 417 23.19 32.87 -9.15
CA LYS D 417 24.30 32.41 -8.31
C LYS D 417 24.85 31.05 -8.73
N TYR D 418 24.30 30.44 -9.77
CA TYR D 418 24.73 29.09 -10.15
C TYR D 418 26.08 29.18 -10.88
N PRO D 419 27.05 28.30 -10.54
CA PRO D 419 28.42 28.55 -11.01
C PRO D 419 28.61 28.51 -12.51
N ASN D 420 28.13 27.46 -13.18
CA ASN D 420 28.35 27.25 -14.60
C ASN D 420 27.15 27.59 -15.48
N CYS D 421 26.11 28.19 -14.91
CA CYS D 421 24.82 28.27 -15.58
C CYS D 421 25.00 28.75 -17.02
N PRO D 422 24.58 27.96 -18.01
CA PRO D 422 24.77 28.38 -19.41
C PRO D 422 23.80 29.48 -19.81
N THR D 423 24.28 30.40 -20.64
CA THR D 423 23.46 31.50 -21.12
C THR D 423 22.16 31.02 -21.74
N ASP D 424 22.11 29.76 -22.20
CA ASP D 424 20.90 29.26 -22.85
C ASP D 424 19.78 29.03 -21.85
N VAL D 425 20.09 28.45 -20.68
CA VAL D 425 19.03 28.18 -19.71
C VAL D 425 18.56 29.47 -19.07
N ARG D 426 19.44 30.47 -18.97
CA ARG D 426 19.03 31.76 -18.43
C ARG D 426 18.04 32.46 -19.36
N GLN D 427 18.38 32.54 -20.64
CA GLN D 427 17.42 33.08 -21.62
C GLN D 427 16.08 32.37 -21.53
N TRP D 428 16.11 31.04 -21.43
CA TRP D 428 14.88 30.28 -21.32
C TRP D 428 14.12 30.64 -20.05
N ALA D 429 14.85 30.88 -18.95
CA ALA D 429 14.20 31.17 -17.68
C ALA D 429 13.35 32.43 -17.77
N THR D 430 13.84 33.46 -18.43
CA THR D 430 13.13 34.73 -18.56
C THR D 430 12.09 34.72 -19.67
N SER D 431 11.99 33.64 -20.44
CA SER D 431 11.00 33.57 -21.51
C SER D 431 9.59 33.87 -21.01
N SER D 432 9.25 33.35 -19.83
CA SER D 432 7.92 33.56 -19.25
C SER D 432 7.70 35.04 -18.94
N VAL E 8 41.02 13.72 2.81
CA VAL E 8 39.95 14.69 2.69
C VAL E 8 40.49 15.98 2.08
N LEU E 9 39.84 16.47 1.03
CA LEU E 9 40.24 17.69 0.37
C LEU E 9 39.00 18.48 -0.01
N CYS E 10 39.16 19.80 -0.10
CA CYS E 10 38.11 20.73 -0.50
C CYS E 10 37.01 20.86 0.55
N ARG E 11 37.04 20.02 1.59
CA ARG E 11 36.20 20.20 2.76
C ARG E 11 36.92 20.89 3.90
N GLU E 12 38.17 21.34 3.69
CA GLU E 12 38.98 21.84 4.79
C GLU E 12 38.25 22.89 5.62
N SER E 13 37.42 23.71 4.98
CA SER E 13 36.70 24.74 5.71
C SER E 13 35.66 24.12 6.65
N GLN E 14 34.92 23.13 6.17
CA GLN E 14 33.93 22.47 7.01
C GLN E 14 34.57 21.72 8.15
N VAL E 15 35.79 21.22 7.94
CA VAL E 15 36.50 20.52 9.00
C VAL E 15 36.85 21.48 10.12
N SER E 16 37.29 22.70 9.79
CA SER E 16 37.64 23.67 10.82
C SER E 16 36.41 24.04 11.66
N ILE E 17 35.25 24.18 11.02
CA ILE E 17 34.04 24.48 11.77
C ILE E 17 33.64 23.29 12.63
N LEU E 18 33.63 22.09 12.04
CA LEU E 18 33.16 20.92 12.77
C LEU E 18 34.20 20.42 13.77
N GLN E 19 35.49 20.69 13.53
CA GLN E 19 36.52 20.30 14.48
C GLN E 19 36.52 21.20 15.70
N SER E 20 36.54 22.53 15.48
CA SER E 20 36.53 23.45 16.60
C SER E 20 35.26 23.31 17.42
N LEU E 21 34.14 22.96 16.79
CA LEU E 21 32.91 22.72 17.53
C LEU E 21 33.09 21.55 18.50
N PHE E 22 33.78 20.50 18.07
CA PHE E 22 34.08 19.39 18.98
C PHE E 22 34.85 19.88 20.19
N GLY E 23 35.74 20.85 19.99
CA GLY E 23 36.54 21.38 21.08
C GLY E 23 37.34 20.28 21.76
N GLU E 24 37.62 20.51 23.04
CA GLU E 24 38.29 19.49 23.85
C GLU E 24 37.29 18.42 24.26
N ARG E 25 37.77 17.19 24.36
CA ARG E 25 36.85 16.06 24.50
C ARG E 25 36.14 16.05 25.84
N HIS E 26 36.75 16.64 26.88
CA HIS E 26 36.09 16.72 28.18
C HIS E 26 35.15 17.92 28.28
N HIS E 27 35.09 18.76 27.24
CA HIS E 27 34.17 19.89 27.21
C HIS E 27 32.77 19.40 26.89
N PHE E 28 31.86 20.34 26.68
CA PHE E 28 30.54 20.07 26.13
C PHE E 28 30.47 20.69 24.74
N SER E 29 29.65 20.09 23.88
CA SER E 29 29.44 20.59 22.54
C SER E 29 27.95 20.73 22.33
N PHE E 30 27.56 21.15 21.13
CA PHE E 30 26.15 21.36 20.85
C PHE E 30 25.36 20.11 21.23
N PRO E 31 24.18 20.26 21.81
CA PRO E 31 23.34 19.07 22.06
C PRO E 31 23.00 18.33 20.78
N SER E 32 22.88 19.06 19.67
CA SER E 32 22.56 18.45 18.39
C SER E 32 23.15 19.31 17.27
N ILE E 33 23.61 18.64 16.23
CA ILE E 33 24.11 19.30 15.02
C ILE E 33 23.47 18.63 13.82
N PHE E 34 23.07 19.43 12.84
CA PHE E 34 22.35 18.92 11.68
C PHE E 34 23.07 19.36 10.41
N ILE E 35 23.60 18.40 9.66
CA ILE E 35 24.35 18.67 8.45
C ILE E 35 23.48 18.32 7.25
N TYR E 36 23.43 19.21 6.26
CA TYR E 36 22.68 18.93 5.04
C TYR E 36 23.58 19.22 3.85
N GLY E 37 23.13 18.79 2.69
CA GLY E 37 24.00 18.59 1.55
C GLY E 37 23.45 17.46 0.70
N HIS E 38 24.20 17.14 -0.35
CA HIS E 38 23.76 16.12 -1.28
C HIS E 38 24.36 14.76 -0.94
N THR E 39 24.03 13.76 -1.75
CA THR E 39 24.58 12.41 -1.57
C THR E 39 26.11 12.43 -1.53
N ALA E 40 26.74 13.02 -2.55
CA ALA E 40 28.17 12.93 -2.75
C ALA E 40 28.93 14.06 -2.09
N SER E 41 28.26 14.91 -1.32
CA SER E 41 28.91 16.06 -0.70
C SER E 41 30.14 15.67 0.11
N GLY E 42 30.24 14.42 0.54
CA GLY E 42 31.32 14.00 1.39
C GLY E 42 31.03 14.13 2.88
N LYS E 43 29.77 14.23 3.28
CA LYS E 43 29.45 14.46 4.69
C LYS E 43 30.06 13.39 5.57
N THR E 44 29.64 12.12 5.40
CA THR E 44 30.05 11.10 6.35
C THR E 44 31.54 10.76 6.22
N TYR E 45 32.11 10.89 5.02
CA TYR E 45 33.55 10.70 4.90
C TYR E 45 34.29 11.63 5.84
N VAL E 46 33.80 12.86 5.99
CA VAL E 46 34.44 13.82 6.89
C VAL E 46 34.11 13.47 8.34
N THR E 47 32.86 13.09 8.60
CA THR E 47 32.47 12.79 9.97
C THR E 47 33.23 11.57 10.51
N GLN E 48 33.26 10.48 9.74
CA GLN E 48 33.94 9.28 10.22
C GLN E 48 35.43 9.52 10.41
N THR E 49 36.07 10.22 9.49
CA THR E 49 37.49 10.52 9.65
C THR E 49 37.74 11.23 10.96
N LEU E 50 37.03 12.34 11.20
CA LEU E 50 37.26 13.12 12.42
C LEU E 50 37.03 12.28 13.66
N LEU E 51 36.00 11.42 13.64
CA LEU E 51 35.75 10.57 14.80
C LEU E 51 36.79 9.47 14.92
N LYS E 52 37.25 8.93 13.78
CA LYS E 52 38.25 7.87 13.80
C LYS E 52 39.64 8.38 14.17
N THR E 53 40.00 9.57 13.71
CA THR E 53 41.39 10.02 13.78
C THR E 53 41.80 10.47 15.18
N LEU E 54 40.90 11.02 15.97
CA LEU E 54 41.31 11.83 17.11
C LEU E 54 41.79 11.11 18.39
N GLU E 55 41.15 10.04 18.87
CA GLU E 55 39.96 9.42 18.34
C GLU E 55 38.84 9.51 19.36
N LEU E 56 37.73 10.13 18.95
CA LEU E 56 36.59 10.32 19.83
C LEU E 56 35.72 9.06 19.87
N PRO E 57 35.20 8.67 21.03
CA PRO E 57 34.25 7.57 21.06
C PRO E 57 32.98 8.00 20.38
N HIS E 58 32.42 7.10 19.59
CA HIS E 58 31.23 7.45 18.82
C HIS E 58 30.52 6.18 18.40
N VAL E 59 29.35 6.37 17.82
CA VAL E 59 28.61 5.31 17.16
C VAL E 59 28.06 5.91 15.88
N PHE E 60 27.82 5.05 14.90
CA PHE E 60 27.34 5.47 13.60
C PHE E 60 26.25 4.50 13.21
N VAL E 61 25.06 5.02 12.87
CA VAL E 61 23.91 4.15 12.59
C VAL E 61 23.13 4.70 11.40
N ASN E 62 22.64 3.78 10.57
CA ASN E 62 21.88 4.11 9.38
C ASN E 62 20.40 3.98 9.71
N CYS E 63 19.66 5.07 9.52
CA CYS E 63 18.25 5.10 9.90
C CYS E 63 17.36 4.32 8.94
N VAL E 64 17.79 4.12 7.70
CA VAL E 64 16.99 3.31 6.80
C VAL E 64 17.23 1.83 7.09
N GLU E 65 18.39 1.47 7.63
CA GLU E 65 18.61 0.10 8.03
C GLU E 65 17.72 -0.27 9.21
N CYS E 66 17.74 0.54 10.26
CA CYS E 66 16.86 0.35 11.40
C CYS E 66 15.62 1.18 11.18
N PHE E 67 14.51 0.53 10.84
CA PHE E 67 13.25 1.26 10.71
C PHE E 67 12.52 1.42 12.04
N THR E 68 12.60 0.43 12.91
CA THR E 68 11.83 0.43 14.14
C THR E 68 12.62 1.08 15.26
N LEU E 69 11.98 1.22 16.42
CA LEU E 69 12.70 1.69 17.61
C LEU E 69 13.61 0.60 18.15
N ARG E 70 13.07 -0.61 18.31
CA ARG E 70 13.87 -1.69 18.87
C ARG E 70 15.22 -1.77 18.17
N LEU E 71 15.20 -1.78 16.84
CA LEU E 71 16.44 -1.97 16.08
C LEU E 71 17.35 -0.74 16.17
N LEU E 72 16.79 0.46 15.98
CA LEU E 72 17.61 1.66 16.03
C LEU E 72 18.21 1.86 17.41
N LEU E 73 17.38 1.73 18.45
CA LEU E 73 17.86 2.03 19.79
C LEU E 73 18.75 0.91 20.32
N GLU E 74 18.44 -0.34 20.01
CA GLU E 74 19.33 -1.43 20.43
C GLU E 74 20.70 -1.32 19.76
N GLN E 75 20.76 -0.85 18.51
CA GLN E 75 22.06 -0.67 17.86
C GLN E 75 22.89 0.36 18.63
N ILE E 76 22.32 1.53 18.90
CA ILE E 76 23.05 2.59 19.58
C ILE E 76 23.51 2.12 20.95
N LEU E 77 22.65 1.43 21.70
CA LEU E 77 23.06 0.95 23.01
C LEU E 77 24.16 -0.12 22.88
N ASN E 78 23.94 -1.12 22.03
CA ASN E 78 24.92 -2.19 21.90
C ASN E 78 26.28 -1.65 21.46
N LYS E 79 26.29 -0.71 20.52
CA LYS E 79 27.55 -0.25 19.95
C LYS E 79 28.39 0.57 20.92
N LEU E 80 27.87 0.84 22.12
CA LEU E 80 28.64 1.54 23.14
C LEU E 80 29.37 0.50 23.98
N ASN E 81 30.69 0.51 23.91
CA ASN E 81 31.54 -0.39 24.68
C ASN E 81 33.01 -0.04 24.49
N THR E 95 20.61 -5.83 26.70
CA THR E 95 20.30 -4.55 26.06
C THR E 95 19.06 -4.64 25.18
N CYS E 96 17.98 -5.14 25.75
CA CYS E 96 16.69 -5.13 25.06
C CYS E 96 16.04 -3.76 25.26
N GLU E 97 15.75 -3.08 24.16
CA GLU E 97 15.36 -1.67 24.15
C GLU E 97 14.12 -1.48 23.29
N THR E 98 13.02 -1.03 23.93
CA THR E 98 11.75 -0.79 23.23
C THR E 98 11.52 0.69 22.94
N PHE E 99 11.36 1.51 23.99
CA PHE E 99 10.94 2.90 23.82
C PHE E 99 12.06 3.84 24.27
N ASN E 100 12.04 5.06 23.71
CA ASN E 100 13.06 6.05 24.02
C ASN E 100 13.15 6.33 25.51
N ASP E 101 12.13 5.94 26.27
CA ASP E 101 12.20 6.07 27.73
C ASP E 101 13.42 5.34 28.27
N PHE E 102 13.66 4.12 27.82
CA PHE E 102 14.74 3.31 28.37
C PHE E 102 16.10 3.61 27.74
N VAL E 103 16.15 4.32 26.61
CA VAL E 103 17.45 4.69 26.05
C VAL E 103 18.17 5.64 27.01
N ARG E 104 17.52 6.74 27.38
CA ARG E 104 18.13 7.64 28.37
C ARG E 104 18.45 6.89 29.66
N LEU E 105 17.60 5.93 30.02
CA LEU E 105 17.87 5.11 31.20
C LEU E 105 19.14 4.31 31.00
N PHE E 106 19.21 3.52 29.92
CA PHE E 106 20.34 2.63 29.73
C PHE E 106 21.50 3.29 29.00
N LYS E 107 21.31 4.48 28.44
CA LYS E 107 22.46 5.26 28.00
C LYS E 107 23.11 5.96 29.18
N GLN E 108 22.29 6.54 30.05
CA GLN E 108 22.79 7.13 31.29
C GLN E 108 23.47 6.07 32.15
N VAL E 109 22.90 4.86 32.20
CA VAL E 109 23.53 3.75 32.91
C VAL E 109 24.80 3.28 32.23
N THR E 110 25.05 3.71 30.99
CA THR E 110 26.31 3.36 30.33
C THR E 110 27.27 4.49 30.65
N THR E 111 28.17 4.23 31.59
CA THR E 111 29.24 5.14 31.94
C THR E 111 30.37 4.31 32.53
N ALA E 112 31.60 4.70 32.24
CA ALA E 112 32.76 4.03 32.79
C ALA E 112 33.95 4.97 32.64
N GLU E 113 35.10 4.55 33.15
CA GLU E 113 36.30 5.35 32.99
C GLU E 113 36.57 5.67 31.54
N ASN E 114 35.98 4.92 30.61
CA ASN E 114 36.06 5.23 29.19
C ASN E 114 35.16 6.40 28.83
N LEU E 115 33.87 6.32 29.19
CA LEU E 115 32.90 7.36 28.84
C LEU E 115 32.60 8.33 29.97
N LYS E 116 33.17 8.14 31.17
CA LYS E 116 32.75 8.90 32.34
C LYS E 116 32.67 10.40 32.04
N ASP E 117 33.81 11.05 31.88
CA ASP E 117 33.87 12.46 31.53
C ASP E 117 34.46 12.57 30.13
N GLN E 118 33.59 12.86 29.16
CA GLN E 118 33.99 13.03 27.77
C GLN E 118 32.72 13.25 26.97
N THR E 119 32.87 13.82 25.78
CA THR E 119 31.73 14.01 24.88
C THR E 119 31.56 12.76 24.02
N VAL E 120 30.35 12.25 23.99
CA VAL E 120 30.01 11.06 23.22
C VAL E 120 29.21 11.50 22.01
N TYR E 121 29.48 10.86 20.88
CA TYR E 121 28.92 11.27 19.60
C TYR E 121 28.05 10.13 19.04
N ILE E 122 26.87 10.50 18.56
CA ILE E 122 25.95 9.56 17.94
C ILE E 122 25.61 10.17 16.59
N VAL E 123 26.02 9.51 15.52
CA VAL E 123 25.80 10.00 14.18
C VAL E 123 24.65 9.20 13.58
N LEU E 124 23.53 9.86 13.34
CA LEU E 124 22.37 9.23 12.72
C LEU E 124 22.38 9.64 11.24
N ASP E 125 22.68 8.67 10.38
CA ASP E 125 22.74 8.91 8.95
C ASP E 125 21.35 8.72 8.35
N LYS E 126 21.04 9.56 7.36
CA LYS E 126 19.71 9.54 6.71
C LYS E 126 18.62 9.75 7.75
N ALA E 127 18.83 10.75 8.62
CA ALA E 127 17.83 11.10 9.62
C ALA E 127 16.50 11.45 9.00
N GLU E 128 16.49 11.79 7.70
CA GLU E 128 15.25 12.08 7.00
C GLU E 128 14.22 10.99 7.19
N TYR E 129 14.65 9.78 7.51
CA TYR E 129 13.75 8.66 7.75
C TYR E 129 13.26 8.60 9.19
N LEU E 130 13.89 9.35 10.09
CA LEU E 130 13.35 9.46 11.45
C LEU E 130 11.96 10.10 11.44
N ARG E 131 11.71 11.04 10.51
CA ARG E 131 10.43 11.72 10.45
C ARG E 131 9.26 10.75 10.35
N ASP E 132 9.48 9.58 9.78
CA ASP E 132 8.40 8.65 9.50
C ASP E 132 8.23 7.59 10.58
N MET E 133 9.04 7.61 11.63
CA MET E 133 9.10 6.49 12.56
C MET E 133 8.22 6.69 13.79
N GLU E 134 8.66 7.56 14.69
CA GLU E 134 8.02 7.77 15.97
C GLU E 134 8.03 9.26 16.26
N ALA E 135 6.87 9.79 16.67
CA ALA E 135 6.73 11.23 16.82
C ALA E 135 7.73 11.81 17.82
N ASN E 136 7.94 11.13 18.95
CA ASN E 136 8.75 11.66 20.02
C ASN E 136 10.24 11.35 19.86
N LEU E 137 10.61 10.63 18.81
CA LEU E 137 11.98 10.15 18.71
C LEU E 137 12.95 11.23 18.24
N LEU E 138 12.59 11.99 17.20
CA LEU E 138 13.47 13.08 16.78
C LEU E 138 13.60 14.15 17.85
N PRO E 139 12.52 14.60 18.50
CA PRO E 139 12.69 15.54 19.62
C PRO E 139 13.53 14.99 20.75
N GLY E 140 13.30 13.74 21.16
CA GLY E 140 14.10 13.17 22.23
C GLY E 140 15.58 13.20 21.94
N PHE E 141 15.95 13.04 20.67
CA PHE E 141 17.37 13.01 20.32
C PHE E 141 17.97 14.41 20.29
N LEU E 142 17.21 15.40 19.83
CA LEU E 142 17.74 16.76 19.77
C LEU E 142 18.12 17.26 21.16
N ARG E 143 17.32 16.92 22.16
CA ARG E 143 17.54 17.32 23.55
C ARG E 143 18.27 16.25 24.37
N LEU E 144 18.71 15.17 23.74
CA LEU E 144 19.23 14.03 24.51
C LEU E 144 20.30 14.44 25.51
N GLN E 145 21.02 15.53 25.24
CA GLN E 145 22.07 15.95 26.16
C GLN E 145 21.52 16.19 27.56
N GLU E 146 20.55 17.10 27.67
CA GLU E 146 20.00 17.43 28.98
C GLU E 146 19.00 16.39 29.48
N LEU E 147 18.49 15.52 28.60
CA LEU E 147 17.61 14.46 29.06
C LEU E 147 18.38 13.46 29.93
N ALA E 148 19.52 12.98 29.42
CA ALA E 148 20.43 12.17 30.24
C ALA E 148 21.54 12.98 30.91
N ASP E 149 21.76 14.24 30.51
CA ASP E 149 22.81 15.09 31.10
C ASP E 149 24.16 14.39 31.08
N ARG E 150 24.39 13.54 30.09
CA ARG E 150 25.59 12.73 30.00
C ARG E 150 26.68 13.30 29.10
N ASN E 151 26.52 14.53 28.62
CA ASN E 151 27.49 15.13 27.69
C ASN E 151 27.53 14.34 26.38
N VAL E 152 26.42 14.44 25.66
CA VAL E 152 26.22 13.75 24.40
C VAL E 152 26.12 14.78 23.28
N THR E 153 26.45 14.36 22.08
CA THR E 153 26.19 15.16 20.88
C THR E 153 25.59 14.25 19.84
N VAL E 154 24.35 14.50 19.48
CA VAL E 154 23.68 13.75 18.42
C VAL E 154 23.94 14.48 17.11
N LEU E 155 24.46 13.75 16.14
CA LEU E 155 24.81 14.33 14.85
C LEU E 155 23.84 13.78 13.80
N PHE E 156 22.95 14.64 13.33
CA PHE E 156 22.06 14.28 12.23
C PHE E 156 22.68 14.76 10.92
N LEU E 157 22.62 13.90 9.90
CA LEU E 157 22.97 14.31 8.55
C LEU E 157 21.98 13.67 7.60
N SER E 158 21.44 14.49 6.68
CA SER E 158 20.45 14.03 5.72
C SER E 158 20.48 14.98 4.53
N GLU E 159 19.88 14.53 3.43
CA GLU E 159 19.79 15.34 2.22
C GLU E 159 18.57 16.25 2.22
N ILE E 160 17.80 16.26 3.30
CA ILE E 160 16.56 17.03 3.38
C ILE E 160 16.80 18.25 4.24
N VAL E 161 16.27 19.39 3.80
CA VAL E 161 16.45 20.63 4.54
C VAL E 161 15.80 20.52 5.91
N TRP E 162 16.41 21.20 6.89
CA TRP E 162 15.91 21.15 8.26
C TRP E 162 14.48 21.70 8.37
N GLU E 163 14.10 22.60 7.47
CA GLU E 163 12.77 23.21 7.55
C GLU E 163 11.66 22.17 7.51
N LYS E 164 11.92 20.98 6.99
CA LYS E 164 10.86 19.98 6.86
C LYS E 164 10.77 19.04 8.05
N PHE E 165 11.70 19.13 9.00
CA PHE E 165 11.71 18.23 10.15
C PHE E 165 10.89 18.75 11.31
N ARG E 166 10.53 20.03 11.32
CA ARG E 166 10.01 20.64 12.54
C ARG E 166 8.65 20.06 12.89
N PRO E 167 8.42 19.64 14.15
CA PRO E 167 7.09 19.17 14.55
C PRO E 167 6.18 20.27 15.06
N ASN E 168 4.95 19.89 15.41
CA ASN E 168 3.95 20.87 15.83
C ASN E 168 4.35 21.55 17.13
N THR E 169 4.61 20.74 18.17
CA THR E 169 4.97 21.29 19.48
C THR E 169 6.37 21.88 19.50
N GLY E 170 7.17 21.65 18.48
CA GLY E 170 8.51 22.20 18.41
C GLY E 170 9.58 21.24 18.87
N CYS E 171 10.78 21.79 19.05
CA CYS E 171 11.94 21.01 19.44
C CYS E 171 13.07 21.95 19.82
N PHE E 172 14.20 21.35 20.21
CA PHE E 172 15.44 22.10 20.42
C PHE E 172 16.11 22.25 19.06
N GLU E 173 16.23 23.47 18.59
CA GLU E 173 16.72 23.70 17.23
C GLU E 173 18.20 23.40 17.19
N PRO E 174 18.66 22.48 16.34
CA PRO E 174 20.10 22.17 16.29
C PRO E 174 20.83 23.23 15.50
N PHE E 175 22.15 23.06 15.43
CA PHE E 175 22.96 23.89 14.56
C PHE E 175 22.92 23.30 13.16
N VAL E 176 22.48 24.09 12.19
CA VAL E 176 22.35 23.63 10.82
C VAL E 176 23.64 23.98 10.08
N LEU E 177 24.40 22.94 9.73
CA LEU E 177 25.66 23.08 9.03
C LEU E 177 25.47 22.64 7.58
N TYR E 178 25.94 23.46 6.65
CA TYR E 178 25.76 23.22 5.23
C TYR E 178 27.04 22.65 4.64
N PHE E 179 26.96 21.44 4.07
CA PHE E 179 28.06 20.88 3.32
C PHE E 179 27.83 21.15 1.85
N PRO E 180 28.53 22.10 1.22
CA PRO E 180 28.19 22.48 -0.15
C PRO E 180 28.57 21.42 -1.16
N ASP E 181 27.83 21.44 -2.27
CA ASP E 181 28.15 20.56 -3.39
C ASP E 181 29.56 20.83 -3.89
N TYR E 182 30.21 19.78 -4.38
CA TYR E 182 31.52 19.94 -4.98
C TYR E 182 31.41 20.62 -6.33
N SER E 183 32.29 21.58 -6.57
CA SER E 183 32.37 22.26 -7.85
C SER E 183 33.05 21.35 -8.86
N ILE E 184 33.16 21.82 -10.11
CA ILE E 184 33.88 21.04 -11.10
C ILE E 184 35.36 21.01 -10.76
N GLY E 185 35.88 22.08 -10.17
CA GLY E 185 37.27 22.09 -9.75
C GLY E 185 37.51 21.23 -8.52
N ASN E 186 36.61 21.32 -7.53
CA ASN E 186 36.73 20.47 -6.35
C ASN E 186 36.68 18.99 -6.73
N LEU E 187 35.84 18.64 -7.72
CA LEU E 187 35.75 17.26 -8.16
C LEU E 187 37.07 16.78 -8.74
N GLN E 188 37.62 17.52 -9.70
CA GLN E 188 38.86 17.10 -10.35
C GLN E 188 39.98 16.92 -9.32
N LYS E 189 40.15 17.89 -8.42
CA LYS E 189 41.23 17.82 -7.44
C LYS E 189 41.06 16.62 -6.51
N ILE E 190 39.82 16.31 -6.13
CA ILE E 190 39.54 15.12 -5.33
C ILE E 190 39.60 13.88 -6.20
N LEU E 191 38.97 13.97 -7.37
CA LEU E 191 38.75 12.80 -8.21
C LEU E 191 40.03 12.36 -8.91
N SER E 192 40.84 13.31 -9.35
CA SER E 192 41.97 13.00 -10.23
C SER E 192 43.22 12.62 -9.44
N HIS E 193 43.87 13.59 -8.80
CA HIS E 193 45.25 13.44 -8.40
C HIS E 193 45.48 12.40 -7.31
N ASP E 194 44.43 11.81 -6.74
CA ASP E 194 44.61 10.90 -5.62
C ASP E 194 44.72 9.43 -6.02
N HIS E 195 44.56 9.09 -7.30
CA HIS E 195 44.93 7.77 -7.82
C HIS E 195 45.47 7.88 -9.24
N PRO E 196 46.69 8.39 -9.39
CA PRO E 196 47.40 8.28 -10.68
C PRO E 196 48.27 7.04 -10.70
N PRO E 197 47.71 5.86 -10.97
CA PRO E 197 48.42 4.61 -10.65
C PRO E 197 49.69 4.33 -11.46
N GLU E 198 49.60 4.31 -12.79
CA GLU E 198 50.72 3.89 -13.63
C GLU E 198 51.43 5.04 -14.32
N TYR E 199 50.94 6.27 -14.22
CA TYR E 199 51.48 7.38 -15.00
C TYR E 199 51.74 8.57 -14.09
N SER E 200 52.26 9.63 -14.68
CA SER E 200 52.36 10.92 -13.99
C SER E 200 50.96 11.38 -13.62
N ALA E 201 50.86 12.06 -12.47
CA ALA E 201 49.57 12.57 -12.05
C ALA E 201 49.07 13.67 -12.96
N ASP E 202 49.97 14.30 -13.73
CA ASP E 202 49.53 15.30 -14.70
C ASP E 202 48.81 14.66 -15.88
N PHE E 203 49.23 13.46 -16.27
CA PHE E 203 48.52 12.74 -17.34
C PHE E 203 47.12 12.34 -16.87
N TYR E 204 47.00 11.78 -15.67
CA TYR E 204 45.68 11.43 -15.14
C TYR E 204 44.84 12.68 -14.91
N ALA E 205 45.48 13.82 -14.65
CA ALA E 205 44.74 15.06 -14.50
C ALA E 205 44.05 15.44 -15.79
N ALA E 206 44.83 15.57 -16.87
CA ALA E 206 44.24 15.87 -18.17
C ALA E 206 43.17 14.87 -18.56
N TYR E 207 43.31 13.62 -18.11
CA TYR E 207 42.25 12.63 -18.33
C TYR E 207 40.96 13.05 -17.64
N ILE E 208 41.03 13.31 -16.33
CA ILE E 208 39.83 13.68 -15.58
C ILE E 208 39.25 14.99 -16.11
N ASN E 209 40.10 16.00 -16.32
CA ASN E 209 39.63 17.25 -16.89
C ASN E 209 38.78 17.02 -18.13
N ILE E 210 39.09 15.99 -18.92
CA ILE E 210 38.28 15.64 -20.07
C ILE E 210 37.04 14.88 -19.63
N LEU E 211 37.19 13.98 -18.65
CA LEU E 211 36.05 13.22 -18.15
C LEU E 211 34.94 14.15 -17.67
N LEU E 212 35.29 15.09 -16.79
CA LEU E 212 34.30 16.05 -16.31
C LEU E 212 33.79 16.93 -17.45
N GLY E 213 34.66 17.32 -18.38
CA GLY E 213 34.26 18.16 -19.49
C GLY E 213 33.09 17.61 -20.28
N VAL E 214 32.83 16.31 -20.13
CA VAL E 214 31.68 15.67 -20.76
C VAL E 214 30.58 15.46 -19.74
N PHE E 215 30.85 14.64 -18.73
CA PHE E 215 29.79 14.12 -17.85
C PHE E 215 29.33 15.12 -16.80
N TYR E 216 30.02 16.24 -16.60
CA TYR E 216 29.71 17.11 -15.46
C TYR E 216 28.29 17.65 -15.56
N THR E 217 27.91 18.22 -16.70
CA THR E 217 26.62 18.87 -16.84
C THR E 217 25.45 17.93 -16.60
N VAL E 218 25.69 16.62 -16.56
CA VAL E 218 24.64 15.63 -16.32
C VAL E 218 24.80 15.00 -14.93
N CYS E 219 25.91 14.32 -14.70
CA CYS E 219 26.17 13.62 -13.45
C CYS E 219 27.20 14.41 -12.63
N ARG E 220 26.75 14.99 -11.51
CA ARG E 220 27.62 15.66 -10.57
C ARG E 220 28.04 14.79 -9.40
N ASP E 221 27.55 13.56 -9.32
CA ASP E 221 27.88 12.69 -8.20
C ASP E 221 29.33 12.28 -8.27
N LEU E 222 30.08 12.55 -7.20
CA LEU E 222 31.48 12.15 -7.15
C LEU E 222 31.62 10.63 -7.21
N LYS E 223 30.67 9.92 -6.61
CA LYS E 223 30.72 8.46 -6.59
C LYS E 223 30.68 7.90 -8.00
N GLU E 224 29.76 8.38 -8.82
CA GLU E 224 29.61 7.85 -10.17
C GLU E 224 30.75 8.32 -11.08
N LEU E 225 31.21 9.56 -10.90
CA LEU E 225 32.33 10.03 -11.70
C LEU E 225 33.58 9.19 -11.47
N ARG E 226 33.78 8.73 -10.23
CA ARG E 226 34.91 7.84 -9.97
C ARG E 226 34.79 6.54 -10.74
N HIS E 227 33.57 6.01 -10.83
CA HIS E 227 33.36 4.82 -11.65
C HIS E 227 33.80 5.06 -13.09
N LEU E 228 33.14 5.99 -13.78
CA LEU E 228 33.51 6.30 -15.15
C LEU E 228 34.99 6.66 -15.28
N ALA E 229 35.56 7.33 -14.27
CA ALA E 229 36.99 7.63 -14.30
C ALA E 229 37.81 6.35 -14.35
N VAL E 230 37.37 5.32 -13.64
CA VAL E 230 38.06 4.03 -13.68
C VAL E 230 37.70 3.26 -14.94
N LEU E 231 36.43 3.33 -15.35
CA LEU E 231 35.95 2.53 -16.47
C LEU E 231 36.68 2.89 -17.76
N ASN E 232 36.66 4.16 -18.14
CA ASN E 232 37.14 4.59 -19.44
C ASN E 232 38.62 4.97 -19.45
N PHE E 233 39.33 4.79 -18.34
CA PHE E 233 40.75 5.12 -18.31
C PHE E 233 41.57 4.27 -19.26
N PRO E 234 41.39 2.95 -19.32
CA PRO E 234 42.20 2.15 -20.26
C PRO E 234 42.08 2.61 -21.71
N LYS E 235 40.86 2.84 -22.20
CA LYS E 235 40.71 3.25 -23.59
C LYS E 235 41.32 4.62 -23.86
N TYR E 236 41.37 5.49 -22.84
CA TYR E 236 41.94 6.82 -23.03
C TYR E 236 43.43 6.74 -23.33
N CYS E 237 44.16 5.93 -22.59
CA CYS E 237 45.60 5.82 -22.73
C CYS E 237 46.01 4.71 -23.69
N GLU E 238 45.06 4.04 -24.35
CA GLU E 238 45.43 3.00 -25.30
C GLU E 238 46.30 3.52 -26.44
N PRO E 239 46.05 4.70 -27.01
CA PRO E 239 46.99 5.21 -28.03
C PRO E 239 48.40 5.45 -27.51
N VAL E 240 48.61 5.51 -26.20
CA VAL E 240 49.97 5.70 -25.68
C VAL E 240 50.79 4.43 -25.87
N VAL E 241 50.28 3.29 -25.38
CA VAL E 241 51.01 2.04 -25.51
C VAL E 241 51.15 1.62 -26.96
N LYS E 242 50.26 2.09 -27.83
CA LYS E 242 50.30 1.76 -29.24
C LYS E 242 51.02 2.81 -30.09
N GLY E 243 51.62 3.83 -29.45
CA GLY E 243 52.50 4.74 -30.16
C GLY E 243 51.81 5.71 -31.10
N GLU E 244 50.78 6.38 -30.61
CA GLU E 244 50.02 7.33 -31.43
C GLU E 244 49.79 8.64 -30.67
N ARG E 251 50.18 14.08 -27.26
CA ARG E 251 49.16 14.55 -26.33
C ARG E 251 47.85 14.76 -27.08
N LYS E 252 46.89 15.46 -26.44
CA LYS E 252 45.60 15.76 -27.04
C LYS E 252 44.87 14.48 -27.46
N LEU E 253 44.53 13.68 -26.46
CA LEU E 253 43.69 12.51 -26.65
C LEU E 253 42.23 12.80 -26.39
N TRP E 254 41.88 14.05 -26.07
CA TRP E 254 40.48 14.43 -25.94
C TRP E 254 39.68 13.99 -27.15
N ARG E 255 40.26 14.11 -28.34
CA ARG E 255 39.59 13.64 -29.55
C ARG E 255 39.31 12.16 -29.49
N ASN E 256 40.19 11.38 -28.88
CA ASN E 256 40.05 9.92 -28.90
C ASN E 256 38.78 9.49 -28.20
N ILE E 257 38.66 9.81 -26.90
CA ILE E 257 37.61 9.22 -26.08
C ILE E 257 36.31 10.02 -26.02
N GLU E 258 36.31 11.27 -26.48
CA GLU E 258 35.11 12.09 -26.29
C GLU E 258 33.87 11.44 -26.88
N PRO E 259 33.85 10.96 -28.12
CA PRO E 259 32.65 10.26 -28.60
C PRO E 259 32.34 9.00 -27.80
N HIS E 260 33.37 8.32 -27.29
CA HIS E 260 33.12 7.16 -26.44
C HIS E 260 32.51 7.61 -25.12
N LEU E 261 33.05 8.69 -24.53
CA LEU E 261 32.47 9.23 -23.32
C LEU E 261 31.02 9.64 -23.54
N LYS E 262 30.74 10.31 -24.66
CA LYS E 262 29.38 10.74 -24.94
C LYS E 262 28.47 9.56 -25.26
N LYS E 263 29.04 8.42 -25.65
CA LYS E 263 28.25 7.20 -25.78
C LYS E 263 27.71 6.76 -24.42
N ALA E 264 28.52 6.88 -23.37
CA ALA E 264 28.09 6.49 -22.04
C ALA E 264 27.23 7.54 -21.36
N MET E 265 27.41 8.82 -21.73
CA MET E 265 26.71 9.90 -21.05
C MET E 265 25.20 9.73 -21.15
N GLN E 266 24.69 9.72 -22.38
CA GLN E 266 23.24 9.68 -22.60
C GLN E 266 22.63 8.32 -22.31
N THR E 267 23.45 7.31 -22.01
CA THR E 267 22.96 5.97 -21.67
C THR E 267 23.00 5.71 -20.16
N VAL E 268 24.20 5.71 -19.58
CA VAL E 268 24.36 5.48 -18.14
C VAL E 268 23.55 6.50 -17.36
N HIS E 299 11.92 -7.01 -27.49
CA HIS E 299 11.96 -8.28 -28.19
C HIS E 299 10.90 -9.24 -27.63
N VAL E 300 9.86 -8.68 -27.04
CA VAL E 300 8.78 -9.49 -26.48
C VAL E 300 7.98 -10.19 -27.57
N GLU E 301 8.03 -11.52 -27.57
CA GLU E 301 7.32 -12.33 -28.55
C GLU E 301 5.89 -12.57 -28.12
N LEU E 302 4.95 -12.08 -28.91
CA LEU E 302 3.53 -12.21 -28.61
C LEU E 302 2.80 -12.93 -29.74
N PRO E 303 1.64 -13.53 -29.42
CA PRO E 303 0.79 -14.15 -30.45
C PRO E 303 0.18 -13.14 -31.41
N TYR E 304 -0.43 -13.63 -32.49
CA TYR E 304 -1.01 -12.77 -33.51
C TYR E 304 -2.20 -11.98 -32.95
N TYR E 305 -3.30 -12.68 -32.65
CA TYR E 305 -4.50 -12.04 -32.13
C TYR E 305 -4.21 -11.28 -30.85
N SER E 306 -3.22 -11.74 -30.09
CA SER E 306 -2.79 -11.01 -28.90
C SER E 306 -2.18 -9.67 -29.31
N LYS E 307 -1.26 -9.71 -30.26
CA LYS E 307 -0.66 -8.48 -30.78
C LYS E 307 -1.73 -7.55 -31.31
N PHE E 308 -2.71 -8.11 -32.00
CA PHE E 308 -3.80 -7.29 -32.54
C PHE E 308 -4.67 -6.70 -31.42
N ILE E 309 -4.93 -7.48 -30.38
CA ILE E 309 -5.64 -6.96 -29.22
C ILE E 309 -4.86 -5.79 -28.61
N LEU E 310 -3.55 -5.99 -28.44
CA LEU E 310 -2.72 -4.98 -27.83
C LEU E 310 -2.67 -3.70 -28.66
N ILE E 311 -2.37 -3.83 -29.95
CA ILE E 311 -2.28 -2.65 -30.81
C ILE E 311 -3.65 -2.00 -30.96
N ALA E 312 -4.71 -2.80 -30.95
CA ALA E 312 -6.06 -2.24 -30.95
C ALA E 312 -6.27 -1.43 -29.68
N ALA E 313 -5.82 -1.97 -28.55
CA ALA E 313 -5.93 -1.27 -27.29
C ALA E 313 -5.17 0.04 -27.33
N TYR E 314 -3.95 0.02 -27.87
CA TYR E 314 -3.18 1.25 -28.00
C TYR E 314 -3.87 2.25 -28.93
N LEU E 315 -4.44 1.75 -30.02
CA LEU E 315 -5.20 2.61 -30.92
C LEU E 315 -6.44 3.14 -30.23
N ALA E 316 -6.95 2.37 -29.27
CA ALA E 316 -8.05 2.85 -28.43
C ALA E 316 -7.55 3.86 -27.40
N SER E 317 -6.30 3.71 -26.96
CA SER E 317 -5.69 4.65 -26.02
C SER E 317 -5.47 6.01 -26.65
N TYR E 318 -4.73 6.03 -27.76
CA TYR E 318 -4.39 7.29 -28.42
C TYR E 318 -5.63 8.02 -28.94
N ASN E 319 -6.27 7.45 -29.97
CA ASN E 319 -7.51 8.00 -30.50
C ASN E 319 -8.67 7.67 -29.58
N PRO E 320 -9.46 8.68 -29.25
CA PRO E 320 -10.49 8.53 -28.22
C PRO E 320 -11.87 8.99 -28.66
N ALA E 321 -12.89 8.49 -27.96
CA ALA E 321 -14.26 8.96 -28.09
C ALA E 321 -14.84 8.76 -29.49
N ARG E 322 -15.36 9.84 -30.08
CA ARG E 322 -16.21 9.73 -31.27
C ARG E 322 -15.40 9.68 -32.57
N THR E 323 -14.10 9.42 -32.47
CA THR E 323 -13.26 9.26 -33.65
C THR E 323 -13.34 7.85 -34.22
N ASP E 324 -13.98 6.96 -33.45
CA ASP E 324 -14.15 5.58 -33.88
C ASP E 324 -15.05 5.50 -35.11
N LYS E 325 -15.96 6.45 -35.23
CA LYS E 325 -16.86 6.51 -36.38
C LYS E 325 -16.07 6.68 -37.67
N ARG E 326 -15.17 7.66 -37.68
CA ARG E 326 -14.38 7.97 -38.86
C ARG E 326 -13.28 6.92 -39.06
N PHE E 327 -12.59 6.58 -37.97
CA PHE E 327 -11.49 5.63 -38.05
C PHE E 327 -11.95 4.21 -38.36
N PHE E 328 -13.11 3.84 -37.81
CA PHE E 328 -13.64 2.49 -37.94
C PHE E 328 -15.10 2.52 -38.39
N ASN E 349 -2.08 16.32 -25.51
CA ASN E 349 -3.03 15.28 -25.10
C ASN E 349 -2.33 13.94 -24.92
N HIS E 350 -1.27 13.73 -25.69
CA HIS E 350 -0.49 12.49 -25.61
C HIS E 350 0.32 12.45 -24.33
N LEU E 351 0.75 13.61 -23.87
CA LEU E 351 1.56 13.71 -22.64
C LEU E 351 0.70 13.49 -21.40
N LEU E 352 -0.60 13.67 -21.54
CA LEU E 352 -1.52 13.51 -20.41
C LEU E 352 -1.55 12.06 -19.94
N GLY E 353 -1.75 11.14 -20.87
CA GLY E 353 -1.77 9.72 -20.55
C GLY E 353 -2.64 8.91 -21.50
N PRO E 354 -2.84 7.62 -21.17
CA PRO E 354 -3.70 6.73 -21.96
C PRO E 354 -5.15 6.71 -21.48
N LYS E 355 -6.09 6.58 -22.41
CA LYS E 355 -7.51 6.68 -22.09
C LYS E 355 -8.07 5.34 -21.61
N PRO E 356 -9.35 5.34 -21.24
CA PRO E 356 -10.01 4.14 -20.73
C PRO E 356 -10.79 3.39 -21.82
N PHE E 357 -10.90 2.08 -21.66
CA PHE E 357 -11.57 1.23 -22.65
C PHE E 357 -12.71 0.45 -22.02
N PRO E 358 -13.87 0.50 -22.66
CA PRO E 358 -14.92 -0.48 -22.38
C PRO E 358 -14.58 -1.71 -23.22
N LEU E 359 -14.62 -2.88 -22.61
CA LEU E 359 -14.20 -4.11 -23.27
C LEU E 359 -14.90 -4.26 -24.62
N ASP E 360 -16.17 -3.85 -24.67
CA ASP E 360 -16.93 -3.88 -25.90
C ASP E 360 -16.24 -3.02 -26.96
N ARG E 361 -15.81 -1.82 -26.56
CA ARG E 361 -15.14 -0.91 -27.49
C ARG E 361 -13.85 -1.52 -28.00
N LEU E 362 -13.14 -2.21 -27.12
CA LEU E 362 -11.89 -2.84 -27.52
C LEU E 362 -12.14 -3.98 -28.50
N LEU E 363 -13.14 -4.82 -28.20
CA LEU E 363 -13.50 -5.89 -29.12
C LEU E 363 -13.99 -5.35 -30.45
N ALA E 364 -14.70 -4.23 -30.40
CA ALA E 364 -15.19 -3.58 -31.61
C ALA E 364 -14.02 -3.11 -32.46
N ILE E 365 -13.14 -2.33 -31.85
CA ILE E 365 -11.95 -1.84 -32.54
C ILE E 365 -11.12 -3.00 -33.06
N LEU E 366 -11.04 -4.06 -32.26
CA LEU E 366 -10.31 -5.26 -32.63
C LEU E 366 -10.87 -5.89 -33.89
N TYR E 367 -12.16 -6.23 -33.87
CA TYR E 367 -12.80 -6.82 -35.05
C TYR E 367 -12.82 -5.84 -36.21
N SER E 368 -12.82 -4.55 -35.90
CA SER E 368 -12.76 -3.52 -36.94
C SER E 368 -11.40 -3.54 -37.63
N ILE E 369 -10.34 -3.63 -36.84
CA ILE E 369 -8.99 -3.55 -37.38
C ILE E 369 -8.48 -4.91 -37.87
N VAL E 370 -9.05 -5.99 -37.34
CA VAL E 370 -8.55 -7.34 -37.61
C VAL E 370 -8.57 -7.68 -39.10
N ASP E 371 -9.71 -7.44 -39.75
CA ASP E 371 -9.86 -7.71 -41.19
C ASP E 371 -9.62 -9.18 -41.53
N SER E 372 -9.77 -10.05 -40.53
CA SER E 372 -9.77 -11.49 -40.74
C SER E 372 -11.10 -12.05 -40.25
N ARG E 373 -11.65 -11.38 -39.23
CA ARG E 373 -12.99 -11.66 -38.74
C ARG E 373 -13.16 -13.09 -38.24
N VAL E 374 -12.37 -13.45 -37.25
CA VAL E 374 -12.52 -14.75 -36.58
C VAL E 374 -13.50 -14.62 -35.42
N ALA E 375 -14.38 -15.61 -35.29
CA ALA E 375 -15.36 -15.58 -34.23
C ALA E 375 -14.69 -15.67 -32.89
N PRO E 376 -15.36 -15.14 -31.86
CA PRO E 376 -14.78 -15.16 -30.53
C PRO E 376 -14.75 -16.58 -29.98
N THR E 377 -13.67 -16.88 -29.28
CA THR E 377 -13.52 -18.14 -28.58
C THR E 377 -13.12 -17.80 -27.16
N ALA E 378 -13.34 -18.73 -26.23
CA ALA E 378 -12.96 -18.51 -24.85
C ALA E 378 -11.49 -18.14 -24.74
N ASN E 379 -10.68 -18.72 -25.63
CA ASN E 379 -9.24 -18.51 -25.59
C ASN E 379 -8.87 -17.06 -25.88
N ILE E 380 -9.68 -16.39 -26.67
CA ILE E 380 -9.43 -15.00 -27.02
C ILE E 380 -9.75 -14.05 -25.85
N PHE E 381 -10.90 -14.27 -25.23
CA PHE E 381 -11.24 -13.50 -24.04
C PHE E 381 -10.25 -13.85 -22.94
N SER E 382 -9.79 -15.09 -22.95
CA SER E 382 -8.73 -15.50 -22.05
C SER E 382 -7.45 -14.78 -22.45
N GLN E 383 -7.28 -14.54 -23.75
CA GLN E 383 -6.12 -13.79 -24.22
C GLN E 383 -6.13 -12.37 -23.64
N ILE E 384 -7.28 -11.69 -23.73
CA ILE E 384 -7.34 -10.33 -23.17
C ILE E 384 -7.19 -10.32 -21.64
N THR E 385 -7.77 -11.30 -20.97
CA THR E 385 -7.55 -11.44 -19.52
C THR E 385 -6.07 -11.70 -19.20
N SER E 386 -5.43 -12.53 -20.02
CA SER E 386 -4.01 -12.81 -19.87
C SER E 386 -3.20 -11.56 -20.15
N LEU E 387 -3.68 -10.75 -21.08
CA LEU E 387 -3.03 -9.50 -21.42
C LEU E 387 -3.07 -8.55 -20.23
N VAL E 388 -4.25 -8.41 -19.62
CA VAL E 388 -4.33 -7.53 -18.44
C VAL E 388 -3.55 -8.12 -17.28
N THR E 389 -3.49 -9.44 -17.17
CA THR E 389 -2.71 -10.07 -16.11
C THR E 389 -1.20 -9.81 -16.28
N LEU E 390 -0.71 -9.77 -17.51
CA LEU E 390 0.71 -9.52 -17.77
C LEU E 390 1.09 -8.07 -17.54
N GLN E 391 0.12 -7.26 -17.12
CA GLN E 391 0.34 -5.84 -16.87
C GLN E 391 0.68 -5.08 -18.14
N LEU E 392 0.43 -5.70 -19.29
CA LEU E 392 0.51 -4.98 -20.55
C LEU E 392 -0.72 -4.09 -20.66
N LEU E 393 -1.82 -4.57 -20.09
CA LEU E 393 -3.01 -3.75 -19.90
C LEU E 393 -3.30 -3.65 -18.42
N THR E 394 -3.93 -2.56 -18.00
CA THR E 394 -4.27 -2.36 -16.60
C THR E 394 -5.61 -1.67 -16.51
N LEU E 395 -6.49 -2.20 -15.66
CA LEU E 395 -7.82 -1.62 -15.48
C LEU E 395 -7.93 -0.91 -14.15
N VAL E 396 -8.41 0.34 -14.18
CA VAL E 396 -8.56 1.13 -12.96
C VAL E 396 -9.41 0.39 -11.93
N GLY E 397 -10.56 -0.14 -12.37
CA GLY E 397 -11.45 -0.88 -11.49
C GLY E 397 -11.25 -2.38 -11.60
N HIS E 398 -10.31 -2.90 -10.83
CA HIS E 398 -10.02 -4.33 -10.83
C HIS E 398 -11.27 -5.14 -10.54
N ASP E 399 -12.00 -4.75 -9.51
CA ASP E 399 -13.22 -5.44 -9.12
C ASP E 399 -14.19 -5.56 -10.30
N ASP E 400 -14.43 -4.45 -10.98
CA ASP E 400 -15.32 -4.44 -12.13
C ASP E 400 -14.57 -4.73 -13.42
N GLN E 401 -14.31 -6.01 -13.66
CA GLN E 401 -13.59 -6.43 -14.87
C GLN E 401 -14.51 -7.19 -15.82
N LEU E 402 -15.66 -7.62 -15.31
CA LEU E 402 -16.63 -8.35 -16.11
C LEU E 402 -17.93 -7.57 -16.25
N ASP E 403 -18.04 -6.48 -15.50
CA ASP E 403 -19.24 -5.64 -15.53
C ASP E 403 -19.02 -4.40 -16.39
N GLY E 404 -17.76 -4.13 -16.72
CA GLY E 404 -17.41 -2.98 -17.53
C GLY E 404 -16.09 -2.37 -17.14
N PRO E 405 -15.11 -2.40 -18.06
CA PRO E 405 -13.73 -2.80 -17.75
C PRO E 405 -12.83 -1.60 -17.54
N LYS E 406 -13.13 -0.50 -18.22
CA LYS E 406 -12.34 0.74 -18.12
C LYS E 406 -10.85 0.48 -18.29
N TYR E 407 -10.50 -0.66 -18.88
CA TYR E 407 -9.11 -1.03 -19.08
C TYR E 407 -8.28 0.18 -19.55
N LYS E 408 -6.97 0.08 -19.39
CA LYS E 408 -6.05 1.14 -19.81
C LYS E 408 -4.76 0.53 -20.33
N CYS E 409 -4.37 0.93 -21.54
CA CYS E 409 -3.15 0.42 -22.15
C CYS E 409 -1.91 1.11 -21.59
N THR E 410 -0.86 0.34 -21.34
CA THR E 410 0.35 0.87 -20.72
C THR E 410 1.45 1.13 -21.74
N VAL E 411 1.78 0.12 -22.52
CA VAL E 411 2.89 0.19 -23.45
C VAL E 411 2.62 1.09 -24.64
N SER E 412 3.65 1.31 -25.45
CA SER E 412 3.55 2.08 -26.69
C SER E 412 4.52 3.23 -26.70
N LEU E 413 4.77 3.84 -27.86
CA LEU E 413 4.16 3.45 -29.14
C LEU E 413 5.19 2.69 -29.99
N ASP E 414 6.46 2.80 -29.63
CA ASP E 414 7.53 2.15 -30.36
C ASP E 414 7.28 0.65 -30.47
N PHE E 415 6.84 0.06 -29.37
CA PHE E 415 6.53 -1.37 -29.33
C PHE E 415 5.39 -1.65 -30.29
N ILE E 416 4.43 -0.73 -30.32
CA ILE E 416 3.27 -0.84 -31.20
C ILE E 416 3.73 -0.81 -32.66
N ARG E 417 4.68 0.07 -32.95
CA ARG E 417 5.23 0.19 -34.30
C ARG E 417 5.91 -1.11 -34.70
N ALA E 418 6.64 -1.70 -33.75
CA ALA E 418 7.33 -2.97 -33.99
C ALA E 418 6.31 -4.07 -34.28
N ILE E 419 5.22 -4.06 -33.54
CA ILE E 419 4.16 -5.04 -33.73
C ILE E 419 3.60 -4.84 -35.13
N ALA E 420 3.45 -3.57 -35.52
CA ALA E 420 2.97 -3.22 -36.84
C ALA E 420 3.94 -3.62 -37.92
N ARG E 421 5.23 -3.40 -37.67
CA ARG E 421 6.24 -3.75 -38.66
C ARG E 421 6.32 -5.26 -38.90
N THR E 422 6.32 -6.05 -37.84
CA THR E 422 6.39 -7.50 -37.97
C THR E 422 5.14 -8.08 -38.65
N VAL E 423 3.98 -7.61 -38.18
CA VAL E 423 2.71 -8.04 -38.74
C VAL E 423 2.60 -7.51 -40.16
N ASN E 424 3.06 -6.27 -40.31
CA ASN E 424 3.03 -5.55 -41.57
C ASN E 424 1.91 -4.52 -41.61
N PHE E 425 1.18 -4.42 -40.51
CA PHE E 425 0.12 -3.42 -40.38
C PHE E 425 0.77 -2.09 -40.02
N ASP E 426 0.13 -0.97 -40.33
CA ASP E 426 0.73 0.32 -40.00
C ASP E 426 0.02 1.08 -38.88
N ILE E 427 0.73 1.26 -37.78
CA ILE E 427 0.23 1.98 -36.60
C ILE E 427 -0.02 3.47 -36.83
N ILE E 428 0.89 4.10 -37.59
CA ILE E 428 0.85 5.53 -37.86
C ILE E 428 -0.38 6.05 -38.62
N LYS E 429 -0.87 5.26 -39.58
CA LYS E 429 -2.02 5.68 -40.37
C LYS E 429 -3.29 5.91 -39.56
N TYR E 430 -3.54 5.06 -38.58
CA TYR E 430 -4.74 5.19 -37.75
C TYR E 430 -4.59 6.23 -36.65
N LEU E 431 -3.36 6.62 -36.35
CA LEU E 431 -3.10 7.63 -35.33
C LEU E 431 -3.60 8.99 -35.77
N TYR E 432 -4.57 9.53 -35.05
CA TYR E 432 -5.17 10.81 -35.38
C TYR E 432 -4.19 11.96 -35.17
N ASP E 433 -3.41 11.86 -34.09
CA ASP E 433 -2.43 12.89 -33.75
C ASP E 433 -3.08 14.25 -33.60
PG ATP F . -16.65 16.40 39.18
O1G ATP F . -18.00 17.07 39.06
O2G ATP F . -15.49 17.22 38.68
O3G ATP F . -16.67 14.95 38.75
PB ATP F . -17.72 16.30 41.72
O1B ATP F . -18.18 14.86 41.79
O2B ATP F . -18.71 17.40 41.39
O3B ATP F . -16.43 16.34 40.77
PA ATP F . -17.55 17.85 44.02
O1A ATP F . -18.72 17.32 44.81
O2A ATP F . -17.66 19.13 43.22
O3A ATP F . -17.02 16.67 43.10
O5' ATP F . -16.26 17.90 44.95
C5' ATP F . -16.23 18.51 46.21
C4' ATP F . -15.18 19.61 46.17
O4' ATP F . -15.77 20.83 45.68
C3' ATP F . -14.66 19.92 47.56
O3' ATP F . -13.30 19.47 47.72
C2' ATP F . -14.80 21.40 47.78
O2' ATP F . -13.50 22.00 47.75
C1' ATP F . -15.61 21.92 46.60
N9 ATP F . -17.00 22.32 46.99
C8 ATP F . -18.03 22.29 46.11
N7 ATP F . -19.19 22.72 46.69
C5 ATP F . -18.89 23.03 47.97
C6 ATP F . -19.66 23.52 49.13
N6 ATP F . -20.98 23.77 49.00
N1 ATP F . -19.00 23.73 50.29
C2 ATP F . -17.68 23.48 50.42
N3 ATP F . -16.93 23.03 49.39
C4 ATP F . -17.45 22.79 48.15
MG MG G . -17.30 13.17 41.15
PG ATP H . 11.69 23.86 26.40
O1G ATP H . 10.30 23.57 26.93
O2G ATP H . 11.78 24.71 25.15
O3G ATP H . 12.63 22.68 26.37
PB ATP H . 12.89 26.23 27.16
O1B ATP H . 11.72 27.09 26.75
O2B ATP H . 14.05 26.03 26.22
O3B ATP H . 12.34 24.77 27.54
PA ATP H . 14.78 26.15 29.17
O1A ATP H . 14.72 24.68 28.86
O2A ATP H . 14.95 26.62 30.60
O3A ATP H . 13.43 26.79 28.57
O5' ATP H . 16.02 26.75 28.33
C5' ATP H . 15.99 28.04 27.73
C4' ATP H . 17.41 28.52 27.45
O4' ATP H . 17.38 29.94 27.26
C3' ATP H . 18.36 28.26 28.61
O3' ATP H . 19.62 27.76 28.12
C2' ATP H . 18.57 29.60 29.30
O2' ATP H . 19.95 29.78 29.63
C1' ATP H . 18.11 30.62 28.28
N9 ATP H . 17.22 31.64 28.92
C8 ATP H . 16.13 32.16 28.33
N7 ATP H . 15.50 33.05 29.13
C5 ATP H . 16.19 33.07 30.29
C6 ATP H . 16.07 33.78 31.57
N6 ATP H . 15.07 34.66 31.79
N1 ATP H . 16.99 33.54 32.53
C2 ATP H . 18.01 32.68 32.33
N3 ATP H . 18.17 32.00 31.19
C4 ATP H . 17.32 32.14 30.15
MG MG I . 12.40 22.73 28.99
PG ATP J . 24.79 10.59 1.82
O1G ATP J . 24.28 9.87 0.59
O2G ATP J . 24.91 12.09 1.67
O3G ATP J . 24.20 10.12 3.13
PB ATP J . 27.42 11.01 2.64
O1B ATP J . 27.29 10.92 4.14
O2B ATP J . 27.57 12.33 1.94
O3B ATP J . 26.31 10.12 1.91
PA ATP J . 29.90 10.75 1.53
O1A ATP J . 29.54 11.51 0.27
O2A ATP J . 30.73 11.39 2.62
O3A ATP J . 28.63 10.07 2.19
O5' ATP J . 30.58 9.36 1.16
C5' ATP J . 31.99 9.37 1.10
C4' ATP J . 32.33 8.82 -0.26
O4' ATP J . 32.27 9.91 -1.17
C3' ATP J . 33.75 8.30 -0.22
O3' ATP J . 33.80 6.89 0.02
C2' ATP J . 34.26 8.72 -1.57
O2' ATP J . 33.89 7.73 -2.52
C1' ATP J . 33.49 10.00 -1.90
N9 ATP J . 34.17 11.26 -1.49
C8 ATP J . 33.52 12.36 -1.05
N7 ATP J . 34.38 13.36 -0.76
C5 ATP J . 35.62 12.92 -1.02
C6 ATP J . 36.99 13.46 -0.92
N6 ATP J . 37.22 14.72 -0.49
N1 ATP J . 38.01 12.67 -1.27
C2 ATP J . 37.83 11.41 -1.71
N3 ATP J . 36.62 10.85 -1.82
C4 ATP J . 35.48 11.53 -1.49
#